data_7UI8
# 
_entry.id   7UI8 
# 
_audit_conform.dict_name       mmcif_pdbx.dic 
_audit_conform.dict_version    5.398 
_audit_conform.dict_location   http://mmcif.pdb.org/dictionaries/ascii/mmcif_pdbx.dic 
# 
loop_
_database_2.database_id 
_database_2.database_code 
_database_2.pdbx_database_accession 
_database_2.pdbx_DOI 
PDB   7UI8         pdb_00007ui8 10.2210/pdb7ui8/pdb 
WWPDB D_1000264238 ?            ?                   
# 
loop_
_pdbx_audit_revision_history.ordinal 
_pdbx_audit_revision_history.data_content_type 
_pdbx_audit_revision_history.major_revision 
_pdbx_audit_revision_history.minor_revision 
_pdbx_audit_revision_history.revision_date 
1 'Structure model' 1 0 2023-04-05 
2 'Structure model' 1 1 2023-10-25 
3 'Structure model' 1 2 2024-11-06 
# 
_pdbx_audit_revision_details.ordinal             1 
_pdbx_audit_revision_details.revision_ordinal    1 
_pdbx_audit_revision_details.data_content_type   'Structure model' 
_pdbx_audit_revision_details.provider            repository 
_pdbx_audit_revision_details.type                'Initial release' 
_pdbx_audit_revision_details.description         ? 
_pdbx_audit_revision_details.details             ? 
# 
loop_
_pdbx_audit_revision_group.ordinal 
_pdbx_audit_revision_group.revision_ordinal 
_pdbx_audit_revision_group.data_content_type 
_pdbx_audit_revision_group.group 
1 2 'Structure model' 'Data collection'        
2 2 'Structure model' 'Refinement description' 
3 3 'Structure model' 'Structure summary'      
# 
loop_
_pdbx_audit_revision_category.ordinal 
_pdbx_audit_revision_category.revision_ordinal 
_pdbx_audit_revision_category.data_content_type 
_pdbx_audit_revision_category.category 
1 2 'Structure model' chem_comp_atom                
2 2 'Structure model' chem_comp_bond                
3 2 'Structure model' pdbx_initial_refinement_model 
4 3 'Structure model' pdbx_entry_details            
5 3 'Structure model' pdbx_modification_feature     
# 
_pdbx_database_status.status_code                     REL 
_pdbx_database_status.status_code_sf                  REL 
_pdbx_database_status.status_code_mr                  ? 
_pdbx_database_status.entry_id                        7UI8 
_pdbx_database_status.recvd_initial_deposition_date   2022-03-28 
_pdbx_database_status.SG_entry                        N 
_pdbx_database_status.deposit_site                    RCSB 
_pdbx_database_status.process_site                    RCSB 
_pdbx_database_status.status_code_cs                  ? 
_pdbx_database_status.status_code_nmr_data            ? 
_pdbx_database_status.methods_development_category    ? 
_pdbx_database_status.pdb_format_compatible           Y 
# 
_pdbx_contact_author.id                 3 
_pdbx_contact_author.email              p.young@auckland.ac.nz 
_pdbx_contact_author.name_first         Paul 
_pdbx_contact_author.name_last          Young 
_pdbx_contact_author.name_mi            G 
_pdbx_contact_author.role               'principal investigator/group leader' 
_pdbx_contact_author.identifier_ORCID   0000-0002-7325-1869 
# 
loop_
_audit_author.name 
_audit_author.pdbx_ordinal 
_audit_author.identifier_ORCID 
'Wardega, J.K.' 1 ? 
'Squire, C.J.'  2 ? 
'Young, P.G.'   3 ? 
# 
_citation.abstract                  ? 
_citation.abstract_id_CAS           ? 
_citation.book_id_ISBN              ? 
_citation.book_publisher            ? 
_citation.book_publisher_city       ? 
_citation.book_title                ? 
_citation.coordinate_linkage        ? 
_citation.country                   ? 
_citation.database_id_Medline       ? 
_citation.details                   ? 
_citation.id                        primary 
_citation.journal_abbrev            'To Be Published' 
_citation.journal_id_ASTM           ? 
_citation.journal_id_CSD            0353 
_citation.journal_id_ISSN           ? 
_citation.journal_full              ? 
_citation.journal_issue             ? 
_citation.journal_volume            ? 
_citation.language                  ? 
_citation.page_first                ? 
_citation.page_last                 ? 
_citation.title                     
'Intramolecular ester bond-containing repeat domain from E. columbae adhesin (split and religated)' 
_citation.year                      ? 
_citation.database_id_CSD           ? 
_citation.pdbx_database_id_DOI      ? 
_citation.pdbx_database_id_PubMed   ? 
_citation.pdbx_database_id_patent   ? 
_citation.unpublished_flag          ? 
# 
loop_
_citation_author.citation_id 
_citation_author.name 
_citation_author.ordinal 
_citation_author.identifier_ORCID 
primary 'Wardega, J.K.' 1 ? 
primary 'Squire, C.J.'  2 ? 
primary 'Young, P.G.'   3 ? 
# 
loop_
_entity.id 
_entity.type 
_entity.src_method 
_entity.pdbx_description 
_entity.formula_weight 
_entity.pdbx_number_of_molecules 
_entity.pdbx_ec 
_entity.pdbx_mutation 
_entity.pdbx_fragment 
_entity.details 
1 polymer man 'Split ester bond-containing adhesin repeat domain'                                         13678.986 1  ? ? 
'C-terminal portion of domain' ?                                                       
2 polymer syn GLY-ASP-THR-LYS-HIS-GLU-VAL-ARG-HIS-GLU-ASN-PRO-GLN-ASP-GLU-ALA-GLN-THR-ILE-VAL-VAL-ASN-LYS 2649.845  1  ? ? ? 
'complementary strand to complete split domain chain A' 
3 water   nat water                                                                                       18.015    10 ? ? ? ? 
# 
loop_
_entity_poly.entity_id 
_entity_poly.type 
_entity_poly.nstd_linkage 
_entity_poly.nstd_monomer 
_entity_poly.pdbx_seq_one_letter_code 
_entity_poly.pdbx_seq_one_letter_code_can 
_entity_poly.pdbx_strand_id 
_entity_poly.pdbx_target_identifier 
1 'polypeptide(L)' no no 
;GAKEYTNPKEGQLATTVSVKNNESTTPVRLLSKDTQGVEVTDTVSYSDLVGGKVYELTGTLMQIKADGSTEAIASASKEV
TAETSGKGTWELTFAPQNLKAGEKYVVYEVAKSKENLVDSNKDDESHG
;
;GAKEYTNPKEGQLATTVSVKNNESTTPVRLLSKDTQGVEVTDTVSYSDLVGGKVYELTGTLMQIKADGSTEAIASASKEV
TAETSGKGTWELTFAPQNLKAGEKYVVYEVAKSKENLVDSNKDDESHG
;
A ? 
2 'polypeptide(L)' no no GDTKHEVRHENPQDEAQTIVVNK GDTKHEVRHENPQDEAQTIVVNK B ? 
# 
_pdbx_entity_nonpoly.entity_id   3 
_pdbx_entity_nonpoly.name        water 
_pdbx_entity_nonpoly.comp_id     HOH 
# 
loop_
_entity_poly_seq.entity_id 
_entity_poly_seq.num 
_entity_poly_seq.mon_id 
_entity_poly_seq.hetero 
1 1   GLY n 
1 2   ALA n 
1 3   LYS n 
1 4   GLU n 
1 5   TYR n 
1 6   THR n 
1 7   ASN n 
1 8   PRO n 
1 9   LYS n 
1 10  GLU n 
1 11  GLY n 
1 12  GLN n 
1 13  LEU n 
1 14  ALA n 
1 15  THR n 
1 16  THR n 
1 17  VAL n 
1 18  SER n 
1 19  VAL n 
1 20  LYS n 
1 21  ASN n 
1 22  ASN n 
1 23  GLU n 
1 24  SER n 
1 25  THR n 
1 26  THR n 
1 27  PRO n 
1 28  VAL n 
1 29  ARG n 
1 30  LEU n 
1 31  LEU n 
1 32  SER n 
1 33  LYS n 
1 34  ASP n 
1 35  THR n 
1 36  GLN n 
1 37  GLY n 
1 38  VAL n 
1 39  GLU n 
1 40  VAL n 
1 41  THR n 
1 42  ASP n 
1 43  THR n 
1 44  VAL n 
1 45  SER n 
1 46  TYR n 
1 47  SER n 
1 48  ASP n 
1 49  LEU n 
1 50  VAL n 
1 51  GLY n 
1 52  GLY n 
1 53  LYS n 
1 54  VAL n 
1 55  TYR n 
1 56  GLU n 
1 57  LEU n 
1 58  THR n 
1 59  GLY n 
1 60  THR n 
1 61  LEU n 
1 62  MET n 
1 63  GLN n 
1 64  ILE n 
1 65  LYS n 
1 66  ALA n 
1 67  ASP n 
1 68  GLY n 
1 69  SER n 
1 70  THR n 
1 71  GLU n 
1 72  ALA n 
1 73  ILE n 
1 74  ALA n 
1 75  SER n 
1 76  ALA n 
1 77  SER n 
1 78  LYS n 
1 79  GLU n 
1 80  VAL n 
1 81  THR n 
1 82  ALA n 
1 83  GLU n 
1 84  THR n 
1 85  SER n 
1 86  GLY n 
1 87  LYS n 
1 88  GLY n 
1 89  THR n 
1 90  TRP n 
1 91  GLU n 
1 92  LEU n 
1 93  THR n 
1 94  PHE n 
1 95  ALA n 
1 96  PRO n 
1 97  GLN n 
1 98  ASN n 
1 99  LEU n 
1 100 LYS n 
1 101 ALA n 
1 102 GLY n 
1 103 GLU n 
1 104 LYS n 
1 105 TYR n 
1 106 VAL n 
1 107 VAL n 
1 108 TYR n 
1 109 GLU n 
1 110 VAL n 
1 111 ALA n 
1 112 LYS n 
1 113 SER n 
1 114 LYS n 
1 115 GLU n 
1 116 ASN n 
1 117 LEU n 
1 118 VAL n 
1 119 ASP n 
1 120 SER n 
1 121 ASN n 
1 122 LYS n 
1 123 ASP n 
1 124 ASP n 
1 125 GLU n 
1 126 SER n 
1 127 HIS n 
1 128 GLY n 
2 1   GLY n 
2 2   ASP n 
2 3   THR n 
2 4   LYS n 
2 5   HIS n 
2 6   GLU n 
2 7   VAL n 
2 8   ARG n 
2 9   HIS n 
2 10  GLU n 
2 11  ASN n 
2 12  PRO n 
2 13  GLN n 
2 14  ASP n 
2 15  GLU n 
2 16  ALA n 
2 17  GLN n 
2 18  THR n 
2 19  ILE n 
2 20  VAL n 
2 21  VAL n 
2 22  ASN n 
2 23  LYS n 
# 
_entity_src_gen.entity_id                          1 
_entity_src_gen.pdbx_src_id                        1 
_entity_src_gen.pdbx_alt_source_flag               sample 
_entity_src_gen.pdbx_seq_type                      'Biological sequence' 
_entity_src_gen.pdbx_beg_seq_num                   1 
_entity_src_gen.pdbx_end_seq_num                   128 
_entity_src_gen.gene_src_common_name               ? 
_entity_src_gen.gene_src_genus                     ? 
_entity_src_gen.pdbx_gene_src_gene                 I568_02374 
_entity_src_gen.gene_src_species                   ? 
_entity_src_gen.gene_src_strain                    ? 
_entity_src_gen.gene_src_tissue                    ? 
_entity_src_gen.gene_src_tissue_fraction           ? 
_entity_src_gen.gene_src_details                   ? 
_entity_src_gen.pdbx_gene_src_fragment             ? 
_entity_src_gen.pdbx_gene_src_scientific_name      'Enterococcus columbae' 
_entity_src_gen.pdbx_gene_src_ncbi_taxonomy_id     1355 
_entity_src_gen.pdbx_gene_src_variant              ? 
_entity_src_gen.pdbx_gene_src_cell_line            ? 
_entity_src_gen.pdbx_gene_src_atcc                 ? 
_entity_src_gen.pdbx_gene_src_organ                ? 
_entity_src_gen.pdbx_gene_src_organelle            ? 
_entity_src_gen.pdbx_gene_src_cell                 ? 
_entity_src_gen.pdbx_gene_src_cellular_location    ? 
_entity_src_gen.host_org_common_name               ? 
_entity_src_gen.pdbx_host_org_scientific_name      'Escherichia coli' 
_entity_src_gen.pdbx_host_org_ncbi_taxonomy_id     562 
_entity_src_gen.host_org_genus                     ? 
_entity_src_gen.pdbx_host_org_gene                 ? 
_entity_src_gen.pdbx_host_org_organ                ? 
_entity_src_gen.host_org_species                   ? 
_entity_src_gen.pdbx_host_org_tissue               ? 
_entity_src_gen.pdbx_host_org_tissue_fraction      ? 
_entity_src_gen.pdbx_host_org_strain               ? 
_entity_src_gen.pdbx_host_org_variant              ? 
_entity_src_gen.pdbx_host_org_cell_line            ? 
_entity_src_gen.pdbx_host_org_atcc                 ? 
_entity_src_gen.pdbx_host_org_culture_collection   ? 
_entity_src_gen.pdbx_host_org_cell                 ? 
_entity_src_gen.pdbx_host_org_organelle            ? 
_entity_src_gen.pdbx_host_org_cellular_location    ? 
_entity_src_gen.pdbx_host_org_vector_type          plasmid 
_entity_src_gen.pdbx_host_org_vector               ? 
_entity_src_gen.host_org_details                   ? 
_entity_src_gen.expression_system_id               ? 
_entity_src_gen.plasmid_name                       pPROEXT-HTa 
_entity_src_gen.plasmid_details                    ? 
_entity_src_gen.pdbx_description                   ? 
# 
_pdbx_entity_src_syn.entity_id              2 
_pdbx_entity_src_syn.pdbx_src_id            1 
_pdbx_entity_src_syn.pdbx_alt_source_flag   sample 
_pdbx_entity_src_syn.pdbx_beg_seq_num       1 
_pdbx_entity_src_syn.pdbx_end_seq_num       23 
_pdbx_entity_src_syn.organism_scientific    'Enterococcus columbae' 
_pdbx_entity_src_syn.organism_common_name   ? 
_pdbx_entity_src_syn.ncbi_taxonomy_id       1355 
_pdbx_entity_src_syn.details                ? 
# 
loop_
_chem_comp.id 
_chem_comp.type 
_chem_comp.mon_nstd_flag 
_chem_comp.name 
_chem_comp.pdbx_synonyms 
_chem_comp.formula 
_chem_comp.formula_weight 
ALA 'L-peptide linking' y ALANINE         ? 'C3 H7 N O2'     89.093  
ARG 'L-peptide linking' y ARGININE        ? 'C6 H15 N4 O2 1' 175.209 
ASN 'L-peptide linking' y ASPARAGINE      ? 'C4 H8 N2 O3'    132.118 
ASP 'L-peptide linking' y 'ASPARTIC ACID' ? 'C4 H7 N O4'     133.103 
GLN 'L-peptide linking' y GLUTAMINE       ? 'C5 H10 N2 O3'   146.144 
GLU 'L-peptide linking' y 'GLUTAMIC ACID' ? 'C5 H9 N O4'     147.129 
GLY 'peptide linking'   y GLYCINE         ? 'C2 H5 N O2'     75.067  
HIS 'L-peptide linking' y HISTIDINE       ? 'C6 H10 N3 O2 1' 156.162 
HOH non-polymer         . WATER           ? 'H2 O'           18.015  
ILE 'L-peptide linking' y ISOLEUCINE      ? 'C6 H13 N O2'    131.173 
LEU 'L-peptide linking' y LEUCINE         ? 'C6 H13 N O2'    131.173 
LYS 'L-peptide linking' y LYSINE          ? 'C6 H15 N2 O2 1' 147.195 
MET 'L-peptide linking' y METHIONINE      ? 'C5 H11 N O2 S'  149.211 
PHE 'L-peptide linking' y PHENYLALANINE   ? 'C9 H11 N O2'    165.189 
PRO 'L-peptide linking' y PROLINE         ? 'C5 H9 N O2'     115.130 
SER 'L-peptide linking' y SERINE          ? 'C3 H7 N O3'     105.093 
THR 'L-peptide linking' y THREONINE       ? 'C4 H9 N O3'     119.119 
TRP 'L-peptide linking' y TRYPTOPHAN      ? 'C11 H12 N2 O2'  204.225 
TYR 'L-peptide linking' y TYROSINE        ? 'C9 H11 N O3'    181.189 
VAL 'L-peptide linking' y VALINE          ? 'C5 H11 N O2'    117.146 
# 
loop_
_pdbx_poly_seq_scheme.asym_id 
_pdbx_poly_seq_scheme.entity_id 
_pdbx_poly_seq_scheme.seq_id 
_pdbx_poly_seq_scheme.mon_id 
_pdbx_poly_seq_scheme.ndb_seq_num 
_pdbx_poly_seq_scheme.pdb_seq_num 
_pdbx_poly_seq_scheme.auth_seq_num 
_pdbx_poly_seq_scheme.pdb_mon_id 
_pdbx_poly_seq_scheme.auth_mon_id 
_pdbx_poly_seq_scheme.pdb_strand_id 
_pdbx_poly_seq_scheme.pdb_ins_code 
_pdbx_poly_seq_scheme.hetero 
A 1 1   GLY 1   1   ?   ?   ?   A . n 
A 1 2   ALA 2   2   ?   ?   ?   A . n 
A 1 3   LYS 3   3   ?   ?   ?   A . n 
A 1 4   GLU 4   4   ?   ?   ?   A . n 
A 1 5   TYR 5   5   ?   ?   ?   A . n 
A 1 6   THR 6   6   6   THR THR A . n 
A 1 7   ASN 7   7   7   ASN ASN A . n 
A 1 8   PRO 8   8   8   PRO PRO A . n 
A 1 9   LYS 9   9   9   LYS LYS A . n 
A 1 10  GLU 10  10  10  GLU GLU A . n 
A 1 11  GLY 11  11  11  GLY GLY A . n 
A 1 12  GLN 12  12  12  GLN GLN A . n 
A 1 13  LEU 13  13  13  LEU LEU A . n 
A 1 14  ALA 14  14  14  ALA ALA A . n 
A 1 15  THR 15  15  15  THR THR A . n 
A 1 16  THR 16  16  16  THR THR A . n 
A 1 17  VAL 17  17  17  VAL VAL A . n 
A 1 18  SER 18  18  18  SER SER A . n 
A 1 19  VAL 19  19  19  VAL VAL A . n 
A 1 20  LYS 20  20  20  LYS LYS A . n 
A 1 21  ASN 21  21  21  ASN ASN A . n 
A 1 22  ASN 22  22  22  ASN ASN A . n 
A 1 23  GLU 23  23  23  GLU GLU A . n 
A 1 24  SER 24  24  24  SER SER A . n 
A 1 25  THR 25  25  25  THR THR A . n 
A 1 26  THR 26  26  26  THR THR A . n 
A 1 27  PRO 27  27  27  PRO PRO A . n 
A 1 28  VAL 28  28  28  VAL VAL A . n 
A 1 29  ARG 29  29  29  ARG ARG A . n 
A 1 30  LEU 30  30  30  LEU LEU A . n 
A 1 31  LEU 31  31  31  LEU LEU A . n 
A 1 32  SER 32  32  32  SER SER A . n 
A 1 33  LYS 33  33  33  LYS LYS A . n 
A 1 34  ASP 34  34  34  ASP ASP A . n 
A 1 35  THR 35  35  35  THR THR A . n 
A 1 36  GLN 36  36  36  GLN GLN A . n 
A 1 37  GLY 37  37  37  GLY GLY A . n 
A 1 38  VAL 38  38  38  VAL VAL A . n 
A 1 39  GLU 39  39  39  GLU GLU A . n 
A 1 40  VAL 40  40  40  VAL VAL A . n 
A 1 41  THR 41  41  41  THR THR A . n 
A 1 42  ASP 42  42  42  ASP ASP A . n 
A 1 43  THR 43  43  43  THR THR A . n 
A 1 44  VAL 44  44  44  VAL VAL A . n 
A 1 45  SER 45  45  45  SER SER A . n 
A 1 46  TYR 46  46  46  TYR TYR A . n 
A 1 47  SER 47  47  47  SER SER A . n 
A 1 48  ASP 48  48  48  ASP ASP A . n 
A 1 49  LEU 49  49  49  LEU LEU A . n 
A 1 50  VAL 50  50  50  VAL VAL A . n 
A 1 51  GLY 51  51  51  GLY GLY A . n 
A 1 52  GLY 52  52  52  GLY GLY A . n 
A 1 53  LYS 53  53  53  LYS LYS A . n 
A 1 54  VAL 54  54  54  VAL VAL A . n 
A 1 55  TYR 55  55  55  TYR TYR A . n 
A 1 56  GLU 56  56  56  GLU GLU A . n 
A 1 57  LEU 57  57  57  LEU LEU A . n 
A 1 58  THR 58  58  58  THR THR A . n 
A 1 59  GLY 59  59  59  GLY GLY A . n 
A 1 60  THR 60  60  60  THR THR A . n 
A 1 61  LEU 61  61  61  LEU LEU A . n 
A 1 62  MET 62  62  62  MET MET A . n 
A 1 63  GLN 63  63  63  GLN GLN A . n 
A 1 64  ILE 64  64  64  ILE ILE A . n 
A 1 65  LYS 65  65  65  LYS LYS A . n 
A 1 66  ALA 66  66  66  ALA ALA A . n 
A 1 67  ASP 67  67  67  ASP ASP A . n 
A 1 68  GLY 68  68  68  GLY GLY A . n 
A 1 69  SER 69  69  69  SER SER A . n 
A 1 70  THR 70  70  70  THR THR A . n 
A 1 71  GLU 71  71  71  GLU GLU A . n 
A 1 72  ALA 72  72  72  ALA ALA A . n 
A 1 73  ILE 73  73  73  ILE ILE A . n 
A 1 74  ALA 74  74  74  ALA ALA A . n 
A 1 75  SER 75  75  75  SER SER A . n 
A 1 76  ALA 76  76  76  ALA ALA A . n 
A 1 77  SER 77  77  77  SER SER A . n 
A 1 78  LYS 78  78  78  LYS LYS A . n 
A 1 79  GLU 79  79  79  GLU GLU A . n 
A 1 80  VAL 80  80  80  VAL VAL A . n 
A 1 81  THR 81  81  81  THR THR A . n 
A 1 82  ALA 82  82  82  ALA ALA A . n 
A 1 83  GLU 83  83  83  GLU GLU A . n 
A 1 84  THR 84  84  84  THR THR A . n 
A 1 85  SER 85  85  85  SER SER A . n 
A 1 86  GLY 86  86  86  GLY GLY A . n 
A 1 87  LYS 87  87  87  LYS LYS A . n 
A 1 88  GLY 88  88  88  GLY GLY A . n 
A 1 89  THR 89  89  89  THR THR A . n 
A 1 90  TRP 90  90  90  TRP TRP A . n 
A 1 91  GLU 91  91  91  GLU GLU A . n 
A 1 92  LEU 92  92  92  LEU LEU A . n 
A 1 93  THR 93  93  93  THR THR A . n 
A 1 94  PHE 94  94  94  PHE PHE A . n 
A 1 95  ALA 95  95  95  ALA ALA A . n 
A 1 96  PRO 96  96  96  PRO PRO A . n 
A 1 97  GLN 97  97  97  GLN GLN A . n 
A 1 98  ASN 98  98  98  ASN ASN A . n 
A 1 99  LEU 99  99  99  LEU LEU A . n 
A 1 100 LYS 100 100 100 LYS LYS A . n 
A 1 101 ALA 101 101 101 ALA ALA A . n 
A 1 102 GLY 102 102 102 GLY GLY A . n 
A 1 103 GLU 103 103 103 GLU GLU A . n 
A 1 104 LYS 104 104 104 LYS LYS A . n 
A 1 105 TYR 105 105 105 TYR TYR A . n 
A 1 106 VAL 106 106 106 VAL VAL A . n 
A 1 107 VAL 107 107 107 VAL VAL A . n 
A 1 108 TYR 108 108 108 TYR TYR A . n 
A 1 109 GLU 109 109 109 GLU GLU A . n 
A 1 110 VAL 110 110 110 VAL VAL A . n 
A 1 111 ALA 111 111 111 ALA ALA A . n 
A 1 112 LYS 112 112 112 LYS LYS A . n 
A 1 113 SER 113 113 113 SER SER A . n 
A 1 114 LYS 114 114 114 LYS LYS A . n 
A 1 115 GLU 115 115 115 GLU GLU A . n 
A 1 116 ASN 116 116 116 ASN ASN A . n 
A 1 117 LEU 117 117 117 LEU LEU A . n 
A 1 118 VAL 118 118 118 VAL VAL A . n 
A 1 119 ASP 119 119 ?   ?   ?   A . n 
A 1 120 SER 120 120 ?   ?   ?   A . n 
A 1 121 ASN 121 121 ?   ?   ?   A . n 
A 1 122 LYS 122 122 ?   ?   ?   A . n 
A 1 123 ASP 123 123 ?   ?   ?   A . n 
A 1 124 ASP 124 124 ?   ?   ?   A . n 
A 1 125 GLU 125 125 ?   ?   ?   A . n 
A 1 126 SER 126 126 ?   ?   ?   A . n 
A 1 127 HIS 127 127 ?   ?   ?   A . n 
A 1 128 GLY 128 128 ?   ?   ?   A . n 
B 2 1   GLY 1   129 129 GLY GLY B . n 
B 2 2   ASP 2   130 130 ASP ASP B . n 
B 2 3   THR 3   131 131 THR THR B . n 
B 2 4   LYS 4   132 132 LYS LYS B . n 
B 2 5   HIS 5   133 133 HIS HIS B . n 
B 2 6   GLU 6   134 134 GLU GLU B . n 
B 2 7   VAL 7   135 135 VAL VAL B . n 
B 2 8   ARG 8   136 136 ARG ARG B . n 
B 2 9   HIS 9   137 137 HIS HIS B . n 
B 2 10  GLU 10  138 138 GLU GLU B . n 
B 2 11  ASN 11  139 139 ASN ASN B . n 
B 2 12  PRO 12  140 140 PRO PRO B . n 
B 2 13  GLN 13  141 141 GLN GLN B . n 
B 2 14  ASP 14  142 142 ASP ASP B . n 
B 2 15  GLU 15  143 143 GLU GLU B . n 
B 2 16  ALA 16  144 144 ALA ALA B . n 
B 2 17  GLN 17  145 145 GLN GLN B . n 
B 2 18  THR 18  146 146 THR THR B . n 
B 2 19  ILE 19  147 147 ILE ILE B . n 
B 2 20  VAL 20  148 148 VAL VAL B . n 
B 2 21  VAL 21  149 149 VAL VAL B . n 
B 2 22  ASN 22  150 150 ASN ASN B . n 
B 2 23  LYS 23  151 151 LYS LYS B . n 
# 
loop_
_pdbx_nonpoly_scheme.asym_id 
_pdbx_nonpoly_scheme.entity_id 
_pdbx_nonpoly_scheme.mon_id 
_pdbx_nonpoly_scheme.ndb_seq_num 
_pdbx_nonpoly_scheme.pdb_seq_num 
_pdbx_nonpoly_scheme.auth_seq_num 
_pdbx_nonpoly_scheme.pdb_mon_id 
_pdbx_nonpoly_scheme.auth_mon_id 
_pdbx_nonpoly_scheme.pdb_strand_id 
_pdbx_nonpoly_scheme.pdb_ins_code 
C 3 HOH 1 201 9  HOH HOH A . 
C 3 HOH 2 202 6  HOH HOH A . 
C 3 HOH 3 203 4  HOH HOH A . 
C 3 HOH 4 204 8  HOH HOH A . 
C 3 HOH 5 205 7  HOH HOH A . 
C 3 HOH 6 206 1  HOH HOH A . 
C 3 HOH 7 207 3  HOH HOH A . 
D 3 HOH 1 201 10 HOH HOH B . 
D 3 HOH 2 202 2  HOH HOH B . 
D 3 HOH 3 203 5  HOH HOH B . 
# 
loop_
_pdbx_unobs_or_zero_occ_atoms.id 
_pdbx_unobs_or_zero_occ_atoms.PDB_model_num 
_pdbx_unobs_or_zero_occ_atoms.polymer_flag 
_pdbx_unobs_or_zero_occ_atoms.occupancy_flag 
_pdbx_unobs_or_zero_occ_atoms.auth_asym_id 
_pdbx_unobs_or_zero_occ_atoms.auth_comp_id 
_pdbx_unobs_or_zero_occ_atoms.auth_seq_id 
_pdbx_unobs_or_zero_occ_atoms.PDB_ins_code 
_pdbx_unobs_or_zero_occ_atoms.auth_atom_id 
_pdbx_unobs_or_zero_occ_atoms.label_alt_id 
_pdbx_unobs_or_zero_occ_atoms.label_asym_id 
_pdbx_unobs_or_zero_occ_atoms.label_comp_id 
_pdbx_unobs_or_zero_occ_atoms.label_seq_id 
_pdbx_unobs_or_zero_occ_atoms.label_atom_id 
1  1 Y 1 A GLU 56  ? CG  ? A GLU 56  CG  
2  1 Y 1 A GLU 56  ? CD  ? A GLU 56  CD  
3  1 Y 1 A GLU 56  ? OE1 ? A GLU 56  OE1 
4  1 Y 1 A GLU 56  ? OE2 ? A GLU 56  OE2 
5  1 Y 1 A LYS 114 ? CG  ? A LYS 114 CG  
6  1 Y 1 A LYS 114 ? CD  ? A LYS 114 CD  
7  1 Y 1 A LYS 114 ? CE  ? A LYS 114 CE  
8  1 Y 1 A LYS 114 ? NZ  ? A LYS 114 NZ  
9  1 Y 1 B LYS 151 ? CG  ? B LYS 23  CG  
10 1 Y 1 B LYS 151 ? CD  ? B LYS 23  CD  
11 1 Y 1 B LYS 151 ? CE  ? B LYS 23  CE  
12 1 Y 1 B LYS 151 ? NZ  ? B LYS 23  NZ  
# 
loop_
_software.citation_id 
_software.classification 
_software.compiler_name 
_software.compiler_version 
_software.contact_author 
_software.contact_author_email 
_software.date 
_software.description 
_software.dependencies 
_software.hardware 
_software.language 
_software.location 
_software.mods 
_software.name 
_software.os 
_software.os_version 
_software.type 
_software.version 
_software.pdbx_ordinal 
? refinement       ? ? ? ? ? ? ? ? ? ? ? REFMAC  ? ? ? 5.8.0267 1 
? 'data reduction' ? ? ? ? ? ? ? ? ? ? ? XDS     ? ? ? .        2 
? 'data scaling'   ? ? ? ? ? ? ? ? ? ? ? Aimless ? ? ? .        3 
? phasing          ? ? ? ? ? ? ? ? ? ? ? PHASER  ? ? ? .        4 
# 
_cell.angle_alpha                  90.000 
_cell.angle_alpha_esd              ? 
_cell.angle_beta                   90.000 
_cell.angle_beta_esd               ? 
_cell.angle_gamma                  120.000 
_cell.angle_gamma_esd              ? 
_cell.entry_id                     7UI8 
_cell.details                      ? 
_cell.formula_units_Z              ? 
_cell.length_a                     120.775 
_cell.length_a_esd                 ? 
_cell.length_b                     120.775 
_cell.length_b_esd                 ? 
_cell.length_c                     45.444 
_cell.length_c_esd                 ? 
_cell.volume                       ? 
_cell.volume_esd                   ? 
_cell.Z_PDB                        12 
_cell.reciprocal_angle_alpha       ? 
_cell.reciprocal_angle_beta        ? 
_cell.reciprocal_angle_gamma       ? 
_cell.reciprocal_angle_alpha_esd   ? 
_cell.reciprocal_angle_beta_esd    ? 
_cell.reciprocal_angle_gamma_esd   ? 
_cell.reciprocal_length_a          ? 
_cell.reciprocal_length_b          ? 
_cell.reciprocal_length_c          ? 
_cell.reciprocal_length_a_esd      ? 
_cell.reciprocal_length_b_esd      ? 
_cell.reciprocal_length_c_esd      ? 
_cell.pdbx_unique_axis             ? 
# 
_symmetry.entry_id                         7UI8 
_symmetry.cell_setting                     ? 
_symmetry.Int_Tables_number                177 
_symmetry.space_group_name_Hall            ? 
_symmetry.space_group_name_H-M             'P 6 2 2' 
_symmetry.pdbx_full_space_group_name_H-M   ? 
# 
_exptl.absorpt_coefficient_mu     ? 
_exptl.absorpt_correction_T_max   ? 
_exptl.absorpt_correction_T_min   ? 
_exptl.absorpt_correction_type    ? 
_exptl.absorpt_process_details    ? 
_exptl.entry_id                   7UI8 
_exptl.crystals_number            1 
_exptl.details                    ? 
_exptl.method                     'X-RAY DIFFRACTION' 
_exptl.method_details             ? 
# 
_exptl_crystal.colour                      ? 
_exptl_crystal.density_diffrn              ? 
_exptl_crystal.density_Matthews            2.93 
_exptl_crystal.density_method              ? 
_exptl_crystal.density_percent_sol         58.02 
_exptl_crystal.description                 ? 
_exptl_crystal.F_000                       ? 
_exptl_crystal.id                          1 
_exptl_crystal.preparation                 ? 
_exptl_crystal.size_max                    ? 
_exptl_crystal.size_mid                    ? 
_exptl_crystal.size_min                    ? 
_exptl_crystal.size_rad                    ? 
_exptl_crystal.colour_lustre               ? 
_exptl_crystal.colour_modifier             ? 
_exptl_crystal.colour_primary              ? 
_exptl_crystal.density_meas                ? 
_exptl_crystal.density_meas_esd            ? 
_exptl_crystal.density_meas_gt             ? 
_exptl_crystal.density_meas_lt             ? 
_exptl_crystal.density_meas_temp           ? 
_exptl_crystal.density_meas_temp_esd       ? 
_exptl_crystal.density_meas_temp_gt        ? 
_exptl_crystal.density_meas_temp_lt        ? 
_exptl_crystal.pdbx_crystal_image_url      ? 
_exptl_crystal.pdbx_crystal_image_format   ? 
_exptl_crystal.pdbx_mosaicity              ? 
_exptl_crystal.pdbx_mosaicity_esd          ? 
# 
_exptl_crystal_grow.apparatus       ? 
_exptl_crystal_grow.atmosphere      ? 
_exptl_crystal_grow.crystal_id      1 
_exptl_crystal_grow.details         ? 
_exptl_crystal_grow.method          'VAPOR DIFFUSION, SITTING DROP' 
_exptl_crystal_grow.method_ref      ? 
_exptl_crystal_grow.pH              ? 
_exptl_crystal_grow.pressure        ? 
_exptl_crystal_grow.pressure_esd    ? 
_exptl_crystal_grow.seeding         ? 
_exptl_crystal_grow.seeding_ref     ? 
_exptl_crystal_grow.temp            291 
_exptl_crystal_grow.temp_details    ? 
_exptl_crystal_grow.temp_esd        ? 
_exptl_crystal_grow.time            ? 
_exptl_crystal_grow.pdbx_details    '3.2 M ammonium sulfate, 0.1 M sodium citrate, pH 5.5' 
_exptl_crystal_grow.pdbx_pH_range   ? 
# 
_diffrn.ambient_environment              ? 
_diffrn.ambient_temp                     100 
_diffrn.ambient_temp_details             ? 
_diffrn.ambient_temp_esd                 ? 
_diffrn.crystal_id                       1 
_diffrn.crystal_support                  ? 
_diffrn.crystal_treatment                ? 
_diffrn.details                          ? 
_diffrn.id                               1 
_diffrn.ambient_pressure                 ? 
_diffrn.ambient_pressure_esd             ? 
_diffrn.ambient_pressure_gt              ? 
_diffrn.ambient_pressure_lt              ? 
_diffrn.ambient_temp_gt                  ? 
_diffrn.ambient_temp_lt                  ? 
_diffrn.pdbx_serial_crystal_experiment   N 
# 
_diffrn_detector.details                      ? 
_diffrn_detector.detector                     PIXEL 
_diffrn_detector.diffrn_id                    1 
_diffrn_detector.type                         'DECTRIS EIGER2 S 16M' 
_diffrn_detector.area_resol_mean              ? 
_diffrn_detector.dtime                        ? 
_diffrn_detector.pdbx_frames_total            ? 
_diffrn_detector.pdbx_collection_time_total   ? 
_diffrn_detector.pdbx_collection_date         2022-03-07 
_diffrn_detector.pdbx_frequency               ? 
# 
_diffrn_radiation.collimation                      ? 
_diffrn_radiation.diffrn_id                        1 
_diffrn_radiation.filter_edge                      ? 
_diffrn_radiation.inhomogeneity                    ? 
_diffrn_radiation.monochromator                    ? 
_diffrn_radiation.polarisn_norm                    ? 
_diffrn_radiation.polarisn_ratio                   ? 
_diffrn_radiation.probe                            ? 
_diffrn_radiation.type                             ? 
_diffrn_radiation.xray_symbol                      ? 
_diffrn_radiation.wavelength_id                    1 
_diffrn_radiation.pdbx_monochromatic_or_laue_m_l   M 
_diffrn_radiation.pdbx_wavelength_list             ? 
_diffrn_radiation.pdbx_wavelength                  ? 
_diffrn_radiation.pdbx_diffrn_protocol             'SINGLE WAVELENGTH' 
_diffrn_radiation.pdbx_analyzer                    ? 
_diffrn_radiation.pdbx_scattering_type             x-ray 
# 
_diffrn_radiation_wavelength.id           1 
_diffrn_radiation_wavelength.wavelength   0.95366 
_diffrn_radiation_wavelength.wt           1.0 
# 
_diffrn_source.current                     ? 
_diffrn_source.details                     ? 
_diffrn_source.diffrn_id                   1 
_diffrn_source.power                       ? 
_diffrn_source.size                        ? 
_diffrn_source.source                      SYNCHROTRON 
_diffrn_source.target                      ? 
_diffrn_source.type                        'AUSTRALIAN SYNCHROTRON BEAMLINE MX2' 
_diffrn_source.voltage                     ? 
_diffrn_source.take-off_angle              ? 
_diffrn_source.pdbx_wavelength_list        0.95366 
_diffrn_source.pdbx_wavelength             ? 
_diffrn_source.pdbx_synchrotron_beamline   MX2 
_diffrn_source.pdbx_synchrotron_site       'Australian Synchrotron' 
# 
_reflns.B_iso_Wilson_estimate                          53.6 
_reflns.entry_id                                       7UI8 
_reflns.data_reduction_details                         ? 
_reflns.data_reduction_method                          ? 
_reflns.d_resolution_high                              2.37 
_reflns.d_resolution_low                               45.44 
_reflns.details                                        ? 
_reflns.limit_h_max                                    ? 
_reflns.limit_h_min                                    ? 
_reflns.limit_k_max                                    ? 
_reflns.limit_k_min                                    ? 
_reflns.limit_l_max                                    ? 
_reflns.limit_l_min                                    ? 
_reflns.number_all                                     ? 
_reflns.number_obs                                     8323 
_reflns.observed_criterion                             ? 
_reflns.observed_criterion_F_max                       ? 
_reflns.observed_criterion_F_min                       ? 
_reflns.observed_criterion_I_max                       ? 
_reflns.observed_criterion_I_min                       ? 
_reflns.observed_criterion_sigma_F                     ? 
_reflns.observed_criterion_sigma_I                     ? 
_reflns.percent_possible_obs                           99.4 
_reflns.R_free_details                                 ? 
_reflns.Rmerge_F_all                                   ? 
_reflns.Rmerge_F_obs                                   ? 
_reflns.Friedel_coverage                               ? 
_reflns.number_gt                                      ? 
_reflns.threshold_expression                           ? 
_reflns.pdbx_redundancy                                18.6 
_reflns.pdbx_Rmerge_I_obs                              0.187 
_reflns.pdbx_Rmerge_I_all                              ? 
_reflns.pdbx_Rsym_value                                ? 
_reflns.pdbx_netI_over_av_sigmaI                       ? 
_reflns.pdbx_netI_over_sigmaI                          12.0 
_reflns.pdbx_res_netI_over_av_sigmaI_2                 ? 
_reflns.pdbx_res_netI_over_sigmaI_2                    ? 
_reflns.pdbx_chi_squared                               0.54 
_reflns.pdbx_scaling_rejects                           ? 
_reflns.pdbx_d_res_high_opt                            ? 
_reflns.pdbx_d_res_low_opt                             ? 
_reflns.pdbx_d_res_opt_method                          ? 
_reflns.phase_calculation_details                      ? 
_reflns.pdbx_Rrim_I_all                                0.193 
_reflns.pdbx_Rpim_I_all                                0.045 
_reflns.pdbx_d_opt                                     ? 
_reflns.pdbx_number_measured_all                       ? 
_reflns.pdbx_diffrn_id                                 1 
_reflns.pdbx_ordinal                                   1 
_reflns.pdbx_CC_half                                   0.998 
_reflns.pdbx_CC_star                                   ? 
_reflns.pdbx_R_split                                   ? 
_reflns.pdbx_aniso_diffraction_limit_axis_1_ortho[1]   ? 
_reflns.pdbx_aniso_diffraction_limit_axis_1_ortho[2]   ? 
_reflns.pdbx_aniso_diffraction_limit_axis_1_ortho[3]   ? 
_reflns.pdbx_aniso_diffraction_limit_axis_2_ortho[1]   ? 
_reflns.pdbx_aniso_diffraction_limit_axis_2_ortho[2]   ? 
_reflns.pdbx_aniso_diffraction_limit_axis_2_ortho[3]   ? 
_reflns.pdbx_aniso_diffraction_limit_axis_3_ortho[1]   ? 
_reflns.pdbx_aniso_diffraction_limit_axis_3_ortho[2]   ? 
_reflns.pdbx_aniso_diffraction_limit_axis_3_ortho[3]   ? 
_reflns.pdbx_aniso_diffraction_limit_1                 ? 
_reflns.pdbx_aniso_diffraction_limit_2                 ? 
_reflns.pdbx_aniso_diffraction_limit_3                 ? 
_reflns.pdbx_aniso_B_tensor_eigenvector_1_ortho[1]     ? 
_reflns.pdbx_aniso_B_tensor_eigenvector_1_ortho[2]     ? 
_reflns.pdbx_aniso_B_tensor_eigenvector_1_ortho[3]     ? 
_reflns.pdbx_aniso_B_tensor_eigenvector_2_ortho[1]     ? 
_reflns.pdbx_aniso_B_tensor_eigenvector_2_ortho[2]     ? 
_reflns.pdbx_aniso_B_tensor_eigenvector_2_ortho[3]     ? 
_reflns.pdbx_aniso_B_tensor_eigenvector_3_ortho[1]     ? 
_reflns.pdbx_aniso_B_tensor_eigenvector_3_ortho[2]     ? 
_reflns.pdbx_aniso_B_tensor_eigenvector_3_ortho[3]     ? 
_reflns.pdbx_aniso_B_tensor_eigenvalue_1               ? 
_reflns.pdbx_aniso_B_tensor_eigenvalue_2               ? 
_reflns.pdbx_aniso_B_tensor_eigenvalue_3               ? 
_reflns.pdbx_orthogonalization_convention              ? 
_reflns.pdbx_percent_possible_ellipsoidal              ? 
_reflns.pdbx_percent_possible_spherical                ? 
_reflns.pdbx_percent_possible_ellipsoidal_anomalous    ? 
_reflns.pdbx_percent_possible_spherical_anomalous      ? 
_reflns.pdbx_redundancy_anomalous                      ? 
_reflns.pdbx_CC_half_anomalous                         ? 
_reflns.pdbx_absDiff_over_sigma_anomalous              ? 
_reflns.pdbx_percent_possible_anomalous                ? 
_reflns.pdbx_observed_signal_threshold                 ? 
_reflns.pdbx_signal_type                               ? 
_reflns.pdbx_signal_details                            ? 
_reflns.pdbx_signal_software_id                        ? 
# 
_reflns_shell.d_res_high                                    2.37 
_reflns_shell.d_res_low                                     2.46 
_reflns_shell.meanI_over_sigI_all                           ? 
_reflns_shell.meanI_over_sigI_obs                           0.9 
_reflns_shell.number_measured_all                           ? 
_reflns_shell.number_measured_obs                           ? 
_reflns_shell.number_possible                               ? 
_reflns_shell.number_unique_all                             ? 
_reflns_shell.number_unique_obs                             206 
_reflns_shell.percent_possible_all                          94.5 
_reflns_shell.percent_possible_obs                          ? 
_reflns_shell.Rmerge_F_all                                  ? 
_reflns_shell.Rmerge_F_obs                                  ? 
_reflns_shell.Rmerge_I_all                                  ? 
_reflns_shell.Rmerge_I_obs                                  ? 
_reflns_shell.meanI_over_sigI_gt                            ? 
_reflns_shell.meanI_over_uI_all                             ? 
_reflns_shell.meanI_over_uI_gt                              ? 
_reflns_shell.number_measured_gt                            ? 
_reflns_shell.number_unique_gt                              ? 
_reflns_shell.percent_possible_gt                           ? 
_reflns_shell.Rmerge_F_gt                                   ? 
_reflns_shell.Rmerge_I_gt                                   ? 
_reflns_shell.pdbx_redundancy                               17.6 
_reflns_shell.pdbx_Rsym_value                               ? 
_reflns_shell.pdbx_chi_squared                              0.43 
_reflns_shell.pdbx_netI_over_sigmaI_all                     ? 
_reflns_shell.pdbx_netI_over_sigmaI_obs                     ? 
_reflns_shell.pdbx_Rrim_I_all                               ? 
_reflns_shell.pdbx_Rpim_I_all                               0.593 
_reflns_shell.pdbx_rejects                                  ? 
_reflns_shell.pdbx_ordinal                                  1 
_reflns_shell.pdbx_diffrn_id                                1 
_reflns_shell.pdbx_CC_half                                  0.806 
_reflns_shell.pdbx_CC_star                                  ? 
_reflns_shell.pdbx_R_split                                  ? 
_reflns_shell.pdbx_percent_possible_ellipsoidal             ? 
_reflns_shell.pdbx_percent_possible_spherical               ? 
_reflns_shell.pdbx_percent_possible_ellipsoidal_anomalous   ? 
_reflns_shell.pdbx_percent_possible_spherical_anomalous     ? 
_reflns_shell.pdbx_redundancy_anomalous                     ? 
_reflns_shell.pdbx_CC_half_anomalous                        ? 
_reflns_shell.pdbx_absDiff_over_sigma_anomalous             ? 
_reflns_shell.pdbx_percent_possible_anomalous               ? 
# 
_refine.aniso_B[1][1]                            0.035 
_refine.aniso_B[1][2]                            0.017 
_refine.aniso_B[1][3]                            0.000 
_refine.aniso_B[2][2]                            0.035 
_refine.aniso_B[2][3]                            -0.000 
_refine.aniso_B[3][3]                            -0.113 
_refine.B_iso_max                                ? 
_refine.B_iso_mean                               59.756 
_refine.B_iso_min                                ? 
_refine.correlation_coeff_Fo_to_Fc               0.946 
_refine.correlation_coeff_Fo_to_Fc_free          0.919 
_refine.details                                  'Hydrogens have been added in their riding positions' 
_refine.diff_density_max                         ? 
_refine.diff_density_max_esd                     ? 
_refine.diff_density_min                         ? 
_refine.diff_density_min_esd                     ? 
_refine.diff_density_rms                         ? 
_refine.diff_density_rms_esd                     ? 
_refine.entry_id                                 7UI8 
_refine.pdbx_refine_id                           'X-RAY DIFFRACTION' 
_refine.ls_abs_structure_details                 ? 
_refine.ls_abs_structure_Flack                   ? 
_refine.ls_abs_structure_Flack_esd               ? 
_refine.ls_abs_structure_Rogers                  ? 
_refine.ls_abs_structure_Rogers_esd              ? 
_refine.ls_d_res_high                            2.373 
_refine.ls_d_res_low                             40.003 
_refine.ls_extinction_coef                       ? 
_refine.ls_extinction_coef_esd                   ? 
_refine.ls_extinction_expression                 ? 
_refine.ls_extinction_method                     ? 
_refine.ls_goodness_of_fit_all                   ? 
_refine.ls_goodness_of_fit_all_esd               ? 
_refine.ls_goodness_of_fit_obs                   ? 
_refine.ls_goodness_of_fit_obs_esd               ? 
_refine.ls_hydrogen_treatment                    ? 
_refine.ls_matrix_type                           ? 
_refine.ls_number_constraints                    ? 
_refine.ls_number_parameters                     ? 
_refine.ls_number_reflns_all                     ? 
_refine.ls_number_reflns_obs                     8247 
_refine.ls_number_reflns_R_free                  401 
_refine.ls_number_reflns_R_work                  7846 
_refine.ls_number_restraints                     ? 
_refine.ls_percent_reflns_obs                    98.956 
_refine.ls_percent_reflns_R_free                 4.862 
_refine.ls_R_factor_all                          0.228 
_refine.ls_R_factor_obs                          ? 
_refine.ls_R_factor_R_free                       0.2614 
_refine.ls_R_factor_R_free_error                 ? 
_refine.ls_R_factor_R_free_error_details         ? 
_refine.ls_R_factor_R_work                       0.2260 
_refine.ls_R_Fsqd_factor_obs                     ? 
_refine.ls_R_I_factor_obs                        ? 
_refine.ls_redundancy_reflns_all                 ? 
_refine.ls_redundancy_reflns_obs                 ? 
_refine.ls_restrained_S_all                      ? 
_refine.ls_restrained_S_obs                      ? 
_refine.ls_shift_over_esd_max                    ? 
_refine.ls_shift_over_esd_mean                   ? 
_refine.ls_structure_factor_coef                 ? 
_refine.ls_weighting_details                     ? 
_refine.ls_weighting_scheme                      ? 
_refine.ls_wR_factor_all                         ? 
_refine.ls_wR_factor_obs                         ? 
_refine.ls_wR_factor_R_free                      ? 
_refine.ls_wR_factor_R_work                      ? 
_refine.occupancy_max                            ? 
_refine.occupancy_min                            ? 
_refine.solvent_model_details                    'BABINET MODEL PLUS MASK' 
_refine.solvent_model_param_bsol                 ? 
_refine.solvent_model_param_ksol                 ? 
_refine.pdbx_R_complete                          ? 
_refine.ls_R_factor_gt                           ? 
_refine.ls_goodness_of_fit_gt                    ? 
_refine.ls_goodness_of_fit_ref                   ? 
_refine.ls_shift_over_su_max                     ? 
_refine.ls_shift_over_su_max_lt                  ? 
_refine.ls_shift_over_su_mean                    ? 
_refine.ls_shift_over_su_mean_lt                 ? 
_refine.pdbx_ls_sigma_I                          ? 
_refine.pdbx_ls_sigma_F                          ? 
_refine.pdbx_ls_sigma_Fsqd                       ? 
_refine.pdbx_data_cutoff_high_absF               ? 
_refine.pdbx_data_cutoff_high_rms_absF           ? 
_refine.pdbx_data_cutoff_low_absF                ? 
_refine.pdbx_isotropic_thermal_model             ? 
_refine.pdbx_ls_cross_valid_method               'FREE R-VALUE' 
_refine.pdbx_method_to_determine_struct          'MOLECULAR REPLACEMENT' 
_refine.pdbx_starting_model                      4NI6 
_refine.pdbx_stereochemistry_target_values       ? 
_refine.pdbx_R_Free_selection_details            ? 
_refine.pdbx_stereochem_target_val_spec_case     ? 
_refine.pdbx_overall_ESU_R                       0.287 
_refine.pdbx_overall_ESU_R_Free                  0.229 
_refine.pdbx_solvent_vdw_probe_radii             1.200 
_refine.pdbx_solvent_ion_probe_radii             0.800 
_refine.pdbx_solvent_shrinkage_radii             0.800 
_refine.pdbx_real_space_R                        ? 
_refine.pdbx_density_correlation                 ? 
_refine.pdbx_pd_number_of_powder_patterns        ? 
_refine.pdbx_pd_number_of_points                 ? 
_refine.pdbx_pd_meas_number_of_points            ? 
_refine.pdbx_pd_proc_ls_prof_R_factor            ? 
_refine.pdbx_pd_proc_ls_prof_wR_factor           ? 
_refine.pdbx_pd_Marquardt_correlation_coeff      ? 
_refine.pdbx_pd_Fsqrd_R_factor                   ? 
_refine.pdbx_pd_ls_matrix_band_width             ? 
_refine.pdbx_overall_phase_error                 ? 
_refine.pdbx_overall_SU_R_free_Cruickshank_DPI   ? 
_refine.pdbx_overall_SU_R_free_Blow_DPI          ? 
_refine.pdbx_overall_SU_R_Blow_DPI               ? 
_refine.pdbx_TLS_residual_ADP_flag               ? 
_refine.pdbx_diffrn_id                           1 
_refine.overall_SU_B                             11.298 
_refine.overall_SU_ML                            0.234 
_refine.overall_SU_R_Cruickshank_DPI             ? 
_refine.overall_SU_R_free                        ? 
_refine.overall_FOM_free_R_set                   ? 
_refine.overall_FOM_work_R_set                   ? 
_refine.pdbx_average_fsc_overall                 ? 
_refine.pdbx_average_fsc_work                    ? 
_refine.pdbx_average_fsc_free                    ? 
# 
_refine_hist.pdbx_refine_id                   'X-RAY DIFFRACTION' 
_refine_hist.cycle_id                         LAST 
_refine_hist.pdbx_number_atoms_protein        1016 
_refine_hist.pdbx_number_atoms_nucleic_acid   0 
_refine_hist.pdbx_number_atoms_ligand         0 
_refine_hist.number_atoms_solvent             10 
_refine_hist.number_atoms_total               1026 
_refine_hist.d_res_high                       2.373 
_refine_hist.d_res_low                        40.003 
# 
loop_
_refine_ls_restr.pdbx_refine_id 
_refine_ls_restr.criterion 
_refine_ls_restr.dev_ideal 
_refine_ls_restr.dev_ideal_target 
_refine_ls_restr.number 
_refine_ls_restr.rejects 
_refine_ls_restr.type 
_refine_ls_restr.weight 
_refine_ls_restr.pdbx_restraint_function 
'X-RAY DIFFRACTION' ? 0.004  0.013  1028 ? r_bond_refined_d               ? ? 
'X-RAY DIFFRACTION' ? 0.001  0.015  971  ? r_bond_other_d                 ? ? 
'X-RAY DIFFRACTION' ? 1.299  1.655  1394 ? r_angle_refined_deg            ? ? 
'X-RAY DIFFRACTION' ? 1.130  1.588  2248 ? r_angle_other_deg              ? ? 
'X-RAY DIFFRACTION' ? 7.257  5.000  134  ? r_dihedral_angle_1_deg         ? ? 
'X-RAY DIFFRACTION' ? 45.379 26.279 43   ? r_dihedral_angle_2_deg         ? ? 
'X-RAY DIFFRACTION' ? 15.439 15.000 179  ? r_dihedral_angle_3_deg         ? ? 
'X-RAY DIFFRACTION' ? 23.493 15.000 2    ? r_dihedral_angle_4_deg         ? ? 
'X-RAY DIFFRACTION' ? 0.037  0.200  146  ? r_chiral_restr                 ? ? 
'X-RAY DIFFRACTION' ? 0.004  0.020  1161 ? r_gen_planes_refined           ? ? 
'X-RAY DIFFRACTION' ? 0.001  0.020  195  ? r_gen_planes_other             ? ? 
'X-RAY DIFFRACTION' ? 0.182  0.200  155  ? r_nbd_refined                  ? ? 
'X-RAY DIFFRACTION' ? 0.167  0.200  860  ? r_symmetry_nbd_other           ? ? 
'X-RAY DIFFRACTION' ? 0.139  0.200  472  ? r_nbtor_refined                ? ? 
'X-RAY DIFFRACTION' ? 0.069  0.200  545  ? r_symmetry_nbtor_other         ? ? 
'X-RAY DIFFRACTION' ? 0.120  0.200  30   ? r_xyhbond_nbd_refined          ? ? 
'X-RAY DIFFRACTION' ? 0.163  0.200  12   ? r_symmetry_nbd_refined         ? ? 
'X-RAY DIFFRACTION' ? 0.188  0.200  52   ? r_nbd_other                    ? ? 
'X-RAY DIFFRACTION' ? 0.131  0.200  2    ? r_symmetry_xyhbond_nbd_refined ? ? 
'X-RAY DIFFRACTION' ? 2.321  6.248  542  ? r_mcbond_it                    ? ? 
'X-RAY DIFFRACTION' ? 2.317  6.246  541  ? r_mcbond_other                 ? ? 
'X-RAY DIFFRACTION' ? 3.631  9.365  674  ? r_mcangle_it                   ? ? 
'X-RAY DIFFRACTION' ? 3.630  9.367  675  ? r_mcangle_other                ? ? 
'X-RAY DIFFRACTION' ? 3.296  6.674  486  ? r_scbond_it                    ? ? 
'X-RAY DIFFRACTION' ? 3.293  6.675  487  ? r_scbond_other                 ? ? 
'X-RAY DIFFRACTION' ? 5.197  9.825  720  ? r_scangle_it                   ? ? 
'X-RAY DIFFRACTION' ? 5.194  9.825  720  ? r_scangle_other                ? ? 
'X-RAY DIFFRACTION' ? 6.610  71.721 1004 ? r_lrange_it                    ? ? 
'X-RAY DIFFRACTION' ? 6.605  71.537 1001 ? r_lrange_other                 ? ? 
# 
loop_
_refine_ls_shell.pdbx_refine_id 
_refine_ls_shell.d_res_high 
_refine_ls_shell.d_res_low 
_refine_ls_shell.number_reflns_all 
_refine_ls_shell.number_reflns_obs 
_refine_ls_shell.number_reflns_R_free 
_refine_ls_shell.number_reflns_R_work 
_refine_ls_shell.percent_reflns_obs 
_refine_ls_shell.percent_reflns_R_free 
_refine_ls_shell.R_factor_all 
_refine_ls_shell.R_factor_obs 
_refine_ls_shell.R_factor_R_free 
_refine_ls_shell.R_factor_R_free_error 
_refine_ls_shell.R_factor_R_work 
_refine_ls_shell.redundancy_reflns_all 
_refine_ls_shell.redundancy_reflns_obs 
_refine_ls_shell.wR_factor_all 
_refine_ls_shell.wR_factor_obs 
_refine_ls_shell.wR_factor_R_free 
_refine_ls_shell.wR_factor_R_work 
_refine_ls_shell.pdbx_R_complete 
_refine_ls_shell.pdbx_total_number_of_bins_used 
_refine_ls_shell.pdbx_phase_error 
_refine_ls_shell.pdbx_fsc_work 
_refine_ls_shell.pdbx_fsc_free 
'X-RAY DIFFRACTION' 2.373 2.739  2819 . 143 2594 97.0912  . 0.335 . 0.361 . 0.334 . . . . . 0.325 . 4 . 0.693 0.675 
'X-RAY DIFFRACTION' 2.739 3.350  2422 . 110 2312 100.0000 . 0.254 . 0.286 . 0.252 . . . . . 0.228 . 4 . 0.900 0.868 
'X-RAY DIFFRACTION' 3.350 4.722  1920 . 95  1825 100.0000 . 0.186 . 0.228 . 0.183 . . . . . 0.166 . 4 . 0.957 0.943 
'X-RAY DIFFRACTION' 4.722 40.003 1168 . 53  1115 100.0000 . 0.218 . 0.244 . 0.217 . . . . . 0.206 . 4 . 0.952 0.927 
# 
_struct.entry_id                     7UI8 
_struct.title                        
'Intramolecular ester bond-containing repeat domain from E. columbae adhesin (split and religated)' 
_struct.pdbx_model_details           ? 
_struct.pdbx_formula_weight          ? 
_struct.pdbx_formula_weight_method   ? 
_struct.pdbx_model_type_details      ? 
_struct.pdbx_CASP_flag               N 
# 
_struct_keywords.entry_id        7UI8 
_struct_keywords.text            'Repeat domain, adhesin, intramolecular ester bond, Ig-like fold, CELL ADHESION' 
_struct_keywords.pdbx_keywords   'CELL ADHESION' 
# 
loop_
_struct_asym.id 
_struct_asym.pdbx_blank_PDB_chainid_flag 
_struct_asym.pdbx_modified 
_struct_asym.entity_id 
_struct_asym.details 
A N N 1 ? 
B N N 2 ? 
C N N 3 ? 
D N N 3 ? 
# 
loop_
_struct_ref.id 
_struct_ref.db_name 
_struct_ref.db_code 
_struct_ref.pdbx_db_accession 
_struct_ref.pdbx_db_isoform 
_struct_ref.entity_id 
_struct_ref.pdbx_seq_one_letter_code 
_struct_ref.pdbx_align_begin 
1 UNP S1N325_9ENTE S1N325 ? 1 
;KEYTNPKEGQLATTVSVKNNESTTPVRLLSKDTQGVEVTDTVSYSDLVGGKVYELTGTLMQIKADGSTEAIASASKEVTA
ETSGKGTWELTFAPQNLKAGEKYVVYEVAKSKENLVDSNKDDE
;
502 
2 UNP S1N325_9ENTE S1N325 ? 2 PDTKHEVRHENPQDEAQTIVVNK 625 
# 
loop_
_struct_ref_seq.align_id 
_struct_ref_seq.ref_id 
_struct_ref_seq.pdbx_PDB_id_code 
_struct_ref_seq.pdbx_strand_id 
_struct_ref_seq.seq_align_beg 
_struct_ref_seq.pdbx_seq_align_beg_ins_code 
_struct_ref_seq.seq_align_end 
_struct_ref_seq.pdbx_seq_align_end_ins_code 
_struct_ref_seq.pdbx_db_accession 
_struct_ref_seq.db_align_beg 
_struct_ref_seq.pdbx_db_align_beg_ins_code 
_struct_ref_seq.db_align_end 
_struct_ref_seq.pdbx_db_align_end_ins_code 
_struct_ref_seq.pdbx_auth_seq_align_beg 
_struct_ref_seq.pdbx_auth_seq_align_end 
1 1 7UI8 A 3 ? 125 ? S1N325 502 ? 624 ? 3   125 
2 2 7UI8 B 1 ? 23  ? S1N325 625 ? 647 ? 129 151 
# 
loop_
_struct_ref_seq_dif.align_id 
_struct_ref_seq_dif.pdbx_pdb_id_code 
_struct_ref_seq_dif.mon_id 
_struct_ref_seq_dif.pdbx_pdb_strand_id 
_struct_ref_seq_dif.seq_num 
_struct_ref_seq_dif.pdbx_pdb_ins_code 
_struct_ref_seq_dif.pdbx_seq_db_name 
_struct_ref_seq_dif.pdbx_seq_db_accession_code 
_struct_ref_seq_dif.db_mon_id 
_struct_ref_seq_dif.pdbx_seq_db_seq_num 
_struct_ref_seq_dif.details 
_struct_ref_seq_dif.pdbx_auth_seq_num 
_struct_ref_seq_dif.pdbx_ordinal 
1 7UI8 GLY A 1   ? UNP S1N325 ?   ?   'expression tag' 1   1 
1 7UI8 ALA A 2   ? UNP S1N325 ?   ?   'expression tag' 2   2 
1 7UI8 SER A 126 ? UNP S1N325 ?   ?   'expression tag' 126 3 
1 7UI8 HIS A 127 ? UNP S1N325 ?   ?   'expression tag' 127 4 
1 7UI8 GLY A 128 ? UNP S1N325 ?   ?   'expression tag' 128 5 
2 7UI8 GLY B 1   ? UNP S1N325 PRO 625 conflict         129 6 
# 
_pdbx_struct_assembly.id                   1 
_pdbx_struct_assembly.details              author_and_software_defined_assembly 
_pdbx_struct_assembly.method_details       PISA 
_pdbx_struct_assembly.oligomeric_details   dimeric 
_pdbx_struct_assembly.oligomeric_count     2 
# 
loop_
_pdbx_struct_assembly_prop.biol_id 
_pdbx_struct_assembly_prop.type 
_pdbx_struct_assembly_prop.value 
_pdbx_struct_assembly_prop.details 
1 'ABSA (A^2)' 3020 ? 
1 MORE         -15  ? 
1 'SSA (A^2)'  7150 ? 
# 
_pdbx_struct_assembly_gen.assembly_id       1 
_pdbx_struct_assembly_gen.oper_expression   1 
_pdbx_struct_assembly_gen.asym_id_list      A,B,C,D 
# 
_pdbx_struct_assembly_auth_evidence.id                     1 
_pdbx_struct_assembly_auth_evidence.assembly_id            1 
_pdbx_struct_assembly_auth_evidence.experimental_support   none 
_pdbx_struct_assembly_auth_evidence.details                ? 
# 
_pdbx_struct_oper_list.id                   1 
_pdbx_struct_oper_list.type                 'identity operation' 
_pdbx_struct_oper_list.name                 1_555 
_pdbx_struct_oper_list.symmetry_operation   x,y,z 
_pdbx_struct_oper_list.matrix[1][1]         1.0000000000 
_pdbx_struct_oper_list.matrix[1][2]         0.0000000000 
_pdbx_struct_oper_list.matrix[1][3]         0.0000000000 
_pdbx_struct_oper_list.vector[1]            0.0000000000 
_pdbx_struct_oper_list.matrix[2][1]         0.0000000000 
_pdbx_struct_oper_list.matrix[2][2]         1.0000000000 
_pdbx_struct_oper_list.matrix[2][3]         0.0000000000 
_pdbx_struct_oper_list.vector[2]            0.0000000000 
_pdbx_struct_oper_list.matrix[3][1]         0.0000000000 
_pdbx_struct_oper_list.matrix[3][2]         0.0000000000 
_pdbx_struct_oper_list.matrix[3][3]         1.0000000000 
_pdbx_struct_oper_list.vector[3]            0.0000000000 
# 
loop_
_struct_conf.conf_type_id 
_struct_conf.id 
_struct_conf.pdbx_PDB_helix_id 
_struct_conf.beg_label_comp_id 
_struct_conf.beg_label_asym_id 
_struct_conf.beg_label_seq_id 
_struct_conf.pdbx_beg_PDB_ins_code 
_struct_conf.end_label_comp_id 
_struct_conf.end_label_asym_id 
_struct_conf.end_label_seq_id 
_struct_conf.pdbx_end_PDB_ins_code 
_struct_conf.beg_auth_comp_id 
_struct_conf.beg_auth_asym_id 
_struct_conf.beg_auth_seq_id 
_struct_conf.end_auth_comp_id 
_struct_conf.end_auth_asym_id 
_struct_conf.end_auth_seq_id 
_struct_conf.pdbx_PDB_helix_class 
_struct_conf.details 
_struct_conf.pdbx_PDB_helix_length 
HELX_P HELX_P1 AA1 LEU A 31 ? THR A 35 ? LEU A 31  THR A 35  5 ? 5 
HELX_P HELX_P2 AA2 ASP B 14 ? ALA B 16 ? ASP B 142 ALA B 144 5 ? 3 
# 
_struct_conf_type.id          HELX_P 
_struct_conf_type.criteria    ? 
_struct_conf_type.reference   ? 
# 
_struct_conn.id                            covale1 
_struct_conn.conn_type_id                  covale 
_struct_conn.pdbx_leaving_atom_flag        none 
_struct_conn.pdbx_PDB_id                   ? 
_struct_conn.ptnr1_label_asym_id           A 
_struct_conn.ptnr1_label_comp_id           THR 
_struct_conn.ptnr1_label_seq_id            15 
_struct_conn.ptnr1_label_atom_id           OG1 
_struct_conn.pdbx_ptnr1_label_alt_id       ? 
_struct_conn.pdbx_ptnr1_PDB_ins_code       ? 
_struct_conn.pdbx_ptnr1_standard_comp_id   ? 
_struct_conn.ptnr1_symmetry                1_555 
_struct_conn.ptnr2_label_asym_id           B 
_struct_conn.ptnr2_label_comp_id           GLN 
_struct_conn.ptnr2_label_seq_id            17 
_struct_conn.ptnr2_label_atom_id           CD 
_struct_conn.pdbx_ptnr2_label_alt_id       ? 
_struct_conn.pdbx_ptnr2_PDB_ins_code       ? 
_struct_conn.ptnr1_auth_asym_id            A 
_struct_conn.ptnr1_auth_comp_id            THR 
_struct_conn.ptnr1_auth_seq_id             15 
_struct_conn.ptnr2_auth_asym_id            B 
_struct_conn.ptnr2_auth_comp_id            GLN 
_struct_conn.ptnr2_auth_seq_id             145 
_struct_conn.ptnr2_symmetry                1_555 
_struct_conn.pdbx_ptnr3_label_atom_id      ? 
_struct_conn.pdbx_ptnr3_label_seq_id       ? 
_struct_conn.pdbx_ptnr3_label_comp_id      ? 
_struct_conn.pdbx_ptnr3_label_asym_id      ? 
_struct_conn.pdbx_ptnr3_label_alt_id       ? 
_struct_conn.pdbx_ptnr3_PDB_ins_code       ? 
_struct_conn.details                       ? 
_struct_conn.pdbx_dist_value               1.313 
_struct_conn.pdbx_value_order              sing 
_struct_conn.pdbx_role                     ? 
# 
_struct_conn_type.id          covale 
_struct_conn_type.criteria    ? 
_struct_conn_type.reference   ? 
# 
_pdbx_modification_feature.ordinal                            1 
_pdbx_modification_feature.label_comp_id                      THR 
_pdbx_modification_feature.label_asym_id                      A 
_pdbx_modification_feature.label_seq_id                       15 
_pdbx_modification_feature.label_alt_id                       ? 
_pdbx_modification_feature.modified_residue_label_comp_id     GLN 
_pdbx_modification_feature.modified_residue_label_asym_id     B 
_pdbx_modification_feature.modified_residue_label_seq_id      17 
_pdbx_modification_feature.modified_residue_label_alt_id      ? 
_pdbx_modification_feature.auth_comp_id                       THR 
_pdbx_modification_feature.auth_asym_id                       A 
_pdbx_modification_feature.auth_seq_id                        15 
_pdbx_modification_feature.PDB_ins_code                       ? 
_pdbx_modification_feature.symmetry                           1_555 
_pdbx_modification_feature.modified_residue_auth_comp_id      GLN 
_pdbx_modification_feature.modified_residue_auth_asym_id      B 
_pdbx_modification_feature.modified_residue_auth_seq_id       145 
_pdbx_modification_feature.modified_residue_PDB_ins_code      ? 
_pdbx_modification_feature.modified_residue_symmetry          1_555 
_pdbx_modification_feature.comp_id_linking_atom               OG1 
_pdbx_modification_feature.modified_residue_id_linking_atom   CD 
_pdbx_modification_feature.modified_residue_id                . 
_pdbx_modification_feature.ref_pcm_id                         . 
_pdbx_modification_feature.ref_comp_id                        . 
_pdbx_modification_feature.type                               None 
_pdbx_modification_feature.category                           'Non-standard linkage' 
# 
_struct_mon_prot_cis.pdbx_id                1 
_struct_mon_prot_cis.label_comp_id          THR 
_struct_mon_prot_cis.label_seq_id           26 
_struct_mon_prot_cis.label_asym_id          A 
_struct_mon_prot_cis.label_alt_id           . 
_struct_mon_prot_cis.pdbx_PDB_ins_code      ? 
_struct_mon_prot_cis.auth_comp_id           THR 
_struct_mon_prot_cis.auth_seq_id            26 
_struct_mon_prot_cis.auth_asym_id           A 
_struct_mon_prot_cis.pdbx_label_comp_id_2   PRO 
_struct_mon_prot_cis.pdbx_label_seq_id_2    27 
_struct_mon_prot_cis.pdbx_label_asym_id_2   A 
_struct_mon_prot_cis.pdbx_PDB_ins_code_2    ? 
_struct_mon_prot_cis.pdbx_auth_comp_id_2    PRO 
_struct_mon_prot_cis.pdbx_auth_seq_id_2     27 
_struct_mon_prot_cis.pdbx_auth_asym_id_2    A 
_struct_mon_prot_cis.pdbx_PDB_model_num     1 
_struct_mon_prot_cis.pdbx_omega_angle       -3.09 
# 
loop_
_struct_sheet.id 
_struct_sheet.type 
_struct_sheet.number_strands 
_struct_sheet.details 
AA1 ? 3 ? 
AA2 ? 5 ? 
AA3 ? 4 ? 
# 
loop_
_struct_sheet_order.sheet_id 
_struct_sheet_order.range_id_1 
_struct_sheet_order.range_id_2 
_struct_sheet_order.offset 
_struct_sheet_order.sense 
AA1 1 2 ? anti-parallel 
AA1 2 3 ? anti-parallel 
AA2 1 2 ? parallel      
AA2 2 3 ? anti-parallel 
AA2 3 4 ? anti-parallel 
AA2 4 5 ? anti-parallel 
AA3 1 2 ? parallel      
AA3 2 3 ? anti-parallel 
AA3 3 4 ? anti-parallel 
# 
loop_
_struct_sheet_range.sheet_id 
_struct_sheet_range.id 
_struct_sheet_range.beg_label_comp_id 
_struct_sheet_range.beg_label_asym_id 
_struct_sheet_range.beg_label_seq_id 
_struct_sheet_range.pdbx_beg_PDB_ins_code 
_struct_sheet_range.end_label_comp_id 
_struct_sheet_range.end_label_asym_id 
_struct_sheet_range.end_label_seq_id 
_struct_sheet_range.pdbx_end_PDB_ins_code 
_struct_sheet_range.beg_auth_comp_id 
_struct_sheet_range.beg_auth_asym_id 
_struct_sheet_range.beg_auth_seq_id 
_struct_sheet_range.end_auth_comp_id 
_struct_sheet_range.end_auth_asym_id 
_struct_sheet_range.end_auth_seq_id 
AA1 1 GLN A 12  ? VAL A 19  ? GLN A 12  VAL A 19  
AA1 2 VAL A 40  ? SER A 47  ? VAL A 40  SER A 47  
AA1 3 GLY A 88  ? THR A 93  ? GLY A 88  THR A 93  
AA2 1 VAL A 28  ? LEU A 30  ? VAL A 28  LEU A 30  
AA2 2 THR B 18  ? VAL B 21  ? THR B 146 VAL B 149 
AA2 3 LYS A 104 ? SER A 113 ? LYS A 104 SER A 113 
AA2 4 VAL A 54  ? ILE A 64  ? VAL A 54  ILE A 64  
AA2 5 THR A 70  ? THR A 81  ? THR A 70  THR A 81  
AA3 1 VAL A 28  ? LEU A 30  ? VAL A 28  LEU A 30  
AA3 2 THR B 18  ? VAL B 21  ? THR B 146 VAL B 149 
AA3 3 LYS A 104 ? SER A 113 ? LYS A 104 SER A 113 
AA3 4 GLU B 6   ? HIS B 9   ? GLU B 134 HIS B 137 
# 
loop_
_pdbx_struct_sheet_hbond.sheet_id 
_pdbx_struct_sheet_hbond.range_id_1 
_pdbx_struct_sheet_hbond.range_id_2 
_pdbx_struct_sheet_hbond.range_1_label_atom_id 
_pdbx_struct_sheet_hbond.range_1_label_comp_id 
_pdbx_struct_sheet_hbond.range_1_label_asym_id 
_pdbx_struct_sheet_hbond.range_1_label_seq_id 
_pdbx_struct_sheet_hbond.range_1_PDB_ins_code 
_pdbx_struct_sheet_hbond.range_1_auth_atom_id 
_pdbx_struct_sheet_hbond.range_1_auth_comp_id 
_pdbx_struct_sheet_hbond.range_1_auth_asym_id 
_pdbx_struct_sheet_hbond.range_1_auth_seq_id 
_pdbx_struct_sheet_hbond.range_2_label_atom_id 
_pdbx_struct_sheet_hbond.range_2_label_comp_id 
_pdbx_struct_sheet_hbond.range_2_label_asym_id 
_pdbx_struct_sheet_hbond.range_2_label_seq_id 
_pdbx_struct_sheet_hbond.range_2_PDB_ins_code 
_pdbx_struct_sheet_hbond.range_2_auth_atom_id 
_pdbx_struct_sheet_hbond.range_2_auth_comp_id 
_pdbx_struct_sheet_hbond.range_2_auth_asym_id 
_pdbx_struct_sheet_hbond.range_2_auth_seq_id 
AA1 1 2 N ALA A 14  ? N ALA A 14  O SER A 45  ? O SER A 45  
AA1 2 3 N ASP A 42  ? N ASP A 42  O LEU A 92  ? O LEU A 92  
AA2 1 2 N VAL A 28  ? N VAL A 28  O VAL B 20  ? O VAL B 148 
AA2 2 3 O ILE B 19  ? O ILE B 147 N TYR A 105 ? N TYR A 105 
AA2 3 4 O LYS A 112 ? O LYS A 112 N GLU A 56  ? N GLU A 56  
AA2 4 5 N GLN A 63  ? N GLN A 63  O GLU A 71  ? O GLU A 71  
AA3 1 2 N VAL A 28  ? N VAL A 28  O VAL B 20  ? O VAL B 148 
AA3 2 3 O ILE B 19  ? O ILE B 147 N TYR A 105 ? N TYR A 105 
AA3 3 4 N GLU A 109 ? N GLU A 109 O HIS B 9   ? O HIS B 137 
# 
_pdbx_entry_details.entry_id                   7UI8 
_pdbx_entry_details.compound_details           ? 
_pdbx_entry_details.source_details             ? 
_pdbx_entry_details.nonpolymer_details         ? 
_pdbx_entry_details.sequence_details           ? 
_pdbx_entry_details.has_ligand_of_interest     ? 
_pdbx_entry_details.has_protein_modification   Y 
# 
loop_
_pdbx_validate_torsion.id 
_pdbx_validate_torsion.PDB_model_num 
_pdbx_validate_torsion.auth_comp_id 
_pdbx_validate_torsion.auth_asym_id 
_pdbx_validate_torsion.auth_seq_id 
_pdbx_validate_torsion.PDB_ins_code 
_pdbx_validate_torsion.label_alt_id 
_pdbx_validate_torsion.phi 
_pdbx_validate_torsion.psi 
1 1 GLU A 83 ? ? -47.38 151.78 
2 1 ALA A 95 ? ? -47.20 153.09 
# 
loop_
_pdbx_unobs_or_zero_occ_residues.id 
_pdbx_unobs_or_zero_occ_residues.PDB_model_num 
_pdbx_unobs_or_zero_occ_residues.polymer_flag 
_pdbx_unobs_or_zero_occ_residues.occupancy_flag 
_pdbx_unobs_or_zero_occ_residues.auth_asym_id 
_pdbx_unobs_or_zero_occ_residues.auth_comp_id 
_pdbx_unobs_or_zero_occ_residues.auth_seq_id 
_pdbx_unobs_or_zero_occ_residues.PDB_ins_code 
_pdbx_unobs_or_zero_occ_residues.label_asym_id 
_pdbx_unobs_or_zero_occ_residues.label_comp_id 
_pdbx_unobs_or_zero_occ_residues.label_seq_id 
1  1 Y 1 A GLY 1   ? A GLY 1   
2  1 Y 1 A ALA 2   ? A ALA 2   
3  1 Y 1 A LYS 3   ? A LYS 3   
4  1 Y 1 A GLU 4   ? A GLU 4   
5  1 Y 1 A TYR 5   ? A TYR 5   
6  1 Y 1 A ASP 119 ? A ASP 119 
7  1 Y 1 A SER 120 ? A SER 120 
8  1 Y 1 A ASN 121 ? A ASN 121 
9  1 Y 1 A LYS 122 ? A LYS 122 
10 1 Y 1 A ASP 123 ? A ASP 123 
11 1 Y 1 A ASP 124 ? A ASP 124 
12 1 Y 1 A GLU 125 ? A GLU 125 
13 1 Y 1 A SER 126 ? A SER 126 
14 1 Y 1 A HIS 127 ? A HIS 127 
15 1 Y 1 A GLY 128 ? A GLY 128 
# 
loop_
_chem_comp_atom.comp_id 
_chem_comp_atom.atom_id 
_chem_comp_atom.type_symbol 
_chem_comp_atom.pdbx_aromatic_flag 
_chem_comp_atom.pdbx_stereo_config 
_chem_comp_atom.pdbx_ordinal 
ALA N    N N N 1   
ALA CA   C N S 2   
ALA C    C N N 3   
ALA O    O N N 4   
ALA CB   C N N 5   
ALA OXT  O N N 6   
ALA H    H N N 7   
ALA H2   H N N 8   
ALA HA   H N N 9   
ALA HB1  H N N 10  
ALA HB2  H N N 11  
ALA HB3  H N N 12  
ALA HXT  H N N 13  
ARG N    N N N 14  
ARG CA   C N S 15  
ARG C    C N N 16  
ARG O    O N N 17  
ARG CB   C N N 18  
ARG CG   C N N 19  
ARG CD   C N N 20  
ARG NE   N N N 21  
ARG CZ   C N N 22  
ARG NH1  N N N 23  
ARG NH2  N N N 24  
ARG OXT  O N N 25  
ARG H    H N N 26  
ARG H2   H N N 27  
ARG HA   H N N 28  
ARG HB2  H N N 29  
ARG HB3  H N N 30  
ARG HG2  H N N 31  
ARG HG3  H N N 32  
ARG HD2  H N N 33  
ARG HD3  H N N 34  
ARG HE   H N N 35  
ARG HH11 H N N 36  
ARG HH12 H N N 37  
ARG HH21 H N N 38  
ARG HH22 H N N 39  
ARG HXT  H N N 40  
ASN N    N N N 41  
ASN CA   C N S 42  
ASN C    C N N 43  
ASN O    O N N 44  
ASN CB   C N N 45  
ASN CG   C N N 46  
ASN OD1  O N N 47  
ASN ND2  N N N 48  
ASN OXT  O N N 49  
ASN H    H N N 50  
ASN H2   H N N 51  
ASN HA   H N N 52  
ASN HB2  H N N 53  
ASN HB3  H N N 54  
ASN HD21 H N N 55  
ASN HD22 H N N 56  
ASN HXT  H N N 57  
ASP N    N N N 58  
ASP CA   C N S 59  
ASP C    C N N 60  
ASP O    O N N 61  
ASP CB   C N N 62  
ASP CG   C N N 63  
ASP OD1  O N N 64  
ASP OD2  O N N 65  
ASP OXT  O N N 66  
ASP H    H N N 67  
ASP H2   H N N 68  
ASP HA   H N N 69  
ASP HB2  H N N 70  
ASP HB3  H N N 71  
ASP HD2  H N N 72  
ASP HXT  H N N 73  
GLN N    N N N 74  
GLN CA   C N S 75  
GLN C    C N N 76  
GLN O    O N N 77  
GLN CB   C N N 78  
GLN CG   C N N 79  
GLN CD   C N N 80  
GLN OE1  O N N 81  
GLN NE2  N N N 82  
GLN OXT  O N N 83  
GLN H    H N N 84  
GLN H2   H N N 85  
GLN HA   H N N 86  
GLN HB2  H N N 87  
GLN HB3  H N N 88  
GLN HG2  H N N 89  
GLN HG3  H N N 90  
GLN HE21 H N N 91  
GLN HE22 H N N 92  
GLN HXT  H N N 93  
GLU N    N N N 94  
GLU CA   C N S 95  
GLU C    C N N 96  
GLU O    O N N 97  
GLU CB   C N N 98  
GLU CG   C N N 99  
GLU CD   C N N 100 
GLU OE1  O N N 101 
GLU OE2  O N N 102 
GLU OXT  O N N 103 
GLU H    H N N 104 
GLU H2   H N N 105 
GLU HA   H N N 106 
GLU HB2  H N N 107 
GLU HB3  H N N 108 
GLU HG2  H N N 109 
GLU HG3  H N N 110 
GLU HE2  H N N 111 
GLU HXT  H N N 112 
GLY N    N N N 113 
GLY CA   C N N 114 
GLY C    C N N 115 
GLY O    O N N 116 
GLY OXT  O N N 117 
GLY H    H N N 118 
GLY H2   H N N 119 
GLY HA2  H N N 120 
GLY HA3  H N N 121 
GLY HXT  H N N 122 
HIS N    N N N 123 
HIS CA   C N S 124 
HIS C    C N N 125 
HIS O    O N N 126 
HIS CB   C N N 127 
HIS CG   C Y N 128 
HIS ND1  N Y N 129 
HIS CD2  C Y N 130 
HIS CE1  C Y N 131 
HIS NE2  N Y N 132 
HIS OXT  O N N 133 
HIS H    H N N 134 
HIS H2   H N N 135 
HIS HA   H N N 136 
HIS HB2  H N N 137 
HIS HB3  H N N 138 
HIS HD1  H N N 139 
HIS HD2  H N N 140 
HIS HE1  H N N 141 
HIS HE2  H N N 142 
HIS HXT  H N N 143 
HOH O    O N N 144 
HOH H1   H N N 145 
HOH H2   H N N 146 
ILE N    N N N 147 
ILE CA   C N S 148 
ILE C    C N N 149 
ILE O    O N N 150 
ILE CB   C N S 151 
ILE CG1  C N N 152 
ILE CG2  C N N 153 
ILE CD1  C N N 154 
ILE OXT  O N N 155 
ILE H    H N N 156 
ILE H2   H N N 157 
ILE HA   H N N 158 
ILE HB   H N N 159 
ILE HG12 H N N 160 
ILE HG13 H N N 161 
ILE HG21 H N N 162 
ILE HG22 H N N 163 
ILE HG23 H N N 164 
ILE HD11 H N N 165 
ILE HD12 H N N 166 
ILE HD13 H N N 167 
ILE HXT  H N N 168 
LEU N    N N N 169 
LEU CA   C N S 170 
LEU C    C N N 171 
LEU O    O N N 172 
LEU CB   C N N 173 
LEU CG   C N N 174 
LEU CD1  C N N 175 
LEU CD2  C N N 176 
LEU OXT  O N N 177 
LEU H    H N N 178 
LEU H2   H N N 179 
LEU HA   H N N 180 
LEU HB2  H N N 181 
LEU HB3  H N N 182 
LEU HG   H N N 183 
LEU HD11 H N N 184 
LEU HD12 H N N 185 
LEU HD13 H N N 186 
LEU HD21 H N N 187 
LEU HD22 H N N 188 
LEU HD23 H N N 189 
LEU HXT  H N N 190 
LYS N    N N N 191 
LYS CA   C N S 192 
LYS C    C N N 193 
LYS O    O N N 194 
LYS CB   C N N 195 
LYS CG   C N N 196 
LYS CD   C N N 197 
LYS CE   C N N 198 
LYS NZ   N N N 199 
LYS OXT  O N N 200 
LYS H    H N N 201 
LYS H2   H N N 202 
LYS HA   H N N 203 
LYS HB2  H N N 204 
LYS HB3  H N N 205 
LYS HG2  H N N 206 
LYS HG3  H N N 207 
LYS HD2  H N N 208 
LYS HD3  H N N 209 
LYS HE2  H N N 210 
LYS HE3  H N N 211 
LYS HZ1  H N N 212 
LYS HZ2  H N N 213 
LYS HZ3  H N N 214 
LYS HXT  H N N 215 
MET N    N N N 216 
MET CA   C N S 217 
MET C    C N N 218 
MET O    O N N 219 
MET CB   C N N 220 
MET CG   C N N 221 
MET SD   S N N 222 
MET CE   C N N 223 
MET OXT  O N N 224 
MET H    H N N 225 
MET H2   H N N 226 
MET HA   H N N 227 
MET HB2  H N N 228 
MET HB3  H N N 229 
MET HG2  H N N 230 
MET HG3  H N N 231 
MET HE1  H N N 232 
MET HE2  H N N 233 
MET HE3  H N N 234 
MET HXT  H N N 235 
PHE N    N N N 236 
PHE CA   C N S 237 
PHE C    C N N 238 
PHE O    O N N 239 
PHE CB   C N N 240 
PHE CG   C Y N 241 
PHE CD1  C Y N 242 
PHE CD2  C Y N 243 
PHE CE1  C Y N 244 
PHE CE2  C Y N 245 
PHE CZ   C Y N 246 
PHE OXT  O N N 247 
PHE H    H N N 248 
PHE H2   H N N 249 
PHE HA   H N N 250 
PHE HB2  H N N 251 
PHE HB3  H N N 252 
PHE HD1  H N N 253 
PHE HD2  H N N 254 
PHE HE1  H N N 255 
PHE HE2  H N N 256 
PHE HZ   H N N 257 
PHE HXT  H N N 258 
PRO N    N N N 259 
PRO CA   C N S 260 
PRO C    C N N 261 
PRO O    O N N 262 
PRO CB   C N N 263 
PRO CG   C N N 264 
PRO CD   C N N 265 
PRO OXT  O N N 266 
PRO H    H N N 267 
PRO HA   H N N 268 
PRO HB2  H N N 269 
PRO HB3  H N N 270 
PRO HG2  H N N 271 
PRO HG3  H N N 272 
PRO HD2  H N N 273 
PRO HD3  H N N 274 
PRO HXT  H N N 275 
SER N    N N N 276 
SER CA   C N S 277 
SER C    C N N 278 
SER O    O N N 279 
SER CB   C N N 280 
SER OG   O N N 281 
SER OXT  O N N 282 
SER H    H N N 283 
SER H2   H N N 284 
SER HA   H N N 285 
SER HB2  H N N 286 
SER HB3  H N N 287 
SER HG   H N N 288 
SER HXT  H N N 289 
THR N    N N N 290 
THR CA   C N S 291 
THR C    C N N 292 
THR O    O N N 293 
THR CB   C N R 294 
THR OG1  O N N 295 
THR CG2  C N N 296 
THR OXT  O N N 297 
THR H    H N N 298 
THR H2   H N N 299 
THR HA   H N N 300 
THR HB   H N N 301 
THR HG1  H N N 302 
THR HG21 H N N 303 
THR HG22 H N N 304 
THR HG23 H N N 305 
THR HXT  H N N 306 
TRP N    N N N 307 
TRP CA   C N S 308 
TRP C    C N N 309 
TRP O    O N N 310 
TRP CB   C N N 311 
TRP CG   C Y N 312 
TRP CD1  C Y N 313 
TRP CD2  C Y N 314 
TRP NE1  N Y N 315 
TRP CE2  C Y N 316 
TRP CE3  C Y N 317 
TRP CZ2  C Y N 318 
TRP CZ3  C Y N 319 
TRP CH2  C Y N 320 
TRP OXT  O N N 321 
TRP H    H N N 322 
TRP H2   H N N 323 
TRP HA   H N N 324 
TRP HB2  H N N 325 
TRP HB3  H N N 326 
TRP HD1  H N N 327 
TRP HE1  H N N 328 
TRP HE3  H N N 329 
TRP HZ2  H N N 330 
TRP HZ3  H N N 331 
TRP HH2  H N N 332 
TRP HXT  H N N 333 
TYR N    N N N 334 
TYR CA   C N S 335 
TYR C    C N N 336 
TYR O    O N N 337 
TYR CB   C N N 338 
TYR CG   C Y N 339 
TYR CD1  C Y N 340 
TYR CD2  C Y N 341 
TYR CE1  C Y N 342 
TYR CE2  C Y N 343 
TYR CZ   C Y N 344 
TYR OH   O N N 345 
TYR OXT  O N N 346 
TYR H    H N N 347 
TYR H2   H N N 348 
TYR HA   H N N 349 
TYR HB2  H N N 350 
TYR HB3  H N N 351 
TYR HD1  H N N 352 
TYR HD2  H N N 353 
TYR HE1  H N N 354 
TYR HE2  H N N 355 
TYR HH   H N N 356 
TYR HXT  H N N 357 
VAL N    N N N 358 
VAL CA   C N S 359 
VAL C    C N N 360 
VAL O    O N N 361 
VAL CB   C N N 362 
VAL CG1  C N N 363 
VAL CG2  C N N 364 
VAL OXT  O N N 365 
VAL H    H N N 366 
VAL H2   H N N 367 
VAL HA   H N N 368 
VAL HB   H N N 369 
VAL HG11 H N N 370 
VAL HG12 H N N 371 
VAL HG13 H N N 372 
VAL HG21 H N N 373 
VAL HG22 H N N 374 
VAL HG23 H N N 375 
VAL HXT  H N N 376 
# 
loop_
_chem_comp_bond.comp_id 
_chem_comp_bond.atom_id_1 
_chem_comp_bond.atom_id_2 
_chem_comp_bond.value_order 
_chem_comp_bond.pdbx_aromatic_flag 
_chem_comp_bond.pdbx_stereo_config 
_chem_comp_bond.pdbx_ordinal 
ALA N   CA   sing N N 1   
ALA N   H    sing N N 2   
ALA N   H2   sing N N 3   
ALA CA  C    sing N N 4   
ALA CA  CB   sing N N 5   
ALA CA  HA   sing N N 6   
ALA C   O    doub N N 7   
ALA C   OXT  sing N N 8   
ALA CB  HB1  sing N N 9   
ALA CB  HB2  sing N N 10  
ALA CB  HB3  sing N N 11  
ALA OXT HXT  sing N N 12  
ARG N   CA   sing N N 13  
ARG N   H    sing N N 14  
ARG N   H2   sing N N 15  
ARG CA  C    sing N N 16  
ARG CA  CB   sing N N 17  
ARG CA  HA   sing N N 18  
ARG C   O    doub N N 19  
ARG C   OXT  sing N N 20  
ARG CB  CG   sing N N 21  
ARG CB  HB2  sing N N 22  
ARG CB  HB3  sing N N 23  
ARG CG  CD   sing N N 24  
ARG CG  HG2  sing N N 25  
ARG CG  HG3  sing N N 26  
ARG CD  NE   sing N N 27  
ARG CD  HD2  sing N N 28  
ARG CD  HD3  sing N N 29  
ARG NE  CZ   sing N N 30  
ARG NE  HE   sing N N 31  
ARG CZ  NH1  sing N N 32  
ARG CZ  NH2  doub N N 33  
ARG NH1 HH11 sing N N 34  
ARG NH1 HH12 sing N N 35  
ARG NH2 HH21 sing N N 36  
ARG NH2 HH22 sing N N 37  
ARG OXT HXT  sing N N 38  
ASN N   CA   sing N N 39  
ASN N   H    sing N N 40  
ASN N   H2   sing N N 41  
ASN CA  C    sing N N 42  
ASN CA  CB   sing N N 43  
ASN CA  HA   sing N N 44  
ASN C   O    doub N N 45  
ASN C   OXT  sing N N 46  
ASN CB  CG   sing N N 47  
ASN CB  HB2  sing N N 48  
ASN CB  HB3  sing N N 49  
ASN CG  OD1  doub N N 50  
ASN CG  ND2  sing N N 51  
ASN ND2 HD21 sing N N 52  
ASN ND2 HD22 sing N N 53  
ASN OXT HXT  sing N N 54  
ASP N   CA   sing N N 55  
ASP N   H    sing N N 56  
ASP N   H2   sing N N 57  
ASP CA  C    sing N N 58  
ASP CA  CB   sing N N 59  
ASP CA  HA   sing N N 60  
ASP C   O    doub N N 61  
ASP C   OXT  sing N N 62  
ASP CB  CG   sing N N 63  
ASP CB  HB2  sing N N 64  
ASP CB  HB3  sing N N 65  
ASP CG  OD1  doub N N 66  
ASP CG  OD2  sing N N 67  
ASP OD2 HD2  sing N N 68  
ASP OXT HXT  sing N N 69  
GLN N   CA   sing N N 70  
GLN N   H    sing N N 71  
GLN N   H2   sing N N 72  
GLN CA  C    sing N N 73  
GLN CA  CB   sing N N 74  
GLN CA  HA   sing N N 75  
GLN C   O    doub N N 76  
GLN C   OXT  sing N N 77  
GLN CB  CG   sing N N 78  
GLN CB  HB2  sing N N 79  
GLN CB  HB3  sing N N 80  
GLN CG  CD   sing N N 81  
GLN CG  HG2  sing N N 82  
GLN CG  HG3  sing N N 83  
GLN CD  OE1  doub N N 84  
GLN CD  NE2  sing N N 85  
GLN NE2 HE21 sing N N 86  
GLN NE2 HE22 sing N N 87  
GLN OXT HXT  sing N N 88  
GLU N   CA   sing N N 89  
GLU N   H    sing N N 90  
GLU N   H2   sing N N 91  
GLU CA  C    sing N N 92  
GLU CA  CB   sing N N 93  
GLU CA  HA   sing N N 94  
GLU C   O    doub N N 95  
GLU C   OXT  sing N N 96  
GLU CB  CG   sing N N 97  
GLU CB  HB2  sing N N 98  
GLU CB  HB3  sing N N 99  
GLU CG  CD   sing N N 100 
GLU CG  HG2  sing N N 101 
GLU CG  HG3  sing N N 102 
GLU CD  OE1  doub N N 103 
GLU CD  OE2  sing N N 104 
GLU OE2 HE2  sing N N 105 
GLU OXT HXT  sing N N 106 
GLY N   CA   sing N N 107 
GLY N   H    sing N N 108 
GLY N   H2   sing N N 109 
GLY CA  C    sing N N 110 
GLY CA  HA2  sing N N 111 
GLY CA  HA3  sing N N 112 
GLY C   O    doub N N 113 
GLY C   OXT  sing N N 114 
GLY OXT HXT  sing N N 115 
HIS N   CA   sing N N 116 
HIS N   H    sing N N 117 
HIS N   H2   sing N N 118 
HIS CA  C    sing N N 119 
HIS CA  CB   sing N N 120 
HIS CA  HA   sing N N 121 
HIS C   O    doub N N 122 
HIS C   OXT  sing N N 123 
HIS CB  CG   sing N N 124 
HIS CB  HB2  sing N N 125 
HIS CB  HB3  sing N N 126 
HIS CG  ND1  sing Y N 127 
HIS CG  CD2  doub Y N 128 
HIS ND1 CE1  doub Y N 129 
HIS ND1 HD1  sing N N 130 
HIS CD2 NE2  sing Y N 131 
HIS CD2 HD2  sing N N 132 
HIS CE1 NE2  sing Y N 133 
HIS CE1 HE1  sing N N 134 
HIS NE2 HE2  sing N N 135 
HIS OXT HXT  sing N N 136 
HOH O   H1   sing N N 137 
HOH O   H2   sing N N 138 
ILE N   CA   sing N N 139 
ILE N   H    sing N N 140 
ILE N   H2   sing N N 141 
ILE CA  C    sing N N 142 
ILE CA  CB   sing N N 143 
ILE CA  HA   sing N N 144 
ILE C   O    doub N N 145 
ILE C   OXT  sing N N 146 
ILE CB  CG1  sing N N 147 
ILE CB  CG2  sing N N 148 
ILE CB  HB   sing N N 149 
ILE CG1 CD1  sing N N 150 
ILE CG1 HG12 sing N N 151 
ILE CG1 HG13 sing N N 152 
ILE CG2 HG21 sing N N 153 
ILE CG2 HG22 sing N N 154 
ILE CG2 HG23 sing N N 155 
ILE CD1 HD11 sing N N 156 
ILE CD1 HD12 sing N N 157 
ILE CD1 HD13 sing N N 158 
ILE OXT HXT  sing N N 159 
LEU N   CA   sing N N 160 
LEU N   H    sing N N 161 
LEU N   H2   sing N N 162 
LEU CA  C    sing N N 163 
LEU CA  CB   sing N N 164 
LEU CA  HA   sing N N 165 
LEU C   O    doub N N 166 
LEU C   OXT  sing N N 167 
LEU CB  CG   sing N N 168 
LEU CB  HB2  sing N N 169 
LEU CB  HB3  sing N N 170 
LEU CG  CD1  sing N N 171 
LEU CG  CD2  sing N N 172 
LEU CG  HG   sing N N 173 
LEU CD1 HD11 sing N N 174 
LEU CD1 HD12 sing N N 175 
LEU CD1 HD13 sing N N 176 
LEU CD2 HD21 sing N N 177 
LEU CD2 HD22 sing N N 178 
LEU CD2 HD23 sing N N 179 
LEU OXT HXT  sing N N 180 
LYS N   CA   sing N N 181 
LYS N   H    sing N N 182 
LYS N   H2   sing N N 183 
LYS CA  C    sing N N 184 
LYS CA  CB   sing N N 185 
LYS CA  HA   sing N N 186 
LYS C   O    doub N N 187 
LYS C   OXT  sing N N 188 
LYS CB  CG   sing N N 189 
LYS CB  HB2  sing N N 190 
LYS CB  HB3  sing N N 191 
LYS CG  CD   sing N N 192 
LYS CG  HG2  sing N N 193 
LYS CG  HG3  sing N N 194 
LYS CD  CE   sing N N 195 
LYS CD  HD2  sing N N 196 
LYS CD  HD3  sing N N 197 
LYS CE  NZ   sing N N 198 
LYS CE  HE2  sing N N 199 
LYS CE  HE3  sing N N 200 
LYS NZ  HZ1  sing N N 201 
LYS NZ  HZ2  sing N N 202 
LYS NZ  HZ3  sing N N 203 
LYS OXT HXT  sing N N 204 
MET N   CA   sing N N 205 
MET N   H    sing N N 206 
MET N   H2   sing N N 207 
MET CA  C    sing N N 208 
MET CA  CB   sing N N 209 
MET CA  HA   sing N N 210 
MET C   O    doub N N 211 
MET C   OXT  sing N N 212 
MET CB  CG   sing N N 213 
MET CB  HB2  sing N N 214 
MET CB  HB3  sing N N 215 
MET CG  SD   sing N N 216 
MET CG  HG2  sing N N 217 
MET CG  HG3  sing N N 218 
MET SD  CE   sing N N 219 
MET CE  HE1  sing N N 220 
MET CE  HE2  sing N N 221 
MET CE  HE3  sing N N 222 
MET OXT HXT  sing N N 223 
PHE N   CA   sing N N 224 
PHE N   H    sing N N 225 
PHE N   H2   sing N N 226 
PHE CA  C    sing N N 227 
PHE CA  CB   sing N N 228 
PHE CA  HA   sing N N 229 
PHE C   O    doub N N 230 
PHE C   OXT  sing N N 231 
PHE CB  CG   sing N N 232 
PHE CB  HB2  sing N N 233 
PHE CB  HB3  sing N N 234 
PHE CG  CD1  doub Y N 235 
PHE CG  CD2  sing Y N 236 
PHE CD1 CE1  sing Y N 237 
PHE CD1 HD1  sing N N 238 
PHE CD2 CE2  doub Y N 239 
PHE CD2 HD2  sing N N 240 
PHE CE1 CZ   doub Y N 241 
PHE CE1 HE1  sing N N 242 
PHE CE2 CZ   sing Y N 243 
PHE CE2 HE2  sing N N 244 
PHE CZ  HZ   sing N N 245 
PHE OXT HXT  sing N N 246 
PRO N   CA   sing N N 247 
PRO N   CD   sing N N 248 
PRO N   H    sing N N 249 
PRO CA  C    sing N N 250 
PRO CA  CB   sing N N 251 
PRO CA  HA   sing N N 252 
PRO C   O    doub N N 253 
PRO C   OXT  sing N N 254 
PRO CB  CG   sing N N 255 
PRO CB  HB2  sing N N 256 
PRO CB  HB3  sing N N 257 
PRO CG  CD   sing N N 258 
PRO CG  HG2  sing N N 259 
PRO CG  HG3  sing N N 260 
PRO CD  HD2  sing N N 261 
PRO CD  HD3  sing N N 262 
PRO OXT HXT  sing N N 263 
SER N   CA   sing N N 264 
SER N   H    sing N N 265 
SER N   H2   sing N N 266 
SER CA  C    sing N N 267 
SER CA  CB   sing N N 268 
SER CA  HA   sing N N 269 
SER C   O    doub N N 270 
SER C   OXT  sing N N 271 
SER CB  OG   sing N N 272 
SER CB  HB2  sing N N 273 
SER CB  HB3  sing N N 274 
SER OG  HG   sing N N 275 
SER OXT HXT  sing N N 276 
THR N   CA   sing N N 277 
THR N   H    sing N N 278 
THR N   H2   sing N N 279 
THR CA  C    sing N N 280 
THR CA  CB   sing N N 281 
THR CA  HA   sing N N 282 
THR C   O    doub N N 283 
THR C   OXT  sing N N 284 
THR CB  OG1  sing N N 285 
THR CB  CG2  sing N N 286 
THR CB  HB   sing N N 287 
THR OG1 HG1  sing N N 288 
THR CG2 HG21 sing N N 289 
THR CG2 HG22 sing N N 290 
THR CG2 HG23 sing N N 291 
THR OXT HXT  sing N N 292 
TRP N   CA   sing N N 293 
TRP N   H    sing N N 294 
TRP N   H2   sing N N 295 
TRP CA  C    sing N N 296 
TRP CA  CB   sing N N 297 
TRP CA  HA   sing N N 298 
TRP C   O    doub N N 299 
TRP C   OXT  sing N N 300 
TRP CB  CG   sing N N 301 
TRP CB  HB2  sing N N 302 
TRP CB  HB3  sing N N 303 
TRP CG  CD1  doub Y N 304 
TRP CG  CD2  sing Y N 305 
TRP CD1 NE1  sing Y N 306 
TRP CD1 HD1  sing N N 307 
TRP CD2 CE2  doub Y N 308 
TRP CD2 CE3  sing Y N 309 
TRP NE1 CE2  sing Y N 310 
TRP NE1 HE1  sing N N 311 
TRP CE2 CZ2  sing Y N 312 
TRP CE3 CZ3  doub Y N 313 
TRP CE3 HE3  sing N N 314 
TRP CZ2 CH2  doub Y N 315 
TRP CZ2 HZ2  sing N N 316 
TRP CZ3 CH2  sing Y N 317 
TRP CZ3 HZ3  sing N N 318 
TRP CH2 HH2  sing N N 319 
TRP OXT HXT  sing N N 320 
TYR N   CA   sing N N 321 
TYR N   H    sing N N 322 
TYR N   H2   sing N N 323 
TYR CA  C    sing N N 324 
TYR CA  CB   sing N N 325 
TYR CA  HA   sing N N 326 
TYR C   O    doub N N 327 
TYR C   OXT  sing N N 328 
TYR CB  CG   sing N N 329 
TYR CB  HB2  sing N N 330 
TYR CB  HB3  sing N N 331 
TYR CG  CD1  doub Y N 332 
TYR CG  CD2  sing Y N 333 
TYR CD1 CE1  sing Y N 334 
TYR CD1 HD1  sing N N 335 
TYR CD2 CE2  doub Y N 336 
TYR CD2 HD2  sing N N 337 
TYR CE1 CZ   doub Y N 338 
TYR CE1 HE1  sing N N 339 
TYR CE2 CZ   sing Y N 340 
TYR CE2 HE2  sing N N 341 
TYR CZ  OH   sing N N 342 
TYR OH  HH   sing N N 343 
TYR OXT HXT  sing N N 344 
VAL N   CA   sing N N 345 
VAL N   H    sing N N 346 
VAL N   H2   sing N N 347 
VAL CA  C    sing N N 348 
VAL CA  CB   sing N N 349 
VAL CA  HA   sing N N 350 
VAL C   O    doub N N 351 
VAL C   OXT  sing N N 352 
VAL CB  CG1  sing N N 353 
VAL CB  CG2  sing N N 354 
VAL CB  HB   sing N N 355 
VAL CG1 HG11 sing N N 356 
VAL CG1 HG12 sing N N 357 
VAL CG1 HG13 sing N N 358 
VAL CG2 HG21 sing N N 359 
VAL CG2 HG22 sing N N 360 
VAL CG2 HG23 sing N N 361 
VAL OXT HXT  sing N N 362 
# 
_pdbx_audit_support.funding_organization   'Not funded' 
_pdbx_audit_support.country                ? 
_pdbx_audit_support.grant_number           ? 
_pdbx_audit_support.ordinal                1 
# 
_pdbx_initial_refinement_model.id               1 
_pdbx_initial_refinement_model.entity_id_list   ? 
_pdbx_initial_refinement_model.type             'experimental model' 
_pdbx_initial_refinement_model.source_name      PDB 
_pdbx_initial_refinement_model.accession_code   4NI6 
_pdbx_initial_refinement_model.details          ? 
# 
_atom_sites.entry_id                    7UI8 
_atom_sites.Cartn_transf_matrix[1][1]   ? 
_atom_sites.Cartn_transf_matrix[1][2]   ? 
_atom_sites.Cartn_transf_matrix[1][3]   ? 
_atom_sites.Cartn_transf_matrix[2][1]   ? 
_atom_sites.Cartn_transf_matrix[2][2]   ? 
_atom_sites.Cartn_transf_matrix[2][3]   ? 
_atom_sites.Cartn_transf_matrix[3][1]   ? 
_atom_sites.Cartn_transf_matrix[3][2]   ? 
_atom_sites.Cartn_transf_matrix[3][3]   ? 
_atom_sites.Cartn_transf_vector[1]      ? 
_atom_sites.Cartn_transf_vector[2]      ? 
_atom_sites.Cartn_transf_vector[3]      ? 
_atom_sites.fract_transf_matrix[1][1]   0.00074927 
_atom_sites.fract_transf_matrix[1][2]   0.00640209 
_atom_sites.fract_transf_matrix[1][3]   -0.00706107 
_atom_sites.fract_transf_matrix[2][1]   0.00307938 
_atom_sites.fract_transf_matrix[2][2]   -0.00273754 
_atom_sites.fract_transf_matrix[2][3]   -0.00862763 
_atom_sites.fract_transf_matrix[3][1]   -0.02072629 
_atom_sites.fract_transf_matrix[3][2]   -0.00424709 
_atom_sites.fract_transf_matrix[3][3]   -0.00605005 
_atom_sites.fract_transf_vector[1]      -0.105323 
_atom_sites.fract_transf_vector[2]      0.323411 
_atom_sites.fract_transf_vector[3]      0.475464 
_atom_sites.solution_primary            ? 
_atom_sites.solution_secondary          ? 
_atom_sites.solution_hydrogens          ? 
_atom_sites.special_details             ? 
# 
loop_
_atom_type.symbol 
_atom_type.pdbx_scat_Z 
_atom_type.pdbx_N_electrons 
_atom_type.scat_Cromer_Mann_a1 
_atom_type.scat_Cromer_Mann_b1 
_atom_type.scat_Cromer_Mann_a2 
_atom_type.scat_Cromer_Mann_b2 
_atom_type.scat_Cromer_Mann_a3 
_atom_type.scat_Cromer_Mann_b3 
_atom_type.scat_Cromer_Mann_a4 
_atom_type.scat_Cromer_Mann_b4 
_atom_type.scat_Cromer_Mann_c 
C 6  6  2.310  20.844 1.020 10.208 1.589 0.569  0.865 51.651 0.216   
H 1  1  0.493  10.511 0.323 26.126 0.140 3.142  0.041 57.800 0.003   
N 7  7  12.222 0.006  3.135 9.893  2.014 28.997 1.167 0.583  -11.538 
O 8  8  3.049  13.277 2.287 5.701  1.546 0.324  0.867 32.909 0.251   
S 16 16 6.905  1.468  5.203 22.215 1.438 0.254  1.586 56.172 1.056   
# 
loop_
_atom_site.group_PDB 
_atom_site.id 
_atom_site.type_symbol 
_atom_site.label_atom_id 
_atom_site.label_alt_id 
_atom_site.label_comp_id 
_atom_site.label_asym_id 
_atom_site.label_entity_id 
_atom_site.label_seq_id 
_atom_site.pdbx_PDB_ins_code 
_atom_site.Cartn_x 
_atom_site.Cartn_y 
_atom_site.Cartn_z 
_atom_site.occupancy 
_atom_site.B_iso_or_equiv 
_atom_site.pdbx_formal_charge 
_atom_site.auth_seq_id 
_atom_site.auth_comp_id 
_atom_site.auth_asym_id 
_atom_site.auth_atom_id 
_atom_site.pdbx_PDB_model_num 
_atom_site.calc_flag 
ATOM   1    N N   . THR A 1 6   ? -22.543 2.257   9.056   1.000 72.057  0 6   THR A N   1 ? 
ATOM   2    C CA  . THR A 1 6   ? -21.291 1.447   9.215   1.000 72.026  0 6   THR A CA  1 ? 
ATOM   3    C C   . THR A 1 6   ? -20.510 1.876   10.456  1.000 66.293  0 6   THR A C   1 ? 
ATOM   4    O O   . THR A 1 6   ? -20.256 3.085   10.606  1.000 64.821  0 6   THR A O   1 ? 
ATOM   5    C CB  . THR A 1 6   ? -20.330 1.600   8.032   1.000 73.047  0 6   THR A CB  1 ? 
ATOM   6    O OG1 . THR A 1 6   ? -21.110 1.545   6.841   1.000 81.645  0 6   THR A OG1 1 ? 
ATOM   7    C CG2 . THR A 1 6   ? -19.261 0.530   8.009   1.000 73.743  0 6   THR A CG2 1 ? 
ATOM   8    N N   . ASN A 1 7   ? -20.098 0.906   11.273  1.000 64.514  0 7   ASN A N   1 ? 
ATOM   9    C CA  . ASN A 1 7   ? -19.192 1.133   12.426  1.000 64.237  0 7   ASN A CA  1 ? 
ATOM   10   C C   . ASN A 1 7   ? -17.911 1.760   11.877  1.000 62.846  0 7   ASN A C   1 ? 
ATOM   11   O O   . ASN A 1 7   ? -17.319 1.229   10.939  1.000 59.528  0 7   ASN A O   1 ? 
ATOM   12   C CB  . ASN A 1 7   ? -18.962 -0.160  13.216  1.000 64.282  0 7   ASN A CB  1 ? 
ATOM   13   C CG  . ASN A 1 7   ? -18.305 0.059   14.564  1.000 65.076  0 7   ASN A CG  1 ? 
ATOM   14   O OD1 . ASN A 1 7   ? -17.384 0.861   14.694  1.000 60.807  0 7   ASN A OD1 1 ? 
ATOM   15   N ND2 . ASN A 1 7   ? -18.756 -0.664  15.576  1.000 67.280  0 7   ASN A ND2 1 ? 
ATOM   16   N N   . PRO A 1 8   ? -17.480 2.933   12.402  1.000 62.244  0 8   PRO A N   1 ? 
ATOM   17   C CA  . PRO A 1 8   ? -16.216 3.554   11.997  1.000 62.169  0 8   PRO A CA  1 ? 
ATOM   18   C C   . PRO A 1 8   ? -14.978 2.652   12.124  1.000 61.974  0 8   PRO A C   1 ? 
ATOM   19   O O   . PRO A 1 8   ? -14.072 2.822   11.344  1.000 60.672  0 8   PRO A O   1 ? 
ATOM   20   C CB  . PRO A 1 8   ? -16.065 4.733   12.969  1.000 61.780  0 8   PRO A CB  1 ? 
ATOM   21   C CG  . PRO A 1 8   ? -17.479 5.066   13.382  1.000 61.747  0 8   PRO A CG  1 ? 
ATOM   22   C CD  . PRO A 1 8   ? -18.205 3.741   13.395  1.000 62.131  0 8   PRO A CD  1 ? 
ATOM   23   N N   . LYS A 1 9   ? -14.989 1.732   13.096  1.000 62.698  0 9   LYS A N   1 ? 
ATOM   24   C CA  . LYS A 1 9   ? -13.891 0.780   13.429  1.000 61.169  0 9   LYS A CA  1 ? 
ATOM   25   C C   . LYS A 1 9   ? -13.844 -0.414  12.465  1.000 58.664  0 9   LYS A C   1 ? 
ATOM   26   O O   . LYS A 1 9   ? -12.819 -1.108  12.467  1.000 61.463  0 9   LYS A O   1 ? 
ATOM   27   C CB  . LYS A 1 9   ? -14.090 0.225   14.845  1.000 64.298  0 9   LYS A CB  1 ? 
ATOM   28   C CG  . LYS A 1 9   ? -14.123 1.261   15.958  1.000 65.500  0 9   LYS A CG  1 ? 
ATOM   29   C CD  . LYS A 1 9   ? -12.952 2.216   15.921  1.000 65.092  0 9   LYS A CD  1 ? 
ATOM   30   C CE  . LYS A 1 9   ? -12.619 2.789   17.279  1.000 65.683  0 9   LYS A CE  1 ? 
ATOM   31   N NZ  . LYS A 1 9   ? -13.808 3.397   17.915  1.000 68.213  0 9   LYS A NZ  1 ? 
ATOM   32   N N   . GLU A 1 10  ? -14.926 -0.696  11.736  1.000 60.565  0 10  GLU A N   1 ? 
ATOM   33   C CA  . GLU A 1 10  ? -15.004 -1.807  10.747  1.000 63.152  0 10  GLU A CA  1 ? 
ATOM   34   C C   . GLU A 1 10  ? -13.965 -1.581  9.647   1.000 59.560  0 10  GLU A C   1 ? 
ATOM   35   O O   . GLU A 1 10  ? -13.808 -0.429  9.222   1.000 59.928  0 10  GLU A O   1 ? 
ATOM   36   C CB  . GLU A 1 10  ? -16.388 -1.882  10.096  1.000 72.614  0 10  GLU A CB  1 ? 
ATOM   37   C CG  . GLU A 1 10  ? -17.191 -3.100  10.503  1.000 81.373  0 10  GLU A CG  1 ? 
ATOM   38   C CD  . GLU A 1 10  ? -18.659 -3.055  10.107  1.000 91.881  0 10  GLU A CD  1 ? 
ATOM   39   O OE1 . GLU A 1 10  ? -19.274 -1.965  10.204  1.000 95.502  0 10  GLU A OE1 1 ? 
ATOM   40   O OE2 . GLU A 1 10  ? -19.184 -4.111  9.689   1.000 102.667 0 10  GLU A OE2 1 ? 
ATOM   41   N N   . GLY A 1 11  ? -13.317 -2.651  9.183   1.000 57.200  0 11  GLY A N   1 ? 
ATOM   42   C CA  . GLY A 1 11  ? -12.452 -2.629  7.990   1.000 56.539  0 11  GLY A CA  1 ? 
ATOM   43   C C   . GLY A 1 11  ? -11.035 -3.075  8.297   1.000 55.862  0 11  GLY A C   1 ? 
ATOM   44   O O   . GLY A 1 11  ? -10.495 -2.701  9.345   1.000 53.703  0 11  GLY A O   1 ? 
ATOM   45   N N   . GLN A 1 12  ? -10.449 -3.841  7.388   1.000 57.246  0 12  GLN A N   1 ? 
ATOM   46   C CA  . GLN A 1 12  ? -9.042  -4.295  7.456   1.000 60.304  0 12  GLN A CA  1 ? 
ATOM   47   C C   . GLN A 1 12  ? -8.419  -4.147  6.069   1.000 56.585  0 12  GLN A C   1 ? 
ATOM   48   O O   . GLN A 1 12  ? -9.088  -4.503  5.091   1.000 54.347  0 12  GLN A O   1 ? 
ATOM   49   C CB  . GLN A 1 12  ? -9.003  -5.747  7.929   1.000 66.052  0 12  GLN A CB  1 ? 
ATOM   50   C CG  . GLN A 1 12  ? -9.054  -5.891  9.440   1.000 71.104  0 12  GLN A CG  1 ? 
ATOM   51   C CD  . GLN A 1 12  ? -7.751  -6.410  9.986   1.000 74.579  0 12  GLN A CD  1 ? 
ATOM   52   O OE1 . GLN A 1 12  ? -7.048  -5.724  10.728  1.000 80.731  0 12  GLN A OE1 1 ? 
ATOM   53   N NE2 . GLN A 1 12  ? -7.421  -7.637  9.615   1.000 72.879  0 12  GLN A NE2 1 ? 
ATOM   54   N N   . LEU A 1 13  ? -7.194  -3.623  6.008   1.000 57.237  0 13  LEU A N   1 ? 
ATOM   55   C CA  . LEU A 1 13  ? -6.313  -3.683  4.816   1.000 56.636  0 13  LEU A CA  1 ? 
ATOM   56   C C   . LEU A 1 13  ? -5.070  -4.497  5.184   1.000 55.447  0 13  LEU A C   1 ? 
ATOM   57   O O   . LEU A 1 13  ? -4.361  -4.101  6.123   1.000 57.703  0 13  LEU A O   1 ? 
ATOM   58   C CB  . LEU A 1 13  ? -5.925  -2.266  4.372   1.000 58.366  0 13  LEU A CB  1 ? 
ATOM   59   C CG  . LEU A 1 13  ? -7.068  -1.320  4.000   1.000 59.376  0 13  LEU A CG  1 ? 
ATOM   60   C CD1 . LEU A 1 13  ? -6.522  -0.025  3.417   1.000 58.014  0 13  LEU A CD1 1 ? 
ATOM   61   C CD2 . LEU A 1 13  ? -8.044  -1.966  3.026   1.000 61.580  0 13  LEU A CD2 1 ? 
ATOM   62   N N   . ALA A 1 14  ? -4.842  -5.613  4.492   1.000 56.119  0 14  ALA A N   1 ? 
ATOM   63   C CA  . ALA A 1 14  ? -3.541  -6.317  4.435   1.000 55.299  0 14  ALA A CA  1 ? 
ATOM   64   C C   . ALA A 1 14  ? -2.895  -5.977  3.089   1.000 58.224  0 14  ALA A C   1 ? 
ATOM   65   O O   . ALA A 1 14  ? -3.614  -5.969  2.068   1.000 63.429  0 14  ALA A O   1 ? 
ATOM   66   C CB  . ALA A 1 14  ? -3.736  -7.801  4.621   1.000 52.397  0 14  ALA A CB  1 ? 
ATOM   67   N N   . THR A 1 15  ? -1.598  -5.669  3.084   1.000 55.662  0 15  THR A N   1 ? 
ATOM   68   C CA  . THR A 1 15  ? -0.853  -5.255  1.870   1.000 54.628  0 15  THR A CA  1 ? 
ATOM   69   C C   . THR A 1 15  ? 0.376   -6.152  1.701   1.000 56.110  0 15  THR A C   1 ? 
ATOM   70   O O   . THR A 1 15  ? 1.059   -6.427  2.703   1.000 59.792  0 15  THR A O   1 ? 
ATOM   71   C CB  . THR A 1 15  ? -0.475  -3.771  1.927   1.000 56.236  0 15  THR A CB  1 ? 
ATOM   72   O OG1 . THR A 1 15  ? 0.570   -3.611  2.886   1.000 58.647  0 15  THR A OG1 1 ? 
ATOM   73   C CG2 . THR A 1 15  ? -1.638  -2.873  2.285   1.000 57.464  0 15  THR A CG2 1 ? 
ATOM   74   N N   . THR A 1 16  ? 0.624   -6.600  0.470   1.000 56.217  0 16  THR A N   1 ? 
ATOM   75   C CA  . THR A 1 16  ? 1.861   -7.305  0.054   1.000 57.815  0 16  THR A CA  1 ? 
ATOM   76   C C   . THR A 1 16  ? 2.496   -6.516  -1.091  1.000 57.107  0 16  THR A C   1 ? 
ATOM   77   O O   . THR A 1 16  ? 1.853   -6.400  -2.148  1.000 58.646  0 16  THR A O   1 ? 
ATOM   78   C CB  . THR A 1 16  ? 1.566   -8.758  -0.332  1.000 57.116  0 16  THR A CB  1 ? 
ATOM   79   O OG1 . THR A 1 16  ? 0.797   -9.309  0.737   1.000 55.950  0 16  THR A OG1 1 ? 
ATOM   80   C CG2 . THR A 1 16  ? 2.818   -9.577  -0.556  1.000 55.627  0 16  THR A CG2 1 ? 
ATOM   81   N N   . VAL A 1 17  ? 3.689   -5.963  -0.869  1.000 56.691  0 17  VAL A N   1 ? 
ATOM   82   C CA  . VAL A 1 17  ? 4.453   -5.229  -1.917  1.000 56.961  0 17  VAL A CA  1 ? 
ATOM   83   C C   . VAL A 1 17  ? 5.177   -6.257  -2.791  1.000 55.257  0 17  VAL A C   1 ? 
ATOM   84   O O   . VAL A 1 17  ? 5.601   -7.306  -2.262  1.000 54.377  0 17  VAL A O   1 ? 
ATOM   85   C CB  . VAL A 1 17  ? 5.422   -4.200  -1.306  1.000 59.027  0 17  VAL A CB  1 ? 
ATOM   86   C CG1 . VAL A 1 17  ? 6.686   -4.845  -0.750  1.000 58.725  0 17  VAL A CG1 1 ? 
ATOM   87   C CG2 . VAL A 1 17  ? 5.768   -3.114  -2.312  1.000 60.651  0 17  VAL A CG2 1 ? 
ATOM   88   N N   . SER A 1 18  ? 5.279   -5.977  -4.091  1.000 56.247  0 18  SER A N   1 ? 
ATOM   89   C CA  . SER A 1 18  ? 6.067   -6.767  -5.071  1.000 56.940  0 18  SER A CA  1 ? 
ATOM   90   C C   . SER A 1 18  ? 6.789   -5.809  -6.021  1.000 56.381  0 18  SER A C   1 ? 
ATOM   91   O O   . SER A 1 18  ? 6.362   -4.642  -6.148  1.000 55.883  0 18  SER A O   1 ? 
ATOM   92   C CB  . SER A 1 18  ? 5.209   -7.766  -5.820  1.000 54.293  0 18  SER A CB  1 ? 
ATOM   93   O OG  . SER A 1 18  ? 4.213   -7.114  -6.584  1.000 56.637  0 18  SER A OG  1 ? 
ATOM   94   N N   . VAL A 1 19  ? 7.866   -6.290  -6.634  1.000 56.431  0 19  VAL A N   1 ? 
ATOM   95   C CA  . VAL A 1 19  ? 8.619   -5.566  -7.697  1.000 55.467  0 19  VAL A CA  1 ? 
ATOM   96   C C   . VAL A 1 19  ? 8.628   -6.439  -8.951  1.000 53.744  0 19  VAL A C   1 ? 
ATOM   97   O O   . VAL A 1 19  ? 8.886   -7.653  -8.828  1.000 50.977  0 19  VAL A O   1 ? 
ATOM   98   C CB  . VAL A 1 19  ? 10.041  -5.227  -7.220  1.000 54.684  0 19  VAL A CB  1 ? 
ATOM   99   C CG1 . VAL A 1 19  ? 10.942  -4.828  -8.376  1.000 53.843  0 19  VAL A CG1 1 ? 
ATOM   100  C CG2 . VAL A 1 19  ? 10.006  -4.142  -6.159  1.000 57.084  0 19  VAL A CG2 1 ? 
ATOM   101  N N   . LYS A 1 20  ? 8.363   -5.833  -10.108 1.000 55.700  0 20  LYS A N   1 ? 
ATOM   102  C CA  . LYS A 1 20  ? 8.337   -6.533  -11.417 1.000 62.699  0 20  LYS A CA  1 ? 
ATOM   103  C C   . LYS A 1 20  ? 9.647   -7.310  -11.623 1.000 64.587  0 20  LYS A C   1 ? 
ATOM   104  O O   . LYS A 1 20  ? 10.735  -6.736  -11.387 1.000 62.375  0 20  LYS A O   1 ? 
ATOM   105  C CB  . LYS A 1 20  ? 8.103   -5.538  -12.555 1.000 66.023  0 20  LYS A CB  1 ? 
ATOM   106  C CG  . LYS A 1 20  ? 7.493   -6.167  -13.796 1.000 69.817  0 20  LYS A CG  1 ? 
ATOM   107  C CD  . LYS A 1 20  ? 7.459   -5.243  -14.979 1.000 75.585  0 20  LYS A CD  1 ? 
ATOM   108  C CE  . LYS A 1 20  ? 6.795   -5.873  -16.185 1.000 81.148  0 20  LYS A CE  1 ? 
ATOM   109  N NZ  . LYS A 1 20  ? 6.205   -4.838  -17.067 1.000 84.799  0 20  LYS A NZ  1 ? 
ATOM   110  N N   . ASN A 1 21  ? 9.529   -8.581  -12.021 1.000 67.516  0 21  ASN A N   1 ? 
ATOM   111  C CA  . ASN A 1 21  ? 10.650  -9.486  -12.399 1.000 69.248  0 21  ASN A CA  1 ? 
ATOM   112  C C   . ASN A 1 21  ? 11.536  -9.753  -11.182 1.000 66.494  0 21  ASN A C   1 ? 
ATOM   113  O O   . ASN A 1 21  ? 12.704  -10.118 -11.367 1.000 67.383  0 21  ASN A O   1 ? 
ATOM   114  C CB  . ASN A 1 21  ? 11.400  -8.939  -13.613 1.000 72.767  0 21  ASN A CB  1 ? 
ATOM   115  C CG  . ASN A 1 21  ? 10.497  -8.924  -14.828 1.000 77.076  0 21  ASN A CG  1 ? 
ATOM   116  O OD1 . ASN A 1 21  ? 10.038  -9.978  -15.267 1.000 82.520  0 21  ASN A OD1 1 ? 
ATOM   117  N ND2 . ASN A 1 21  ? 10.204  -7.742  -15.346 1.000 79.031  0 21  ASN A ND2 1 ? 
ATOM   118  N N   . ASN A 1 22  ? 10.962  -9.610  -9.988  1.000 65.488  0 22  ASN A N   1 ? 
ATOM   119  C CA  . ASN A 1 22  ? 11.554  -10.015 -8.690  1.000 62.682  0 22  ASN A CA  1 ? 
ATOM   120  C C   . ASN A 1 22  ? 10.576  -11.004 -8.048  1.000 64.051  0 22  ASN A C   1 ? 
ATOM   121  O O   . ASN A 1 22  ? 9.376   -10.709 -8.036  1.000 67.358  0 22  ASN A O   1 ? 
ATOM   122  C CB  . ASN A 1 22  ? 11.825  -8.793  -7.815  1.000 60.994  0 22  ASN A CB  1 ? 
ATOM   123  C CG  . ASN A 1 22  ? 12.610  -9.118  -6.565  1.000 59.998  0 22  ASN A CG  1 ? 
ATOM   124  O OD1 . ASN A 1 22  ? 12.155  -9.887  -5.724  1.000 58.203  0 22  ASN A OD1 1 ? 
ATOM   125  N ND2 . ASN A 1 22  ? 13.778  -8.517  -6.422  1.000 62.474  0 22  ASN A ND2 1 ? 
ATOM   126  N N   . GLU A 1 23  ? 11.081  -12.129 -7.544  1.000 65.499  0 23  GLU A N   1 ? 
ATOM   127  C CA  . GLU A 1 23  ? 10.281  -13.279 -7.044  1.000 68.671  0 23  GLU A CA  1 ? 
ATOM   128  C C   . GLU A 1 23  ? 10.190  -13.220 -5.513  1.000 65.481  0 23  GLU A C   1 ? 
ATOM   129  O O   . GLU A 1 23  ? 9.308   -13.901 -4.956  1.000 63.944  0 23  GLU A O   1 ? 
ATOM   130  C CB  . GLU A 1 23  ? 10.918  -14.595 -7.505  1.000 76.670  0 23  GLU A CB  1 ? 
ATOM   131  C CG  . GLU A 1 23  ? 11.383  -14.586 -8.960  1.000 84.026  0 23  GLU A CG  1 ? 
ATOM   132  C CD  . GLU A 1 23  ? 12.770  -14.009 -9.245  1.000 88.490  0 23  GLU A CD  1 ? 
ATOM   133  O OE1 . GLU A 1 23  ? 13.480  -13.628 -8.285  1.000 88.944  0 23  GLU A OE1 1 ? 
ATOM   134  O OE2 . GLU A 1 23  ? 13.143  -13.930 -10.440 1.000 89.539  0 23  GLU A OE2 1 ? 
ATOM   135  N N   . SER A 1 24  ? 11.067  -12.441 -4.865  1.000 59.201  0 24  SER A N   1 ? 
ATOM   136  C CA  . SER A 1 24  ? 11.186  -12.300 -3.390  1.000 56.009  0 24  SER A CA  1 ? 
ATOM   137  C C   . SER A 1 24  ? 9.951   -11.592 -2.820  1.000 55.309  0 24  SER A C   1 ? 
ATOM   138  O O   . SER A 1 24  ? 9.309   -10.813 -3.544  1.000 56.816  0 24  SER A O   1 ? 
ATOM   139  C CB  . SER A 1 24  ? 12.450  -11.561 -3.018  1.000 57.700  0 24  SER A CB  1 ? 
ATOM   140  O OG  . SER A 1 24  ? 12.317  -10.162 -3.247  1.000 60.046  0 24  SER A OG  1 ? 
ATOM   141  N N   . THR A 1 25  ? 9.653   -11.833 -1.547  1.000 55.530  0 25  THR A N   1 ? 
ATOM   142  C CA  . THR A 1 25  ? 8.499   -11.227 -0.839  1.000 58.533  0 25  THR A CA  1 ? 
ATOM   143  C C   . THR A 1 25  ? 8.754   -11.237 0.672   1.000 57.837  0 25  THR A C   1 ? 
ATOM   144  O O   . THR A 1 25  ? 9.409   -12.166 1.156   1.000 56.901  0 25  THR A O   1 ? 
ATOM   145  C CB  . THR A 1 25  ? 7.199   -11.962 -1.199  1.000 57.123  0 25  THR A CB  1 ? 
ATOM   146  O OG1 . THR A 1 25  ? 6.114   -11.240 -0.613  1.000 57.161  0 25  THR A OG1 1 ? 
ATOM   147  C CG2 . THR A 1 25  ? 7.176   -13.401 -0.729  1.000 54.707  0 25  THR A CG2 1 ? 
ATOM   148  N N   . THR A 1 26  ? 8.244   -10.229 1.376   1.000 61.133  0 26  THR A N   1 ? 
ATOM   149  C CA  . THR A 1 26  ? 8.137   -10.202 2.858   1.000 61.952  0 26  THR A CA  1 ? 
ATOM   150  C C   . THR A 1 26  ? 9.509   -10.445 3.480   1.000 59.625  0 26  THR A C   1 ? 
ATOM   151  O O   . THR A 1 26  ? 9.693   -11.422 4.194   1.000 64.036  0 26  THR A O   1 ? 
ATOM   152  C CB  . THR A 1 26  ? 7.102   -11.235 3.318   1.000 62.213  0 26  THR A CB  1 ? 
ATOM   153  O OG1 . THR A 1 26  ? 5.976   -11.097 2.452   1.000 64.233  0 26  THR A OG1 1 ? 
ATOM   154  C CG2 . THR A 1 26  ? 6.678   -11.062 4.760   1.000 62.505  0 26  THR A CG2 1 ? 
ATOM   155  N N   . PRO A 1 27  ? 10.515  -9.573  3.252   1.000 61.200  0 27  PRO A N   1 ? 
ATOM   156  C CA  . PRO A 1 27  ? 10.389  -8.414  2.373   1.000 61.652  0 27  PRO A CA  1 ? 
ATOM   157  C C   . PRO A 1 27  ? 10.916  -8.689  0.962   1.000 61.334  0 27  PRO A C   1 ? 
ATOM   158  O O   . PRO A 1 27  ? 11.638  -9.646  0.778   1.000 66.261  0 27  PRO A O   1 ? 
ATOM   159  C CB  . PRO A 1 27  ? 11.306  -7.411  3.082   1.000 62.374  0 27  PRO A CB  1 ? 
ATOM   160  C CG  . PRO A 1 27  ? 12.458  -8.275  3.557   1.000 62.761  0 27  PRO A CG  1 ? 
ATOM   161  C CD  . PRO A 1 27  ? 11.838  -9.621  3.891   1.000 61.318  0 27  PRO A CD  1 ? 
ATOM   162  N N   . VAL A 1 28  ? 10.544  -7.838  0.008   1.000 59.943  0 28  VAL A N   1 ? 
ATOM   163  C CA  . VAL A 1 28  ? 11.168  -7.803  -1.344  1.000 59.140  0 28  VAL A CA  1 ? 
ATOM   164  C C   . VAL A 1 28  ? 12.637  -7.419  -1.149  1.000 59.918  0 28  VAL A C   1 ? 
ATOM   165  O O   . VAL A 1 28  ? 12.903  -6.471  -0.389  1.000 58.404  0 28  VAL A O   1 ? 
ATOM   166  C CB  . VAL A 1 28  ? 10.436  -6.820  -2.275  1.000 58.797  0 28  VAL A CB  1 ? 
ATOM   167  C CG1 . VAL A 1 28  ? 11.216  -6.575  -3.554  1.000 61.038  0 28  VAL A CG1 1 ? 
ATOM   168  C CG2 . VAL A 1 28  ? 9.021   -7.283  -2.589  1.000 60.850  0 28  VAL A CG2 1 ? 
ATOM   169  N N   . ARG A 1 29  ? 13.557  -8.138  -1.789  1.000 61.880  0 29  ARG A N   1 ? 
ATOM   170  C CA  . ARG A 1 29  ? 15.005  -7.812  -1.754  1.000 64.517  0 29  ARG A CA  1 ? 
ATOM   171  C C   . ARG A 1 29  ? 15.465  -7.457  -3.168  1.000 61.296  0 29  ARG A C   1 ? 
ATOM   172  O O   . ARG A 1 29  ? 15.169  -8.234  -4.083  1.000 61.693  0 29  ARG A O   1 ? 
ATOM   173  C CB  . ARG A 1 29  ? 15.787  -8.980  -1.149  1.000 69.942  0 29  ARG A CB  1 ? 
ATOM   174  C CG  . ARG A 1 29  ? 15.595  -9.100  0.353   1.000 73.036  0 29  ARG A CG  1 ? 
ATOM   175  C CD  . ARG A 1 29  ? 16.331  -10.267 0.970   1.000 78.114  0 29  ARG A CD  1 ? 
ATOM   176  N NE  . ARG A 1 29  ? 16.124  -10.259 2.413   1.000 87.075  0 29  ARG A NE  1 ? 
ATOM   177  C CZ  . ARG A 1 29  ? 16.730  -9.436  3.269   1.000 88.138  0 29  ARG A CZ  1 ? 
ATOM   178  N NH1 . ARG A 1 29  ? 17.606  -8.538  2.842   1.000 85.476  0 29  ARG A NH1 1 ? 
ATOM   179  N NH2 . ARG A 1 29  ? 16.452  -9.513  4.560   1.000 88.466  0 29  ARG A NH2 1 ? 
ATOM   180  N N   . LEU A 1 30  ? 16.122  -6.303  -3.324  1.000 59.909  0 30  LEU A N   1 ? 
ATOM   181  C CA  . LEU A 1 30  ? 16.711  -5.817  -4.600  1.000 61.037  0 30  LEU A CA  1 ? 
ATOM   182  C C   . LEU A 1 30  ? 18.231  -5.797  -4.481  1.000 60.697  0 30  LEU A C   1 ? 
ATOM   183  O O   . LEU A 1 30  ? 18.737  -5.271  -3.471  1.000 62.734  0 30  LEU A O   1 ? 
ATOM   184  C CB  . LEU A 1 30  ? 16.214  -4.399  -4.897  1.000 63.182  0 30  LEU A CB  1 ? 
ATOM   185  C CG  . LEU A 1 30  ? 15.071  -4.285  -5.901  1.000 66.188  0 30  LEU A CG  1 ? 
ATOM   186  C CD1 . LEU A 1 30  ? 13.939  -5.241  -5.554  1.000 68.279  0 30  LEU A CD1 1 ? 
ATOM   187  C CD2 . LEU A 1 30  ? 14.571  -2.850  -5.951  1.000 66.530  0 30  LEU A CD2 1 ? 
ATOM   188  N N   . LEU A 1 31  ? 18.931  -6.295  -5.498  1.000 58.935  0 31  LEU A N   1 ? 
ATOM   189  C CA  . LEU A 1 31  ? 20.376  -6.009  -5.683  1.000 57.776  0 31  LEU A CA  1 ? 
ATOM   190  C C   . LEU A 1 31  ? 20.500  -4.506  -5.964  1.000 57.243  0 31  LEU A C   1 ? 
ATOM   191  O O   . LEU A 1 31  ? 19.532  -3.934  -6.507  1.000 57.896  0 31  LEU A O   1 ? 
ATOM   192  C CB  . LEU A 1 31  ? 20.929  -6.859  -6.831  1.000 56.033  0 31  LEU A CB  1 ? 
ATOM   193  C CG  . LEU A 1 31  ? 20.820  -8.374  -6.648  1.000 55.450  0 31  LEU A CG  1 ? 
ATOM   194  C CD1 . LEU A 1 31  ? 21.231  -9.101  -7.923  1.000 55.991  0 31  LEU A CD1 1 ? 
ATOM   195  C CD2 . LEU A 1 31  ? 21.650  -8.849  -5.462  1.000 52.766  0 31  LEU A CD2 1 ? 
ATOM   196  N N   . SER A 1 32  ? 21.622  -3.892  -5.580  1.000 58.197  0 32  SER A N   1 ? 
ATOM   197  C CA  . SER A 1 32  ? 21.941  -2.459  -5.826  1.000 59.330  0 32  SER A CA  1 ? 
ATOM   198  C C   . SER A 1 32  ? 21.861  -2.119  -7.323  1.000 60.428  0 32  SER A C   1 ? 
ATOM   199  O O   . SER A 1 32  ? 21.536  -0.956  -7.628  1.000 65.147  0 32  SER A O   1 ? 
ATOM   200  C CB  . SER A 1 32  ? 23.286  -2.112  -5.265  1.000 58.529  0 32  SER A CB  1 ? 
ATOM   201  O OG  . SER A 1 32  ? 24.258  -3.049  -5.693  1.000 64.700  0 32  SER A OG  1 ? 
ATOM   202  N N   . LYS A 1 33  ? 22.140  -3.082  -8.213  1.000 58.839  0 33  LYS A N   1 ? 
ATOM   203  C CA  . LYS A 1 33  ? 22.113  -2.909  -9.698  1.000 60.086  0 33  LYS A CA  1 ? 
ATOM   204  C C   . LYS A 1 33  ? 20.671  -2.781  -10.229 1.000 58.935  0 33  LYS A C   1 ? 
ATOM   205  O O   . LYS A 1 33  ? 20.514  -2.294  -11.370 1.000 56.030  0 33  LYS A O   1 ? 
ATOM   206  C CB  . LYS A 1 33  ? 22.812  -4.084  -10.395 1.000 61.042  0 33  LYS A CB  1 ? 
ATOM   207  C CG  . LYS A 1 33  ? 22.109  -5.429  -10.256 1.000 64.919  0 33  LYS A CG  1 ? 
ATOM   208  C CD  . LYS A 1 33  ? 22.796  -6.579  -10.965 1.000 64.858  0 33  LYS A CD  1 ? 
ATOM   209  C CE  . LYS A 1 33  ? 22.231  -6.843  -12.343 1.000 67.473  0 33  LYS A CE  1 ? 
ATOM   210  N NZ  . LYS A 1 33  ? 21.004  -7.674  -12.315 1.000 66.550  0 33  LYS A NZ  1 ? 
ATOM   211  N N   . ASP A 1 34  ? 19.658  -3.207  -9.464  1.000 56.925  0 34  ASP A N   1 ? 
ATOM   212  C CA  . ASP A 1 34  ? 18.248  -3.320  -9.936  1.000 56.890  0 34  ASP A CA  1 ? 
ATOM   213  C C   . ASP A 1 34  ? 17.382  -2.225  -9.301  1.000 55.567  0 34  ASP A C   1 ? 
ATOM   214  O O   . ASP A 1 34  ? 16.212  -2.510  -8.990  1.000 59.863  0 34  ASP A O   1 ? 
ATOM   215  C CB  . ASP A 1 34  ? 17.694  -4.715  -9.635  1.000 56.609  0 34  ASP A CB  1 ? 
ATOM   216  C CG  . ASP A 1 34  ? 18.418  -5.820  -10.379 1.000 59.528  0 34  ASP A CG  1 ? 
ATOM   217  O OD1 . ASP A 1 34  ? 18.814  -5.577  -11.540 1.000 64.996  0 34  ASP A OD1 1 ? 
ATOM   218  O OD2 . ASP A 1 34  ? 18.589  -6.911  -9.794  1.000 58.734  0 34  ASP A OD2 1 ? 
ATOM   219  N N   . THR A 1 35  ? 17.917  -1.011  -9.165  1.000 54.170  0 35  THR A N   1 ? 
ATOM   220  C CA  . THR A 1 35  ? 17.305  0.115   -8.407  1.000 54.305  0 35  THR A CA  1 ? 
ATOM   221  C C   . THR A 1 35  ? 16.754  1.215   -9.325  1.000 52.954  0 35  THR A C   1 ? 
ATOM   222  O O   . THR A 1 35  ? 16.049  2.099   -8.796  1.000 51.352  0 35  THR A O   1 ? 
ATOM   223  C CB  . THR A 1 35  ? 18.334  0.723   -7.450  1.000 58.371  0 35  THR A CB  1 ? 
ATOM   224  O OG1 . THR A 1 35  ? 19.544  0.917   -8.186  1.000 55.365  0 35  THR A OG1 1 ? 
ATOM   225  C CG2 . THR A 1 35  ? 18.583  -0.144  -6.235  1.000 59.733  0 35  THR A CG2 1 ? 
ATOM   226  N N   . GLN A 1 36  ? 17.063  1.184   -10.628 1.000 55.056  0 36  GLN A N   1 ? 
ATOM   227  C CA  . GLN A 1 36  ? 16.707  2.260   -11.597 1.000 52.980  0 36  GLN A CA  1 ? 
ATOM   228  C C   . GLN A 1 36  ? 15.366  1.921   -12.252 1.000 55.358  0 36  GLN A C   1 ? 
ATOM   229  O O   . GLN A 1 36  ? 15.234  0.800   -12.769 1.000 54.182  0 36  GLN A O   1 ? 
ATOM   230  C CB  . GLN A 1 36  ? 17.801  2.429   -12.654 1.000 52.064  0 36  GLN A CB  1 ? 
ATOM   231  C CG  . GLN A 1 36  ? 19.169  2.769   -12.074 1.000 52.393  0 36  GLN A CG  1 ? 
ATOM   232  C CD  . GLN A 1 36  ? 19.087  3.726   -10.909 1.000 52.255  0 36  GLN A CD  1 ? 
ATOM   233  O OE1 . GLN A 1 36  ? 19.350  3.371   -9.761  1.000 52.674  0 36  GLN A OE1 1 ? 
ATOM   234  N NE2 . GLN A 1 36  ? 18.681  4.950   -11.193 1.000 51.770  0 36  GLN A NE2 1 ? 
ATOM   235  N N   . GLY A 1 37  ? 14.418  2.864   -12.223 1.000 58.131  0 37  GLY A N   1 ? 
ATOM   236  C CA  . GLY A 1 37  ? 13.067  2.720   -12.801 1.000 59.710  0 37  GLY A CA  1 ? 
ATOM   237  C C   . GLY A 1 37  ? 12.369  1.457   -12.325 1.000 59.555  0 37  GLY A C   1 ? 
ATOM   238  O O   . GLY A 1 37  ? 11.942  0.683   -13.171 1.000 61.404  0 37  GLY A O   1 ? 
ATOM   239  N N   . VAL A 1 38  ? 12.262  1.253   -11.011 1.000 62.812  0 38  VAL A N   1 ? 
ATOM   240  C CA  . VAL A 1 38  ? 11.623  0.051   -10.400 1.000 62.590  0 38  VAL A CA  1 ? 
ATOM   241  C C   . VAL A 1 38  ? 10.100  0.216   -10.469 1.000 65.858  0 38  VAL A C   1 ? 
ATOM   242  O O   . VAL A 1 38  ? 9.601   1.318   -10.152 1.000 67.793  0 38  VAL A O   1 ? 
ATOM   243  C CB  . VAL A 1 38  ? 12.119  -0.167  -8.959  1.000 62.322  0 38  VAL A CB  1 ? 
ATOM   244  C CG1 . VAL A 1 38  ? 11.439  -1.352  -8.289  1.000 63.491  0 38  VAL A CG1 1 ? 
ATOM   245  C CG2 . VAL A 1 38  ? 13.628  -0.333  -8.921  1.000 64.750  0 38  VAL A CG2 1 ? 
ATOM   246  N N   . GLU A 1 39  ? 9.392   -0.841  -10.878 1.000 64.963  0 39  GLU A N   1 ? 
ATOM   247  C CA  . GLU A 1 39  ? 7.908   -0.875  -10.926 1.000 65.946  0 39  GLU A CA  1 ? 
ATOM   248  C C   . GLU A 1 39  ? 7.405   -1.652  -9.712  1.000 62.380  0 39  GLU A C   1 ? 
ATOM   249  O O   . GLU A 1 39  ? 7.444   -2.903  -9.731  1.000 59.209  0 39  GLU A O   1 ? 
ATOM   250  C CB  . GLU A 1 39  ? 7.414   -1.447  -12.250 1.000 71.324  0 39  GLU A CB  1 ? 
ATOM   251  C CG  . GLU A 1 39  ? 7.354   -0.381  -13.323 1.000 80.658  0 39  GLU A CG  1 ? 
ATOM   252  C CD  . GLU A 1 39  ? 7.432   -0.911  -14.737 1.000 86.313  0 39  GLU A CD  1 ? 
ATOM   253  O OE1 . GLU A 1 39  ? 6.612   -1.784  -15.077 1.000 92.813  0 39  GLU A OE1 1 ? 
ATOM   254  O OE2 . GLU A 1 39  ? 8.315   -0.454  -15.484 1.000 93.262  0 39  GLU A OE2 1 ? 
ATOM   255  N N   . VAL A 1 40  ? 6.975   -0.899  -8.699  1.000 57.941  0 40  VAL A N   1 ? 
ATOM   256  C CA  . VAL A 1 40  ? 6.436   -1.412  -7.413  1.000 55.022  0 40  VAL A CA  1 ? 
ATOM   257  C C   . VAL A 1 40  ? 4.921   -1.572  -7.561  1.000 54.152  0 40  VAL A C   1 ? 
ATOM   258  O O   . VAL A 1 40  ? 4.246   -0.584  -7.898  1.000 54.061  0 40  VAL A O   1 ? 
ATOM   259  C CB  . VAL A 1 40  ? 6.803   -0.460  -6.261  1.000 53.653  0 40  VAL A CB  1 ? 
ATOM   260  C CG1 . VAL A 1 40  ? 6.228   -0.942  -4.940  1.000 54.972  0 40  VAL A CG1 1 ? 
ATOM   261  C CG2 . VAL A 1 40  ? 8.310   -0.261  -6.166  1.000 51.019  0 40  VAL A CG2 1 ? 
ATOM   262  N N   . THR A 1 41  ? 4.425   -2.790  -7.357  1.000 54.719  0 41  THR A N   1 ? 
ATOM   263  C CA  . THR A 1 41  ? 2.987   -3.099  -7.170  1.000 55.061  0 41  THR A CA  1 ? 
ATOM   264  C C   . THR A 1 41  ? 2.735   -3.275  -5.673  1.000 57.484  0 41  THR A C   1 ? 
ATOM   265  O O   . THR A 1 41  ? 3.670   -3.708  -4.967  1.000 58.865  0 41  THR A O   1 ? 
ATOM   266  C CB  . THR A 1 41  ? 2.581   -4.356  -7.949  1.000 56.049  0 41  THR A CB  1 ? 
ATOM   267  O OG1 . THR A 1 41  ? 2.914   -4.145  -9.320  1.000 57.414  0 41  THR A OG1 1 ? 
ATOM   268  C CG2 . THR A 1 41  ? 1.109   -4.687  -7.836  1.000 55.802  0 41  THR A CG2 1 ? 
ATOM   269  N N   . ASP A 1 42  ? 1.524   -2.945  -5.216  1.000 58.647  0 42  ASP A N   1 ? 
ATOM   270  C CA  . ASP A 1 42  ? 1.029   -3.266  -3.851  1.000 57.642  0 42  ASP A CA  1 ? 
ATOM   271  C C   . ASP A 1 42  ? -0.338  -3.941  -3.976  1.000 56.015  0 42  ASP A C   1 ? 
ATOM   272  O O   . ASP A 1 42  ? -1.269  -3.302  -4.512  1.000 56.071  0 42  ASP A O   1 ? 
ATOM   273  C CB  . ASP A 1 42  ? 0.941   -2.025  -2.960  1.000 57.903  0 42  ASP A CB  1 ? 
ATOM   274  C CG  . ASP A 1 42  ? 0.779   -2.376  -1.490  1.000 59.397  0 42  ASP A CG  1 ? 
ATOM   275  O OD1 . ASP A 1 42  ? 1.562   -3.221  -1.002  1.000 58.619  0 42  ASP A OD1 1 ? 
ATOM   276  O OD2 . ASP A 1 42  ? -0.135  -1.819  -0.854  1.000 58.078  0 42  ASP A OD2 1 ? 
ATOM   277  N N   . THR A 1 43  ? -0.438  -5.187  -3.507  1.000 54.781  0 43  THR A N   1 ? 
ATOM   278  C CA  . THR A 1 43  ? -1.689  -5.982  -3.486  1.000 54.505  0 43  THR A CA  1 ? 
ATOM   279  C C   . THR A 1 43  ? -2.416  -5.706  -2.171  1.000 56.549  0 43  THR A C   1 ? 
ATOM   280  O O   . THR A 1 43  ? -1.866  -6.066  -1.111  1.000 53.586  0 43  THR A O   1 ? 
ATOM   281  C CB  . THR A 1 43  ? -1.400  -7.475  -3.664  1.000 55.317  0 43  THR A CB  1 ? 
ATOM   282  O OG1 . THR A 1 43  ? -0.714  -7.601  -4.910  1.000 57.651  0 43  THR A OG1 1 ? 
ATOM   283  C CG2 . THR A 1 43  ? -2.651  -8.327  -3.662  1.000 55.721  0 43  THR A CG2 1 ? 
ATOM   284  N N   . VAL A 1 44  ? -3.600  -5.099  -2.255  1.000 55.753  0 44  VAL A N   1 ? 
ATOM   285  C CA  . VAL A 1 44  ? -4.443  -4.733  -1.083  1.000 59.048  0 44  VAL A CA  1 ? 
ATOM   286  C C   . VAL A 1 44  ? -5.551  -5.776  -0.940  1.000 58.559  0 44  VAL A C   1 ? 
ATOM   287  O O   . VAL A 1 44  ? -6.509  -5.728  -1.733  1.000 59.626  0 44  VAL A O   1 ? 
ATOM   288  C CB  . VAL A 1 44  ? -5.031  -3.316  -1.230  1.000 63.947  0 44  VAL A CB  1 ? 
ATOM   289  C CG1 . VAL A 1 44  ? -5.920  -2.954  -0.044  1.000 64.262  0 44  VAL A CG1 1 ? 
ATOM   290  C CG2 . VAL A 1 44  ? -3.940  -2.276  -1.436  1.000 62.290  0 44  VAL A CG2 1 ? 
ATOM   291  N N   . SER A 1 45  ? -5.400  -6.682  0.026   1.000 56.835  0 45  SER A N   1 ? 
ATOM   292  C CA  . SER A 1 45  ? -6.471  -7.566  0.549   1.000 58.589  0 45  SER A CA  1 ? 
ATOM   293  C C   . SER A 1 45  ? -7.311  -6.769  1.551   1.000 60.225  0 45  SER A C   1 ? 
ATOM   294  O O   . SER A 1 45  ? -6.736  -6.268  2.536   1.000 59.363  0 45  SER A O   1 ? 
ATOM   295  C CB  . SER A 1 45  ? -5.882  -8.793  1.184   1.000 61.290  0 45  SER A CB  1 ? 
ATOM   296  O OG  . SER A 1 45  ? -4.921  -9.380  0.325   1.000 68.011  0 45  SER A OG  1 ? 
ATOM   297  N N   . TYR A 1 46  ? -8.611  -6.622  1.299   1.000 61.786  0 46  TYR A N   1 ? 
ATOM   298  C CA  . TYR A 1 46  ? -9.531  -5.845  2.168   1.000 63.863  0 46  TYR A CA  1 ? 
ATOM   299  C C   . TYR A 1 46  ? -10.645 -6.765  2.667   1.000 65.041  0 46  TYR A C   1 ? 
ATOM   300  O O   . TYR A 1 46  ? -11.015 -7.708  1.944   1.000 67.133  0 46  TYR A O   1 ? 
ATOM   301  C CB  . TYR A 1 46  ? -10.063 -4.610  1.436   1.000 64.333  0 46  TYR A CB  1 ? 
ATOM   302  C CG  . TYR A 1 46  ? -10.920 -4.886  0.229   1.000 66.658  0 46  TYR A CG  1 ? 
ATOM   303  C CD1 . TYR A 1 46  ? -10.365 -4.966  -1.038  1.000 68.133  0 46  TYR A CD1 1 ? 
ATOM   304  C CD2 . TYR A 1 46  ? -12.291 -5.042  0.350   1.000 68.614  0 46  TYR A CD2 1 ? 
ATOM   305  C CE1 . TYR A 1 46  ? -11.150 -5.208  -2.153  1.000 68.882  0 46  TYR A CE1 1 ? 
ATOM   306  C CE2 . TYR A 1 46  ? -13.090 -5.290  -0.755  1.000 68.794  0 46  TYR A CE2 1 ? 
ATOM   307  C CZ  . TYR A 1 46  ? -12.516 -5.371  -2.010  1.000 68.297  0 46  TYR A CZ  1 ? 
ATOM   308  O OH  . TYR A 1 46  ? -13.295 -5.612  -3.102  1.000 67.669  0 46  TYR A OH  1 ? 
ATOM   309  N N   . SER A 1 47  ? -11.137 -6.499  3.878   1.000 61.302  0 47  SER A N   1 ? 
ATOM   310  C CA  . SER A 1 47  ? -12.284 -7.202  4.503   1.000 61.500  0 47  SER A CA  1 ? 
ATOM   311  C C   . SER A 1 47  ? -13.097 -6.211  5.343   1.000 59.162  0 47  SER A C   1 ? 
ATOM   312  O O   . SER A 1 47  ? -12.503 -5.249  5.871   1.000 55.882  0 47  SER A O   1 ? 
ATOM   313  C CB  . SER A 1 47  ? -11.806 -8.362  5.321   1.000 61.995  0 47  SER A CB  1 ? 
ATOM   314  O OG  . SER A 1 47  ? -11.060 -7.905  6.438   1.000 68.324  0 47  SER A OG  1 ? 
ATOM   315  N N   . ASP A 1 48  ? -14.410 -6.438  5.427   1.000 60.182  0 48  ASP A N   1 ? 
ATOM   316  C CA  . ASP A 1 48  ? -15.364 -5.677  6.280   1.000 62.249  0 48  ASP A CA  1 ? 
ATOM   317  C C   . ASP A 1 48  ? -15.448 -4.225  5.800   1.000 59.719  0 48  ASP A C   1 ? 
ATOM   318  O O   . ASP A 1 48  ? -15.659 -3.336  6.643   1.000 57.107  0 48  ASP A O   1 ? 
ATOM   319  C CB  . ASP A 1 48  ? -14.974 -5.757  7.758   1.000 63.892  0 48  ASP A CB  1 ? 
ATOM   320  C CG  . ASP A 1 48  ? -14.669 -7.174  8.204   1.000 66.149  0 48  ASP A CG  1 ? 
ATOM   321  O OD1 . ASP A 1 48  ? -15.590 -8.005  8.146   1.000 66.291  0 48  ASP A OD1 1 ? 
ATOM   322  O OD2 . ASP A 1 48  ? -13.505 -7.439  8.572   1.000 73.221  0 48  ASP A OD2 1 ? 
ATOM   323  N N   . LEU A 1 49  ? -15.278 -3.997  4.498   1.000 61.187  0 49  LEU A N   1 ? 
ATOM   324  C CA  . LEU A 1 49  ? -15.664 -2.723  3.841   1.000 63.609  0 49  LEU A CA  1 ? 
ATOM   325  C C   . LEU A 1 49  ? -17.161 -2.810  3.530   1.000 63.335  0 49  LEU A C   1 ? 
ATOM   326  O O   . LEU A 1 49  ? -17.688 -3.933  3.485   1.000 61.046  0 49  LEU A O   1 ? 
ATOM   327  C CB  . LEU A 1 49  ? -14.823 -2.504  2.575   1.000 64.448  0 49  LEU A CB  1 ? 
ATOM   328  C CG  . LEU A 1 49  ? -13.302 -2.484  2.766   1.000 65.159  0 49  LEU A CG  1 ? 
ATOM   329  C CD1 . LEU A 1 49  ? -12.621 -1.803  1.592   1.000 64.663  0 49  LEU A CD1 1 ? 
ATOM   330  C CD2 . LEU A 1 49  ? -12.893 -1.799  4.063   1.000 62.444  0 49  LEU A CD2 1 ? 
ATOM   331  N N   . VAL A 1 50  ? -17.829 -1.670  3.364   1.000 61.094  0 50  VAL A N   1 ? 
ATOM   332  C CA  . VAL A 1 50  ? -19.263 -1.631  2.972   1.000 61.235  0 50  VAL A CA  1 ? 
ATOM   333  C C   . VAL A 1 50  ? -19.348 -2.160  1.537   1.000 62.372  0 50  VAL A C   1 ? 
ATOM   334  O O   . VAL A 1 50  ? -18.890 -1.450  0.617   1.000 62.260  0 50  VAL A O   1 ? 
ATOM   335  C CB  . VAL A 1 50  ? -19.862 -0.219  3.103   1.000 62.658  0 50  VAL A CB  1 ? 
ATOM   336  C CG1 . VAL A 1 50  ? -21.366 -0.235  2.865   1.000 62.654  0 50  VAL A CG1 1 ? 
ATOM   337  C CG2 . VAL A 1 50  ? -19.542 0.406   4.450   1.000 60.744  0 50  VAL A CG2 1 ? 
ATOM   338  N N   . GLY A 1 51  ? -19.879 -3.375  1.372   1.000 61.350  0 51  GLY A N   1 ? 
ATOM   339  C CA  . GLY A 1 51  ? -19.983 -4.066  0.074   1.000 63.748  0 51  GLY A CA  1 ? 
ATOM   340  C C   . GLY A 1 51  ? -20.642 -3.193  -0.983  1.000 64.913  0 51  GLY A C   1 ? 
ATOM   341  O O   . GLY A 1 51  ? -21.645 -2.526  -0.661  1.000 64.758  0 51  GLY A O   1 ? 
ATOM   342  N N   . GLY A 1 52  ? -20.084 -3.181  -2.196  1.000 63.242  0 52  GLY A N   1 ? 
ATOM   343  C CA  . GLY A 1 52  ? -20.666 -2.497  -3.366  1.000 62.140  0 52  GLY A CA  1 ? 
ATOM   344  C C   . GLY A 1 52  ? -20.435 -0.998  -3.350  1.000 61.695  0 52  GLY A C   1 ? 
ATOM   345  O O   . GLY A 1 52  ? -20.870 -0.346  -4.304  1.000 64.336  0 52  GLY A O   1 ? 
ATOM   346  N N   . LYS A 1 53  ? -19.756 -0.463  -2.331  1.000 65.687  0 53  LYS A N   1 ? 
ATOM   347  C CA  . LYS A 1 53  ? -19.454 0.990   -2.210  1.000 65.123  0 53  LYS A CA  1 ? 
ATOM   348  C C   . LYS A 1 53  ? -18.084 1.293   -2.824  1.000 65.474  0 53  LYS A C   1 ? 
ATOM   349  O O   . LYS A 1 53  ? -17.200 0.403   -2.803  1.000 64.393  0 53  LYS A O   1 ? 
ATOM   350  C CB  . LYS A 1 53  ? -19.503 1.445   -0.748  1.000 66.221  0 53  LYS A CB  1 ? 
ATOM   351  C CG  . LYS A 1 53  ? -20.873 1.337   -0.096  1.000 68.702  0 53  LYS A CG  1 ? 
ATOM   352  C CD  . LYS A 1 53  ? -21.911 2.254   -0.709  1.000 70.802  0 53  LYS A CD  1 ? 
ATOM   353  C CE  . LYS A 1 53  ? -23.310 1.987   -0.199  1.000 74.115  0 53  LYS A CE  1 ? 
ATOM   354  N NZ  . LYS A 1 53  ? -24.215 3.122   -0.496  1.000 76.605  0 53  LYS A NZ  1 ? 
ATOM   355  N N   . VAL A 1 54  ? -17.938 2.517   -3.343  1.000 65.004  0 54  VAL A N   1 ? 
ATOM   356  C CA  . VAL A 1 54  ? -16.717 3.037   -4.025  1.000 64.119  0 54  VAL A CA  1 ? 
ATOM   357  C C   . VAL A 1 54  ? -15.797 3.653   -2.973  1.000 61.539  0 54  VAL A C   1 ? 
ATOM   358  O O   . VAL A 1 54  ? -16.296 4.421   -2.131  1.000 59.591  0 54  VAL A O   1 ? 
ATOM   359  C CB  . VAL A 1 54  ? -17.061 4.070   -5.118  1.000 63.369  0 54  VAL A CB  1 ? 
ATOM   360  C CG1 . VAL A 1 54  ? -15.837 4.865   -5.558  1.000 62.438  0 54  VAL A CG1 1 ? 
ATOM   361  C CG2 . VAL A 1 54  ? -17.729 3.410   -6.311  1.000 61.457  0 54  VAL A CG2 1 ? 
ATOM   362  N N   . TYR A 1 55  ? -14.501 3.345   -3.060  1.000 64.524  0 55  TYR A N   1 ? 
ATOM   363  C CA  . TYR A 1 55  ? -13.439 3.852   -2.152  1.000 63.700  0 55  TYR A CA  1 ? 
ATOM   364  C C   . TYR A 1 55  ? -12.388 4.588   -2.981  1.000 60.836  0 55  TYR A C   1 ? 
ATOM   365  O O   . TYR A 1 55  ? -12.159 4.199   -4.138  1.000 59.610  0 55  TYR A O   1 ? 
ATOM   366  C CB  . TYR A 1 55  ? -12.826 2.701   -1.348  1.000 63.236  0 55  TYR A CB  1 ? 
ATOM   367  C CG  . TYR A 1 55  ? -13.707 2.203   -0.230  1.000 65.341  0 55  TYR A CG  1 ? 
ATOM   368  C CD1 . TYR A 1 55  ? -14.709 1.277   -0.471  1.000 65.470  0 55  TYR A CD1 1 ? 
ATOM   369  C CD2 . TYR A 1 55  ? -13.562 2.679   1.064   1.000 64.820  0 55  TYR A CD2 1 ? 
ATOM   370  C CE1 . TYR A 1 55  ? -15.533 0.824   0.547   1.000 66.249  0 55  TYR A CE1 1 ? 
ATOM   371  C CE2 . TYR A 1 55  ? -14.376 2.236   2.093   1.000 64.931  0 55  TYR A CE2 1 ? 
ATOM   372  C CZ  . TYR A 1 55  ? -15.365 1.304   1.833   1.000 66.248  0 55  TYR A CZ  1 ? 
ATOM   373  O OH  . TYR A 1 55  ? -16.178 0.856   2.835   1.000 64.929  0 55  TYR A OH  1 ? 
ATOM   374  N N   . GLU A 1 56  ? -11.800 5.640   -2.409  1.000 60.671  0 56  GLU A N   1 ? 
ATOM   375  C CA  . GLU A 1 56  ? -10.544 6.259   -2.901  1.000 59.287  0 56  GLU A CA  1 ? 
ATOM   376  C C   . GLU A 1 56  ? -9.393  5.521   -2.213  1.000 60.696  0 56  GLU A C   1 ? 
ATOM   377  O O   . GLU A 1 56  ? -9.131  5.802   -1.027  1.000 64.742  0 56  GLU A O   1 ? 
ATOM   378  C CB  . GLU A 1 56  ? -10.531 7.768   -2.641  1.000 55.236  0 56  GLU A CB  1 ? 
ATOM   379  N N   . LEU A 1 57  ? -8.778  4.566   -2.916  1.000 60.468  0 57  LEU A N   1 ? 
ATOM   380  C CA  . LEU A 1 57  ? -7.579  3.823   -2.444  1.000 59.867  0 57  LEU A CA  1 ? 
ATOM   381  C C   . LEU A 1 57  ? -6.332  4.646   -2.766  1.000 55.766  0 57  LEU A C   1 ? 
ATOM   382  O O   . LEU A 1 57  ? -6.047  4.820   -3.960  1.000 55.450  0 57  LEU A O   1 ? 
ATOM   383  C CB  . LEU A 1 57  ? -7.503  2.453   -3.126  1.000 61.427  0 57  LEU A CB  1 ? 
ATOM   384  C CG  . LEU A 1 57  ? -6.271  1.619   -2.770  1.000 62.547  0 57  LEU A CG  1 ? 
ATOM   385  C CD1 . LEU A 1 57  ? -6.245  1.291   -1.279  1.000 64.212  0 57  LEU A CD1 1 ? 
ATOM   386  C CD2 . LEU A 1 57  ? -6.215  0.344   -3.600  1.000 62.215  0 57  LEU A CD2 1 ? 
ATOM   387  N N   . THR A 1 58  ? -5.622  5.113   -1.737  1.000 53.547  0 58  THR A N   1 ? 
ATOM   388  C CA  . THR A 1 58  ? -4.317  5.809   -1.865  1.000 52.270  0 58  THR A CA  1 ? 
ATOM   389  C C   . THR A 1 58  ? -3.207  4.974   -1.219  1.000 51.555  0 58  THR A C   1 ? 
ATOM   390  O O   . THR A 1 58  ? -3.253  4.763   0.009   1.000 47.835  0 58  THR A O   1 ? 
ATOM   391  C CB  . THR A 1 58  ? -4.350  7.200   -1.226  1.000 52.266  0 58  THR A CB  1 ? 
ATOM   392  O OG1 . THR A 1 58  ? -5.496  7.867   -1.752  1.000 51.533  0 58  THR A OG1 1 ? 
ATOM   393  C CG2 . THR A 1 58  ? -3.084  7.989   -1.494  1.000 50.418  0 58  THR A CG2 1 ? 
ATOM   394  N N   . GLY A 1 59  ? -2.239  4.553   -2.031  1.000 51.820  0 59  GLY A N   1 ? 
ATOM   395  C CA  . GLY A 1 59  ? -0.974  3.945   -1.584  1.000 53.965  0 59  GLY A CA  1 ? 
ATOM   396  C C   . GLY A 1 59  ? 0.150   4.966   -1.600  1.000 55.501  0 59  GLY A C   1 ? 
ATOM   397  O O   . GLY A 1 59  ? 0.150   5.840   -2.486  1.000 58.479  0 59  GLY A O   1 ? 
ATOM   398  N N   . THR A 1 60  ? 1.079   4.864   -0.650  1.000 54.163  0 60  THR A N   1 ? 
ATOM   399  C CA  . THR A 1 60  ? 2.233   5.781   -0.502  1.000 53.774  0 60  THR A CA  1 ? 
ATOM   400  C C   . THR A 1 60  ? 3.507   4.954   -0.308  1.000 55.953  0 60  THR A C   1 ? 
ATOM   401  O O   . THR A 1 60  ? 3.573   4.179   0.669   1.000 52.742  0 60  THR A O   1 ? 
ATOM   402  C CB  . THR A 1 60  ? 1.996   6.769   0.643   1.000 53.367  0 60  THR A CB  1 ? 
ATOM   403  O OG1 . THR A 1 60  ? 0.679   7.293   0.466   1.000 52.916  0 60  THR A OG1 1 ? 
ATOM   404  C CG2 . THR A 1 60  ? 3.017   7.884   0.671   1.000 52.698  0 60  THR A CG2 1 ? 
ATOM   405  N N   . LEU A 1 61  ? 4.457   5.095   -1.236  1.000 56.564  0 61  LEU A N   1 ? 
ATOM   406  C CA  . LEU A 1 61  ? 5.808   4.496   -1.133  1.000 58.839  0 61  LEU A CA  1 ? 
ATOM   407  C C   . LEU A 1 61  ? 6.650   5.401   -0.231  1.000 57.251  0 61  LEU A C   1 ? 
ATOM   408  O O   . LEU A 1 61  ? 6.892   6.556   -0.618  1.000 55.255  0 61  LEU A O   1 ? 
ATOM   409  C CB  . LEU A 1 61  ? 6.412   4.356   -2.533  1.000 60.508  0 61  LEU A CB  1 ? 
ATOM   410  C CG  . LEU A 1 61  ? 7.719   3.568   -2.608  1.000 61.374  0 61  LEU A CG  1 ? 
ATOM   411  C CD1 . LEU A 1 61  ? 7.537   2.155   -2.076  1.000 61.973  0 61  LEU A CD1 1 ? 
ATOM   412  C CD2 . LEU A 1 61  ? 8.242   3.540   -4.034  1.000 63.384  0 61  LEU A CD2 1 ? 
ATOM   413  N N   . MET A 1 62  ? 7.013   4.896   0.949   1.000 59.974  0 62  MET A N   1 ? 
ATOM   414  C CA  . MET A 1 62  ? 7.771   5.624   2.000   1.000 62.364  0 62  MET A CA  1 ? 
ATOM   415  C C   . MET A 1 62  ? 9.214   5.110   2.005   1.000 61.322  0 62  MET A C   1 ? 
ATOM   416  O O   . MET A 1 62  ? 9.396   3.880   1.946   1.000 60.672  0 62  MET A O   1 ? 
ATOM   417  C CB  . MET A 1 62  ? 7.157   5.374   3.384   1.000 64.645  0 62  MET A CB  1 ? 
ATOM   418  C CG  . MET A 1 62  ? 5.715   5.833   3.528   1.000 65.483  0 62  MET A CG  1 ? 
ATOM   419  S SD  . MET A 1 62  ? 5.599   7.639   3.550   1.000 75.310  0 62  MET A SD  1 ? 
ATOM   420  C CE  . MET A 1 62  ? 3.967   7.885   4.250   1.000 74.064  0 62  MET A CE  1 ? 
ATOM   421  N N   . GLN A 1 63  ? 10.197  6.009   2.064   1.000 65.253  0 63  GLN A N   1 ? 
ATOM   422  C CA  . GLN A 1 63  ? 11.585  5.649   2.454   1.000 69.872  0 63  GLN A CA  1 ? 
ATOM   423  C C   . GLN A 1 63  ? 11.659  5.686   3.981   1.000 69.119  0 63  GLN A C   1 ? 
ATOM   424  O O   . GLN A 1 63  ? 11.357  6.743   4.556   1.000 66.575  0 63  GLN A O   1 ? 
ATOM   425  C CB  . GLN A 1 63  ? 12.627  6.591   1.856   1.000 74.012  0 63  GLN A CB  1 ? 
ATOM   426  C CG  . GLN A 1 63  ? 14.047  6.071   2.037   1.000 78.417  0 63  GLN A CG  1 ? 
ATOM   427  C CD  . GLN A 1 63  ? 15.082  7.159   1.921   1.000 80.017  0 63  GLN A CD  1 ? 
ATOM   428  O OE1 . GLN A 1 63  ? 15.823  7.428   2.863   1.000 80.528  0 63  GLN A OE1 1 ? 
ATOM   429  N NE2 . GLN A 1 63  ? 15.139  7.799   0.763   1.000 83.214  0 63  GLN A NE2 1 ? 
ATOM   430  N N   . ILE A 1 64  ? 12.024  4.564   4.600   1.000 71.227  0 64  ILE A N   1 ? 
ATOM   431  C CA  . ILE A 1 64  ? 12.054  4.404   6.084   1.000 75.257  0 64  ILE A CA  1 ? 
ATOM   432  C C   . ILE A 1 64  ? 13.516  4.501   6.538   1.000 76.142  0 64  ILE A C   1 ? 
ATOM   433  O O   . ILE A 1 64  ? 14.292  3.567   6.256   1.000 75.024  0 64  ILE A O   1 ? 
ATOM   434  C CB  . ILE A 1 64  ? 11.346  3.108   6.546   1.000 75.553  0 64  ILE A CB  1 ? 
ATOM   435  C CG1 . ILE A 1 64  ? 11.601  2.835   8.031   1.000 82.721  0 64  ILE A CG1 1 ? 
ATOM   436  C CG2 . ILE A 1 64  ? 11.711  1.907   5.686   1.000 72.465  0 64  ILE A CG2 1 ? 
ATOM   437  C CD1 . ILE A 1 64  ? 10.731  1.747   8.614   1.000 87.131  0 64  ILE A CD1 1 ? 
ATOM   438  N N   . LYS A 1 65  ? 13.867  5.619   7.186   1.000 80.303  0 65  LYS A N   1 ? 
ATOM   439  C CA  . LYS A 1 65  ? 15.232  5.928   7.695   1.000 81.616  0 65  LYS A CA  1 ? 
ATOM   440  C C   . LYS A 1 65  ? 15.493  5.088   8.953   1.000 81.230  0 65  LYS A C   1 ? 
ATOM   441  O O   . LYS A 1 65  ? 14.507  4.632   9.569   1.000 81.152  0 65  LYS A O   1 ? 
ATOM   442  C CB  . LYS A 1 65  ? 15.352  7.433   7.955   1.000 85.591  0 65  LYS A CB  1 ? 
ATOM   443  C CG  . LYS A 1 65  ? 15.142  8.318   6.730   1.000 92.178  0 65  LYS A CG  1 ? 
ATOM   444  C CD  . LYS A 1 65  ? 15.113  9.805   7.045   1.000 98.923  0 65  LYS A CD  1 ? 
ATOM   445  C CE  . LYS A 1 65  ? 15.076  10.691  5.814   1.000 100.394 0 65  LYS A CE  1 ? 
ATOM   446  N NZ  . LYS A 1 65  ? 13.767  10.628  5.120   1.000 102.354 0 65  LYS A NZ  1 ? 
ATOM   447  N N   . ALA A 1 66  ? 16.767  4.895   9.318   1.000 83.430  0 66  ALA A N   1 ? 
ATOM   448  C CA  . ALA A 1 66  ? 17.224  4.029   10.438  1.000 81.150  0 66  ALA A CA  1 ? 
ATOM   449  C C   . ALA A 1 66  ? 16.572  4.451   11.765  1.000 80.517  0 66  ALA A C   1 ? 
ATOM   450  O O   . ALA A 1 66  ? 16.374  3.573   12.626  1.000 77.645  0 66  ALA A O   1 ? 
ATOM   451  C CB  . ALA A 1 66  ? 18.730  4.063   10.536  1.000 80.533  0 66  ALA A CB  1 ? 
ATOM   452  N N   . ASP A 1 67  ? 16.250  5.741   11.918  1.000 80.621  0 67  ASP A N   1 ? 
ATOM   453  C CA  . ASP A 1 67  ? 15.645  6.337   13.142  1.000 81.442  0 67  ASP A CA  1 ? 
ATOM   454  C C   . ASP A 1 67  ? 14.120  6.128   13.173  1.000 85.552  0 67  ASP A C   1 ? 
ATOM   455  O O   . ASP A 1 67  ? 13.488  6.632   14.125  1.000 86.507  0 67  ASP A O   1 ? 
ATOM   456  C CB  . ASP A 1 67  ? 15.963  7.831   13.233  1.000 80.722  0 67  ASP A CB  1 ? 
ATOM   457  C CG  . ASP A 1 67  ? 15.643  8.579   11.952  1.000 82.742  0 67  ASP A CG  1 ? 
ATOM   458  O OD1 . ASP A 1 67  ? 16.487  8.542   11.030  1.000 90.053  0 67  ASP A OD1 1 ? 
ATOM   459  O OD2 . ASP A 1 67  ? 14.541  9.148   11.869  1.000 80.906  0 67  ASP A OD2 1 ? 
ATOM   460  N N   . GLY A 1 68  ? 13.541  5.454   12.171  1.000 80.486  0 68  GLY A N   1 ? 
ATOM   461  C CA  . GLY A 1 68  ? 12.116  5.066   12.154  1.000 77.602  0 68  GLY A CA  1 ? 
ATOM   462  C C   . GLY A 1 68  ? 11.212  6.113   11.514  1.000 75.373  0 68  GLY A C   1 ? 
ATOM   463  O O   . GLY A 1 68  ? 10.015  5.816   11.356  1.000 72.574  0 68  GLY A O   1 ? 
ATOM   464  N N   . SER A 1 69  ? 11.736  7.296   11.173  1.000 72.900  0 69  SER A N   1 ? 
ATOM   465  C CA  . SER A 1 69  ? 11.005  8.339   10.401  1.000 75.209  0 69  SER A CA  1 ? 
ATOM   466  C C   . SER A 1 69  ? 10.871  7.873   8.948   1.000 75.784  0 69  SER A C   1 ? 
ATOM   467  O O   . SER A 1 69  ? 11.680  7.022   8.520   1.000 77.565  0 69  SER A O   1 ? 
ATOM   468  C CB  . SER A 1 69  ? 11.690  9.684   10.477  1.000 75.799  0 69  SER A CB  1 ? 
ATOM   469  O OG  . SER A 1 69  ? 12.885  9.692   9.706   1.000 75.903  0 69  SER A OG  1 ? 
ATOM   470  N N   . THR A 1 70  ? 9.898   8.419   8.215   1.000 71.112  0 70  THR A N   1 ? 
ATOM   471  C CA  . THR A 1 70  ? 9.654   8.103   6.785   1.000 67.624  0 70  THR A CA  1 ? 
ATOM   472  C C   . THR A 1 70  ? 9.653   9.395   5.967   1.000 66.807  0 70  THR A C   1 ? 
ATOM   473  O O   . THR A 1 70  ? 9.399   10.461  6.538   1.000 71.172  0 70  THR A O   1 ? 
ATOM   474  C CB  . THR A 1 70  ? 8.350   7.316   6.603   1.000 67.783  0 70  THR A CB  1 ? 
ATOM   475  O OG1 . THR A 1 70  ? 7.241   8.162   6.908   1.000 65.342  0 70  THR A OG1 1 ? 
ATOM   476  C CG2 . THR A 1 70  ? 8.292   6.069   7.460   1.000 67.795  0 70  THR A CG2 1 ? 
ATOM   477  N N   . GLU A 1 71  ? 9.955   9.290   4.675   1.000 70.176  0 71  GLU A N   1 ? 
ATOM   478  C CA  . GLU A 1 71  ? 9.718   10.354  3.667   1.000 71.034  0 71  GLU A CA  1 ? 
ATOM   479  C C   . GLU A 1 71  ? 9.033   9.706   2.459   1.000 65.873  0 71  GLU A C   1 ? 
ATOM   480  O O   . GLU A 1 71  ? 9.569   8.714   1.940   1.000 67.084  0 71  GLU A O   1 ? 
ATOM   481  C CB  . GLU A 1 71  ? 11.026  11.050  3.283   1.000 78.579  0 71  GLU A CB  1 ? 
ATOM   482  C CG  . GLU A 1 71  ? 10.853  12.056  2.155   1.000 88.679  0 71  GLU A CG  1 ? 
ATOM   483  C CD  . GLU A 1 71  ? 12.094  12.859  1.805   1.000 94.780  0 71  GLU A CD  1 ? 
ATOM   484  O OE1 . GLU A 1 71  ? 12.423  13.797  2.563   1.000 99.888  0 71  GLU A OE1 1 ? 
ATOM   485  O OE2 . GLU A 1 71  ? 12.727  12.546  0.773   1.000 93.175  0 71  GLU A OE2 1 ? 
ATOM   486  N N   . ALA A 1 72  ? 7.879   10.239  2.052   1.000 62.874  0 72  ALA A N   1 ? 
ATOM   487  C CA  . ALA A 1 72  ? 7.089   9.765   0.893   1.000 62.015  0 72  ALA A CA  1 ? 
ATOM   488  C C   . ALA A 1 72  ? 7.822   10.153  -0.393  1.000 60.896  0 72  ALA A C   1 ? 
ATOM   489  O O   . ALA A 1 72  ? 8.195   11.331  -0.530  1.000 65.291  0 72  ALA A O   1 ? 
ATOM   490  C CB  . ALA A 1 72  ? 5.697   10.345  0.941   1.000 61.622  0 72  ALA A CB  1 ? 
ATOM   491  N N   . ILE A 1 73  ? 8.055   9.185   -1.278  1.000 59.157  0 73  ILE A N   1 ? 
ATOM   492  C CA  . ILE A 1 73  ? 8.807   9.391   -2.549  1.000 60.727  0 73  ILE A CA  1 ? 
ATOM   493  C C   . ILE A 1 73  ? 7.850   9.223   -3.734  1.000 61.659  0 73  ILE A C   1 ? 
ATOM   494  O O   . ILE A 1 73  ? 8.125   9.809   -4.804  1.000 66.170  0 73  ILE A O   1 ? 
ATOM   495  C CB  . ILE A 1 73  ? 10.027  8.449   -2.629  1.000 60.336  0 73  ILE A CB  1 ? 
ATOM   496  C CG1 . ILE A 1 73  ? 9.633   6.981   -2.796  1.000 60.416  0 73  ILE A CG1 1 ? 
ATOM   497  C CG2 . ILE A 1 73  ? 10.938  8.645   -1.428  1.000 58.768  0 73  ILE A CG2 1 ? 
ATOM   498  C CD1 . ILE A 1 73  ? 10.769  6.116   -3.278  1.000 63.138  0 73  ILE A CD1 1 ? 
ATOM   499  N N   . ALA A 1 74  ? 6.771   8.458   -3.550  1.000 57.451  0 74  ALA A N   1 ? 
ATOM   500  C CA  . ALA A 1 74  ? 5.750   8.198   -4.584  1.000 54.988  0 74  ALA A CA  1 ? 
ATOM   501  C C   . ALA A 1 74  ? 4.398   7.951   -3.920  1.000 55.946  0 74  ALA A C   1 ? 
ATOM   502  O O   . ALA A 1 74  ? 4.364   7.555   -2.742  1.000 56.428  0 74  ALA A O   1 ? 
ATOM   503  C CB  . ALA A 1 74  ? 6.161   7.021   -5.428  1.000 55.885  0 74  ALA A CB  1 ? 
ATOM   504  N N   . SER A 1 75  ? 3.328   8.171   -4.677  1.000 56.398  0 75  SER A N   1 ? 
ATOM   505  C CA  . SER A 1 75  ? 1.927   7.926   -4.268  1.000 56.395  0 75  SER A CA  1 ? 
ATOM   506  C C   . SER A 1 75  ? 1.100   7.580   -5.506  1.000 57.898  0 75  SER A C   1 ? 
ATOM   507  O O   . SER A 1 75  ? 1.435   8.066   -6.602  1.000 65.204  0 75  SER A O   1 ? 
ATOM   508  C CB  . SER A 1 75  ? 1.365   9.110   -3.547  1.000 58.292  0 75  SER A CB  1 ? 
ATOM   509  O OG  . SER A 1 75  ? -0.045  9.013   -3.466  1.000 64.879  0 75  SER A OG  1 ? 
ATOM   510  N N   . ALA A 1 76  ? 0.078   6.746   -5.330  1.000 57.913  0 76  ALA A N   1 ? 
ATOM   511  C CA  . ALA A 1 76  ? -0.892  6.354   -6.375  1.000 56.007  0 76  ALA A CA  1 ? 
ATOM   512  C C   . ALA A 1 76  ? -2.271  6.298   -5.729  1.000 55.376  0 76  ALA A C   1 ? 
ATOM   513  O O   . ALA A 1 76  ? -2.365  5.767   -4.611  1.000 56.558  0 76  ALA A O   1 ? 
ATOM   514  C CB  . ALA A 1 76  ? -0.507  5.026   -6.974  1.000 57.703  0 76  ALA A CB  1 ? 
ATOM   515  N N   . SER A 1 77  ? -3.276  6.866   -6.393  1.000 55.824  0 77  SER A N   1 ? 
ATOM   516  C CA  . SER A 1 77  ? -4.692  6.861   -5.949  1.000 57.689  0 77  SER A CA  1 ? 
ATOM   517  C C   . SER A 1 77  ? -5.571  6.308   -7.064  1.000 58.463  0 77  SER A C   1 ? 
ATOM   518  O O   . SER A 1 77  ? -5.272  6.560   -8.247  1.000 59.106  0 77  SER A O   1 ? 
ATOM   519  C CB  . SER A 1 77  ? -5.147  8.222   -5.524  1.000 56.964  0 77  SER A CB  1 ? 
ATOM   520  O OG  . SER A 1 77  ? -4.763  8.466   -4.183  1.000 59.888  0 77  SER A OG  1 ? 
ATOM   521  N N   . LYS A 1 78  ? -6.623  5.596   -6.680  1.000 58.971  0 78  LYS A N   1 ? 
ATOM   522  C CA  . LYS A 1 78  ? -7.515  4.872   -7.610  1.000 63.076  0 78  LYS A CA  1 ? 
ATOM   523  C C   . LYS A 1 78  ? -8.915  4.851   -7.002  1.000 63.807  0 78  LYS A C   1 ? 
ATOM   524  O O   . LYS A 1 78  ? -9.020  4.530   -5.805  1.000 64.695  0 78  LYS A O   1 ? 
ATOM   525  C CB  . LYS A 1 78  ? -6.974  3.454   -7.827  1.000 66.236  0 78  LYS A CB  1 ? 
ATOM   526  C CG  . LYS A 1 78  ? -7.340  2.827   -9.162  1.000 67.625  0 78  LYS A CG  1 ? 
ATOM   527  C CD  . LYS A 1 78  ? -7.491  1.328   -9.130  1.000 70.626  0 78  LYS A CD  1 ? 
ATOM   528  C CE  . LYS A 1 78  ? -6.183  0.589   -8.980  1.000 74.396  0 78  LYS A CE  1 ? 
ATOM   529  N NZ  . LYS A 1 78  ? -6.319  -0.822  -9.411  1.000 76.475  0 78  LYS A NZ  1 ? 
ATOM   530  N N   . GLU A 1 79  ? -9.939  5.204   -7.781  1.000 69.018  0 79  GLU A N   1 ? 
ATOM   531  C CA  . GLU A 1 79  ? -11.350 4.893   -7.436  1.000 69.193  0 79  GLU A CA  1 ? 
ATOM   532  C C   . GLU A 1 79  ? -11.539 3.387   -7.626  1.000 62.871  0 79  GLU A C   1 ? 
ATOM   533  O O   . GLU A 1 79  ? -11.299 2.904   -8.734  1.000 61.563  0 79  GLU A O   1 ? 
ATOM   534  C CB  . GLU A 1 79  ? -12.342 5.695   -8.280  1.000 75.193  0 79  GLU A CB  1 ? 
ATOM   535  C CG  . GLU A 1 79  ? -12.590 7.099   -7.750  1.000 80.911  0 79  GLU A CG  1 ? 
ATOM   536  C CD  . GLU A 1 79  ? -13.936 7.698   -8.126  1.000 84.829  0 79  GLU A CD  1 ? 
ATOM   537  O OE1 . GLU A 1 79  ? -14.057 8.945   -8.117  1.000 87.809  0 79  GLU A OE1 1 ? 
ATOM   538  O OE2 . GLU A 1 79  ? -14.864 6.918   -8.422  1.000 87.194  0 79  GLU A OE2 1 ? 
ATOM   539  N N   . VAL A 1 80  ? -11.893 2.683   -6.552  1.000 61.433  0 80  VAL A N   1 ? 
ATOM   540  C CA  . VAL A 1 80  ? -12.143 1.213   -6.535  1.000 59.341  0 80  VAL A CA  1 ? 
ATOM   541  C C   . VAL A 1 80  ? -13.552 0.989   -5.993  1.000 59.212  0 80  VAL A C   1 ? 
ATOM   542  O O   . VAL A 1 80  ? -14.116 1.934   -5.419  1.000 62.894  0 80  VAL A O   1 ? 
ATOM   543  C CB  . VAL A 1 80  ? -11.106 0.469   -5.676  1.000 61.578  0 80  VAL A CB  1 ? 
ATOM   544  C CG1 . VAL A 1 80  ? -9.756  0.384   -6.370  1.000 62.117  0 80  VAL A CG1 1 ? 
ATOM   545  C CG2 . VAL A 1 80  ? -10.969 1.087   -4.292  1.000 61.933  0 80  VAL A CG2 1 ? 
ATOM   546  N N   . THR A 1 81  ? -14.083 -0.218  -6.165  1.000 59.967  0 81  THR A N   1 ? 
ATOM   547  C CA  . THR A 1 81  ? -15.387 -0.649  -5.603  1.000 62.345  0 81  THR A CA  1 ? 
ATOM   548  C C   . THR A 1 81  ? -15.154 -1.907  -4.766  1.000 60.108  0 81  THR A C   1 ? 
ATOM   549  O O   . THR A 1 81  ? -14.532 -2.849  -5.280  1.000 57.630  0 81  THR A O   1 ? 
ATOM   550  C CB  . THR A 1 81  ? -16.425 -0.852  -6.716  1.000 63.246  0 81  THR A CB  1 ? 
ATOM   551  O OG1 . THR A 1 81  ? -16.713 0.436   -7.260  1.000 63.227  0 81  THR A OG1 1 ? 
ATOM   552  C CG2 . THR A 1 81  ? -17.707 -1.494  -6.232  1.000 63.203  0 81  THR A CG2 1 ? 
ATOM   553  N N   . ALA A 1 82  ? -15.624 -1.908  -3.519  1.000 60.893  0 82  ALA A N   1 ? 
ATOM   554  C CA  . ALA A 1 82  ? -15.625 -3.099  -2.643  1.000 63.154  0 82  ALA A CA  1 ? 
ATOM   555  C C   . ALA A 1 82  ? -16.596 -4.131  -3.224  1.000 63.602  0 82  ALA A C   1 ? 
ATOM   556  O O   . ALA A 1 82  ? -17.720 -3.740  -3.592  1.000 63.659  0 82  ALA A O   1 ? 
ATOM   557  C CB  . ALA A 1 82  ? -16.001 -2.708  -1.236  1.000 64.187  0 82  ALA A CB  1 ? 
ATOM   558  N N   . GLU A 1 83  ? -16.167 -5.392  -3.321  1.000 66.651  0 83  GLU A N   1 ? 
ATOM   559  C CA  . GLU A 1 83  ? -17.059 -6.550  -3.602  1.000 70.667  0 83  GLU A CA  1 ? 
ATOM   560  C C   . GLU A 1 83  ? -18.278 -6.448  -2.679  1.000 71.326  0 83  GLU A C   1 ? 
ATOM   561  O O   . GLU A 1 83  ? -18.129 -5.907  -1.568  1.000 73.313  0 83  GLU A O   1 ? 
ATOM   562  C CB  . GLU A 1 83  ? -16.357 -7.884  -3.345  1.000 73.703  0 83  GLU A CB  1 ? 
ATOM   563  C CG  . GLU A 1 83  ? -15.164 -8.155  -4.244  1.000 78.910  0 83  GLU A CG  1 ? 
ATOM   564  C CD  . GLU A 1 83  ? -15.504 -8.436  -5.696  1.000 80.690  0 83  GLU A CD  1 ? 
ATOM   565  O OE1 . GLU A 1 83  ? -16.337 -9.332  -5.944  1.000 89.553  0 83  GLU A OE1 1 ? 
ATOM   566  O OE2 . GLU A 1 83  ? -14.930 -7.762  -6.571  1.000 78.580  0 83  GLU A OE2 1 ? 
ATOM   567  N N   . THR A 1 84  ? -19.426 -6.982  -3.104  1.000 71.356  0 84  THR A N   1 ? 
ATOM   568  C CA  . THR A 1 84  ? -20.711 -6.901  -2.356  1.000 70.777  0 84  THR A CA  1 ? 
ATOM   569  C C   . THR A 1 84  ? -20.554 -7.595  -0.997  1.000 67.271  0 84  THR A C   1 ? 
ATOM   570  O O   . THR A 1 84  ? -21.292 -7.221  -0.082  1.000 71.294  0 84  THR A O   1 ? 
ATOM   571  C CB  . THR A 1 84  ? -21.874 -7.456  -3.191  1.000 72.048  0 84  THR A CB  1 ? 
ATOM   572  O OG1 . THR A 1 84  ? -21.567 -8.808  -3.527  1.000 70.305  0 84  THR A OG1 1 ? 
ATOM   573  C CG2 . THR A 1 84  ? -22.130 -6.659  -4.454  1.000 69.767  0 84  THR A CG2 1 ? 
ATOM   574  N N   . SER A 1 85  ? -19.614 -8.540  -0.862  1.000 66.183  0 85  SER A N   1 ? 
ATOM   575  C CA  . SER A 1 85  ? -19.308 -9.274  0.396   1.000 64.726  0 85  SER A CA  1 ? 
ATOM   576  C C   . SER A 1 85  ? -18.413 -8.451  1.341   1.000 62.966  0 85  SER A C   1 ? 
ATOM   577  O O   . SER A 1 85  ? -18.174 -8.929  2.461   1.000 57.952  0 85  SER A O   1 ? 
ATOM   578  C CB  . SER A 1 85  ? -18.671 -10.603 0.091   1.000 65.001  0 85  SER A CB  1 ? 
ATOM   579  O OG  . SER A 1 85  ? -17.439 -10.422 -0.589  1.000 67.561  0 85  SER A OG  1 ? 
ATOM   580  N N   . GLY A 1 86  ? -17.896 -7.294  0.909   1.000 64.293  0 86  GLY A N   1 ? 
ATOM   581  C CA  . GLY A 1 86  ? -16.993 -6.441  1.713   1.000 65.683  0 86  GLY A CA  1 ? 
ATOM   582  C C   . GLY A 1 86  ? -15.560 -6.964  1.794   1.000 65.401  0 86  GLY A C   1 ? 
ATOM   583  O O   . GLY A 1 86  ? -14.718 -6.244  2.360   1.000 63.492  0 86  GLY A O   1 ? 
ATOM   584  N N   . LYS A 1 87  ? -15.300 -8.181  1.288   1.000 70.124  0 87  LYS A N   1 ? 
ATOM   585  C CA  . LYS A 1 87  ? -13.955 -8.805  1.142   1.000 70.874  0 87  LYS A CA  1 ? 
ATOM   586  C C   . LYS A 1 87  ? -13.593 -8.834  -0.341  1.000 68.817  0 87  LYS A C   1 ? 
ATOM   587  O O   . LYS A 1 87  ? -14.492 -9.055  -1.159  1.000 72.868  0 87  LYS A O   1 ? 
ATOM   588  C CB  . LYS A 1 87  ? -13.917 -10.267 1.600   1.000 74.244  0 87  LYS A CB  1 ? 
ATOM   589  C CG  . LYS A 1 87  ? -14.427 -10.562 3.003   1.000 81.354  0 87  LYS A CG  1 ? 
ATOM   590  C CD  . LYS A 1 87  ? -14.800 -12.027 3.208   1.000 83.786  0 87  LYS A CD  1 ? 
ATOM   591  C CE  . LYS A 1 87  ? -15.969 -12.222 4.155   1.000 88.606  0 87  LYS A CE  1 ? 
ATOM   592  N NZ  . LYS A 1 87  ? -15.661 -11.742 5.523   1.000 90.176  0 87  LYS A NZ  1 ? 
ATOM   593  N N   . GLY A 1 88  ? -12.314 -8.678  -0.661  1.000 67.435  0 88  GLY A N   1 ? 
ATOM   594  C CA  . GLY A 1 88  ? -11.805 -8.784  -2.038  1.000 65.952  0 88  GLY A CA  1 ? 
ATOM   595  C C   . GLY A 1 88  ? -10.351 -8.373  -2.119  1.000 64.551  0 88  GLY A C   1 ? 
ATOM   596  O O   . GLY A 1 88  ? -9.670  -8.358  -1.080  1.000 63.366  0 88  GLY A O   1 ? 
ATOM   597  N N   . THR A 1 89  ? -9.889  -8.049  -3.323  1.000 64.901  0 89  THR A N   1 ? 
ATOM   598  C CA  . THR A 1 89  ? -8.501  -7.609  -3.583  1.000 63.184  0 89  THR A CA  1 ? 
ATOM   599  C C   . THR A 1 89  ? -8.509  -6.439  -4.558  1.000 62.306  0 89  THR A C   1 ? 
ATOM   600  O O   . THR A 1 89  ? -9.293  -6.473  -5.524  1.000 66.049  0 89  THR A O   1 ? 
ATOM   601  C CB  . THR A 1 89  ? -7.643  -8.752  -4.124  1.000 62.634  0 89  THR A CB  1 ? 
ATOM   602  O OG1 . THR A 1 89  ? -7.942  -9.899  -3.334  1.000 65.713  0 89  THR A OG1 1 ? 
ATOM   603  C CG2 . THR A 1 89  ? -6.164  -8.443  -4.056  1.000 65.494  0 89  THR A CG2 1 ? 
ATOM   604  N N   . TRP A 1 90  ? -7.665  -5.450  -4.282  1.000 63.177  0 90  TRP A N   1 ? 
ATOM   605  C CA  . TRP A 1 90  ? -7.274  -4.379  -5.227  1.000 62.243  0 90  TRP A CA  1 ? 
ATOM   606  C C   . TRP A 1 90  ? -5.769  -4.489  -5.483  1.000 62.511  0 90  TRP A C   1 ? 
ATOM   607  O O   . TRP A 1 90  ? -5.063  -4.981  -4.585  1.000 61.874  0 90  TRP A O   1 ? 
ATOM   608  C CB  . TRP A 1 90  ? -7.660  -3.013  -4.658  1.000 62.776  0 90  TRP A CB  1 ? 
ATOM   609  C CG  . TRP A 1 90  ? -9.119  -2.857  -4.375  1.000 63.139  0 90  TRP A CG  1 ? 
ATOM   610  C CD1 . TRP A 1 90  ? -10.158 -3.283  -5.151  1.000 63.907  0 90  TRP A CD1 1 ? 
ATOM   611  C CD2 . TRP A 1 90  ? -9.711  -2.180  -3.251  1.000 65.008  0 90  TRP A CD2 1 ? 
ATOM   612  N NE1 . TRP A 1 90  ? -11.354 -2.939  -4.578  1.000 62.007  0 90  TRP A NE1 1 ? 
ATOM   613  C CE2 . TRP A 1 90  ? -11.112 -2.254  -3.416  1.000 64.057  0 90  TRP A CE2 1 ? 
ATOM   614  C CE3 . TRP A 1 90  ? -9.198  -1.521  -2.126  1.000 63.093  0 90  TRP A CE3 1 ? 
ATOM   615  C CZ2 . TRP A 1 90  ? -11.998 -1.697  -2.495  1.000 60.479  0 90  TRP A CZ2 1 ? 
ATOM   616  C CZ3 . TRP A 1 90  ? -10.075 -0.972  -1.216  1.000 60.765  0 90  TRP A CZ3 1 ? 
ATOM   617  C CH2 . TRP A 1 90  ? -11.455 -1.059  -1.403  1.000 61.026  0 90  TRP A CH2 1 ? 
ATOM   618  N N   . GLU A 1 91  ? -5.321  -4.088  -6.677  1.000 66.872  0 91  GLU A N   1 ? 
ATOM   619  C CA  . GLU A 1 91  ? -3.891  -3.913  -7.050  1.000 67.248  0 91  GLU A CA  1 ? 
ATOM   620  C C   . GLU A 1 91  ? -3.620  -2.419  -7.220  1.000 63.656  0 91  GLU A C   1 ? 
ATOM   621  O O   . GLU A 1 91  ? -4.506  -1.709  -7.726  1.000 62.229  0 91  GLU A O   1 ? 
ATOM   622  C CB  . GLU A 1 91  ? -3.556  -4.635  -8.358  1.000 74.631  0 91  GLU A CB  1 ? 
ATOM   623  C CG  . GLU A 1 91  ? -3.725  -6.143  -8.295  1.000 82.606  0 91  GLU A CG  1 ? 
ATOM   624  C CD  . GLU A 1 91  ? -2.506  -6.901  -7.802  1.000 90.250  0 91  GLU A CD  1 ? 
ATOM   625  O OE1 . GLU A 1 91  ? -1.820  -6.390  -6.892  1.000 92.898  0 91  GLU A OE1 1 ? 
ATOM   626  O OE2 . GLU A 1 91  ? -2.237  -7.998  -8.335  1.000 98.919  0 91  GLU A OE2 1 ? 
ATOM   627  N N   . LEU A 1 92  ? -2.439  -1.966  -6.809  1.000 61.315  0 92  LEU A N   1 ? 
ATOM   628  C CA  . LEU A 1 92  ? -1.958  -0.580  -7.038  1.000 58.413  0 92  LEU A CA  1 ? 
ATOM   629  C C   . LEU A 1 92  ? -0.510  -0.670  -7.526  1.000 58.840  0 92  LEU A C   1 ? 
ATOM   630  O O   . LEU A 1 92  ? 0.244   -1.480  -6.968  1.000 61.075  0 92  LEU A O   1 ? 
ATOM   631  C CB  . LEU A 1 92  ? -2.080  0.189   -5.721  1.000 59.834  0 92  LEU A CB  1 ? 
ATOM   632  C CG  . LEU A 1 92  ? -2.335  1.692   -5.827  1.000 61.065  0 92  LEU A CG  1 ? 
ATOM   633  C CD1 . LEU A 1 92  ? -3.643  1.993   -6.535  1.000 62.673  0 92  LEU A CD1 1 ? 
ATOM   634  C CD2 . LEU A 1 92  ? -2.342  2.322   -4.447  1.000 63.356  0 92  LEU A CD2 1 ? 
ATOM   635  N N   . THR A 1 93  ? -0.152  0.076   -8.569  1.000 60.117  0 93  THR A N   1 ? 
ATOM   636  C CA  . THR A 1 93  ? 1.247   0.175   -9.062  1.000 60.941  0 93  THR A CA  1 ? 
ATOM   637  C C   . THR A 1 93  ? 1.670   1.644   -9.029  1.000 59.367  0 93  THR A C   1 ? 
ATOM   638  O O   . THR A 1 93  ? 0.850   2.503   -9.381  1.000 58.853  0 93  THR A O   1 ? 
ATOM   639  C CB  . THR A 1 93  ? 1.419   -0.443  -10.455 1.000 60.154  0 93  THR A CB  1 ? 
ATOM   640  O OG1 . THR A 1 93  ? 0.712   0.399   -11.363 1.000 67.534  0 93  THR A OG1 1 ? 
ATOM   641  C CG2 . THR A 1 93  ? 0.916   -1.867  -10.537 1.000 57.475  0 93  THR A CG2 1 ? 
ATOM   642  N N   . PHE A 1 94  ? 2.899   1.905   -8.584  1.000 58.205  0 94  PHE A N   1 ? 
ATOM   643  C CA  . PHE A 1 94  ? 3.502   3.256   -8.527  1.000 57.061  0 94  PHE A CA  1 ? 
ATOM   644  C C   . PHE A 1 94  ? 4.190   3.514   -9.865  1.000 57.902  0 94  PHE A C   1 ? 
ATOM   645  O O   . PHE A 1 94  ? 4.634   2.538   -10.494 1.000 59.144  0 94  PHE A O   1 ? 
ATOM   646  C CB  . PHE A 1 94  ? 4.447   3.355   -7.330  1.000 57.149  0 94  PHE A CB  1 ? 
ATOM   647  C CG  . PHE A 1 94  ? 3.756   3.119   -6.013  1.000 56.810  0 94  PHE A CG  1 ? 
ATOM   648  C CD1 . PHE A 1 94  ? 3.142   4.162   -5.340  1.000 56.300  0 94  PHE A CD1 1 ? 
ATOM   649  C CD2 . PHE A 1 94  ? 3.686   1.846   -5.466  1.000 56.428  0 94  PHE A CD2 1 ? 
ATOM   650  C CE1 . PHE A 1 94  ? 2.491   3.942   -4.136  1.000 55.677  0 94  PHE A CE1 1 ? 
ATOM   651  C CE2 . PHE A 1 94  ? 3.037   1.630   -4.259  1.000 56.858  0 94  PHE A CE2 1 ? 
ATOM   652  C CZ  . PHE A 1 94  ? 2.439   2.677   -3.598  1.000 56.098  0 94  PHE A CZ  1 ? 
ATOM   653  N N   . ALA A 1 95  ? 4.249   4.780   -10.288 1.000 58.499  0 95  ALA A N   1 ? 
ATOM   654  C CA  . ALA A 1 95  ? 5.103   5.238   -11.405 1.000 62.171  0 95  ALA A CA  1 ? 
ATOM   655  C C   . ALA A 1 95  ? 6.503   4.657   -11.206 1.000 65.218  0 95  ALA A C   1 ? 
ATOM   656  O O   . ALA A 1 95  ? 6.895   4.355   -10.079 1.000 64.266  0 95  ALA A O   1 ? 
ATOM   657  C CB  . ALA A 1 95  ? 5.128   6.745   -11.467 1.000 60.777  0 95  ALA A CB  1 ? 
ATOM   658  N N   . PRO A 1 96  ? 7.290   4.450   -12.284 1.000 71.205  0 96  PRO A N   1 ? 
ATOM   659  C CA  . PRO A 1 96  ? 8.657   3.952   -12.146 1.000 72.925  0 96  PRO A CA  1 ? 
ATOM   660  C C   . PRO A 1 96  ? 9.451   4.813   -11.153 1.000 67.956  0 96  PRO A C   1 ? 
ATOM   661  O O   . PRO A 1 96  ? 9.319   6.025   -11.202 1.000 67.455  0 96  PRO A O   1 ? 
ATOM   662  C CB  . PRO A 1 96  ? 9.229   4.064   -13.565 1.000 74.436  0 96  PRO A CB  1 ? 
ATOM   663  C CG  . PRO A 1 96  ? 8.013   3.973   -14.450 1.000 75.656  0 96  PRO A CG  1 ? 
ATOM   664  C CD  . PRO A 1 96  ? 6.916   4.682   -13.686 1.000 75.367  0 96  PRO A CD  1 ? 
ATOM   665  N N   . GLN A 1 97  ? 10.224  4.167   -10.275 1.000 65.061  0 97  GLN A N   1 ? 
ATOM   666  C CA  . GLN A 1 97  ? 10.974  4.828   -9.176  1.000 66.290  0 97  GLN A CA  1 ? 
ATOM   667  C C   . GLN A 1 97  ? 12.433  4.378   -9.198  1.000 60.647  0 97  GLN A C   1 ? 
ATOM   668  O O   . GLN A 1 97  ? 12.666  3.161   -9.282  1.000 61.816  0 97  GLN A O   1 ? 
ATOM   669  C CB  . GLN A 1 97  ? 10.355  4.488   -7.816  1.000 71.830  0 97  GLN A CB  1 ? 
ATOM   670  C CG  . GLN A 1 97  ? 9.239   5.435   -7.400  1.000 75.968  0 97  GLN A CG  1 ? 
ATOM   671  C CD  . GLN A 1 97  ? 9.721   6.850   -7.176  1.000 79.154  0 97  GLN A CD  1 ? 
ATOM   672  O OE1 . GLN A 1 97  ? 10.913  7.119   -7.045  1.000 77.459  0 97  GLN A OE1 1 ? 
ATOM   673  N NE2 . GLN A 1 97  ? 8.781   7.776   -7.122  1.000 84.626  0 97  GLN A NE2 1 ? 
ATOM   674  N N   . ASN A 1 98  ? 13.360  5.337   -9.116  1.000 59.446  0 98  ASN A N   1 ? 
ATOM   675  C CA  . ASN A 1 98  ? 14.800  5.101   -8.827  1.000 59.195  0 98  ASN A CA  1 ? 
ATOM   676  C C   . ASN A 1 98  ? 14.967  4.949   -7.316  1.000 59.378  0 98  ASN A C   1 ? 
ATOM   677  O O   . ASN A 1 98  ? 14.711  5.934   -6.602  1.000 64.487  0 98  ASN A O   1 ? 
ATOM   678  C CB  . ASN A 1 98  ? 15.684  6.232   -9.348  1.000 56.647  0 98  ASN A CB  1 ? 
ATOM   679  C CG  . ASN A 1 98  ? 15.675  6.324   -10.855 1.000 60.159  0 98  ASN A CG  1 ? 
ATOM   680  O OD1 . ASN A 1 98  ? 15.269  5.385   -11.542 1.000 63.977  0 98  ASN A OD1 1 ? 
ATOM   681  N ND2 . ASN A 1 98  ? 16.124  7.451   -11.376 1.000 65.473  0 98  ASN A ND2 1 ? 
ATOM   682  N N   . LEU A 1 99  ? 15.349  3.760   -6.847  1.000 58.188  0 99  LEU A N   1 ? 
ATOM   683  C CA  . LEU A 1 99  ? 15.574  3.481   -5.404  1.000 59.663  0 99  LEU A CA  1 ? 
ATOM   684  C C   . LEU A 1 99  ? 17.072  3.577   -5.104  1.000 59.404  0 99  LEU A C   1 ? 
ATOM   685  O O   . LEU A 1 99  ? 17.867  3.505   -6.044  1.000 64.040  0 99  LEU A O   1 ? 
ATOM   686  C CB  . LEU A 1 99  ? 15.017  2.096   -5.059  1.000 59.879  0 99  LEU A CB  1 ? 
ATOM   687  C CG  . LEU A 1 99  ? 13.504  1.934   -5.210  1.000 57.746  0 99  LEU A CG  1 ? 
ATOM   688  C CD1 . LEU A 1 99  ? 13.065  0.557   -4.730  1.000 57.452  0 99  LEU A CD1 1 ? 
ATOM   689  C CD2 . LEU A 1 99  ? 12.756  3.021   -4.453  1.000 58.735  0 99  LEU A CD2 1 ? 
ATOM   690  N N   . LYS A 1 100 ? 17.436  3.745   -3.835  1.000 62.237  0 100 LYS A N   1 ? 
ATOM   691  C CA  . LYS A 1 100 ? 18.845  3.933   -3.403  1.000 63.424  0 100 LYS A CA  1 ? 
ATOM   692  C C   . LYS A 1 100 ? 19.367  2.634   -2.770  1.000 62.345  0 100 LYS A C   1 ? 
ATOM   693  O O   . LYS A 1 100 ? 18.622  2.000   -2.004  1.000 60.993  0 100 LYS A O   1 ? 
ATOM   694  C CB  . LYS A 1 100 ? 18.929  5.129   -2.451  1.000 68.796  0 100 LYS A CB  1 ? 
ATOM   695  C CG  . LYS A 1 100 ? 18.815  6.499   -3.110  1.000 73.720  0 100 LYS A CG  1 ? 
ATOM   696  C CD  . LYS A 1 100 ? 19.141  7.639   -2.164  1.000 80.383  0 100 LYS A CD  1 ? 
ATOM   697  C CE  . LYS A 1 100 ? 18.982  9.011   -2.790  1.000 86.325  0 100 LYS A CE  1 ? 
ATOM   698  N NZ  . LYS A 1 100 ? 17.620  9.557   -2.579  1.000 91.795  0 100 LYS A NZ  1 ? 
ATOM   699  N N   . ALA A 1 101 ? 20.609  2.259   -3.093  1.000 64.307  0 101 ALA A N   1 ? 
ATOM   700  C CA  . ALA A 1 101 ? 21.331  1.086   -2.544  1.000 62.133  0 101 ALA A CA  1 ? 
ATOM   701  C C   . ALA A 1 101 ? 21.397  1.194   -1.016  1.000 60.577  0 101 ALA A C   1 ? 
ATOM   702  O O   . ALA A 1 101 ? 21.578  2.312   -0.503  1.000 57.977  0 101 ALA A O   1 ? 
ATOM   703  C CB  . ALA A 1 101 ? 22.711  0.992   -3.150  1.000 59.595  0 101 ALA A CB  1 ? 
ATOM   704  N N   . GLY A 1 102 ? 21.213  0.068   -0.322  1.000 60.388  0 102 GLY A N   1 ? 
ATOM   705  C CA  . GLY A 1 102 ? 21.296  -0.029  1.146   1.000 59.428  0 102 GLY A CA  1 ? 
ATOM   706  C C   . GLY A 1 102 ? 20.157  0.687   1.851   1.000 58.628  0 102 GLY A C   1 ? 
ATOM   707  O O   . GLY A 1 102 ? 20.267  0.870   3.070   1.000 57.742  0 102 GLY A O   1 ? 
ATOM   708  N N   . GLU A 1 103 ? 19.103  1.080   1.128   1.000 63.590  0 103 GLU A N   1 ? 
ATOM   709  C CA  . GLU A 1 103 ? 17.930  1.807   1.689   1.000 63.650  0 103 GLU A CA  1 ? 
ATOM   710  C C   . GLU A 1 103 ? 16.752  0.843   1.836   1.000 60.807  0 103 GLU A C   1 ? 
ATOM   711  O O   . GLU A 1 103 ? 16.709  -0.168  1.119   1.000 60.548  0 103 GLU A O   1 ? 
ATOM   712  C CB  . GLU A 1 103 ? 17.517  2.981   0.802   1.000 67.941  0 103 GLU A CB  1 ? 
ATOM   713  C CG  . GLU A 1 103 ? 18.527  4.109   0.790   1.000 73.480  0 103 GLU A CG  1 ? 
ATOM   714  C CD  . GLU A 1 103 ? 18.610  4.886   2.090   1.000 75.715  0 103 GLU A CD  1 ? 
ATOM   715  O OE1 . GLU A 1 103 ? 17.722  5.731   2.318   1.000 76.328  0 103 GLU A OE1 1 ? 
ATOM   716  O OE2 . GLU A 1 103 ? 19.548  4.631   2.870   1.000 71.793  0 103 GLU A OE2 1 ? 
ATOM   717  N N   . LYS A 1 104 ? 15.830  1.176   2.735   1.000 63.141  0 104 LYS A N   1 ? 
ATOM   718  C CA  . LYS A 1 104 ? 14.633  0.368   3.075   1.000 64.104  0 104 LYS A CA  1 ? 
ATOM   719  C C   . LYS A 1 104 ? 13.395  1.207   2.734   1.000 62.810  0 104 LYS A C   1 ? 
ATOM   720  O O   . LYS A 1 104 ? 13.376  2.411   3.064   1.000 63.346  0 104 LYS A O   1 ? 
ATOM   721  C CB  . LYS A 1 104 ? 14.704  -0.029  4.554   1.000 67.001  0 104 LYS A CB  1 ? 
ATOM   722  C CG  . LYS A 1 104 ? 14.139  -1.400  4.890   1.000 73.066  0 104 LYS A CG  1 ? 
ATOM   723  C CD  . LYS A 1 104 ? 14.058  -1.691  6.378   1.000 74.974  0 104 LYS A CD  1 ? 
ATOM   724  C CE  . LYS A 1 104 ? 12.786  -1.172  7.019   1.000 79.491  0 104 LYS A CE  1 ? 
ATOM   725  N NZ  . LYS A 1 104 ? 12.474  -1.886  8.281   1.000 81.834  0 104 LYS A NZ  1 ? 
ATOM   726  N N   . TYR A 1 105 ? 12.411  0.606   2.067   1.000 62.257  0 105 TYR A N   1 ? 
ATOM   727  C CA  . TYR A 1 105 ? 11.147  1.276   1.662   1.000 58.659  0 105 TYR A CA  1 ? 
ATOM   728  C C   . TYR A 1 105 ? 9.966   0.459   2.196   1.000 58.732  0 105 TYR A C   1 ? 
ATOM   729  O O   . TYR A 1 105 ? 10.080  -0.782  2.314   1.000 56.253  0 105 TYR A O   1 ? 
ATOM   730  C CB  . TYR A 1 105 ? 11.119  1.465   0.141   1.000 56.952  0 105 TYR A CB  1 ? 
ATOM   731  C CG  . TYR A 1 105 ? 12.297  2.239   -0.388  1.000 56.545  0 105 TYR A CG  1 ? 
ATOM   732  C CD1 . TYR A 1 105 ? 13.512  1.613   -0.628  1.000 55.834  0 105 TYR A CD1 1 ? 
ATOM   733  C CD2 . TYR A 1 105 ? 12.213  3.604   -0.622  1.000 55.099  0 105 TYR A CD2 1 ? 
ATOM   734  C CE1 . TYR A 1 105 ? 14.610  2.319   -1.096  1.000 54.985  0 105 TYR A CE1 1 ? 
ATOM   735  C CE2 . TYR A 1 105 ? 13.302  4.325   -1.087  1.000 54.218  0 105 TYR A CE2 1 ? 
ATOM   736  C CZ  . TYR A 1 105 ? 14.506  3.681   -1.321  1.000 54.565  0 105 TYR A CZ  1 ? 
ATOM   737  O OH  . TYR A 1 105 ? 15.585  4.378   -1.782  1.000 53.449  0 105 TYR A OH  1 ? 
ATOM   738  N N   . VAL A 1 106 ? 8.868   1.140   2.525   1.000 57.413  0 106 VAL A N   1 ? 
ATOM   739  C CA  . VAL A 1 106 ? 7.606   0.502   3.001   1.000 57.448  0 106 VAL A CA  1 ? 
ATOM   740  C C   . VAL A 1 106 ? 6.415   1.212   2.342   1.000 54.843  0 106 VAL A C   1 ? 
ATOM   741  O O   . VAL A 1 106 ? 6.519   2.419   2.052   1.000 54.758  0 106 VAL A O   1 ? 
ATOM   742  C CB  . VAL A 1 106 ? 7.518   0.518   4.539   1.000 57.411  0 106 VAL A CB  1 ? 
ATOM   743  C CG1 . VAL A 1 106 ? 7.370   1.932   5.083   1.000 56.918  0 106 VAL A CG1 1 ? 
ATOM   744  C CG2 . VAL A 1 106 ? 6.397   -0.376  5.050   1.000 59.633  0 106 VAL A CG2 1 ? 
ATOM   745  N N   . VAL A 1 107 ? 5.326   0.477   2.113   1.000 54.882  0 107 VAL A N   1 ? 
ATOM   746  C CA  . VAL A 1 107 ? 4.086   0.986   1.456   1.000 53.853  0 107 VAL A CA  1 ? 
ATOM   747  C C   . VAL A 1 107 ? 2.977   1.126   2.504   1.000 50.770  0 107 VAL A C   1 ? 
ATOM   748  O O   . VAL A 1 107 ? 2.724   0.162   3.237   1.000 49.113  0 107 VAL A O   1 ? 
ATOM   749  C CB  . VAL A 1 107 ? 3.652   0.071   0.297   1.000 54.941  0 107 VAL A CB  1 ? 
ATOM   750  C CG1 . VAL A 1 107 ? 2.363   0.563   -0.349  1.000 55.301  0 107 VAL A CG1 1 ? 
ATOM   751  C CG2 . VAL A 1 107 ? 4.762   -0.080  -0.736  1.000 55.568  0 107 VAL A CG2 1 ? 
ATOM   752  N N   . TYR A 1 108 ? 2.365   2.306   2.568   1.000 51.001  0 108 TYR A N   1 ? 
ATOM   753  C CA  . TYR A 1 108 ? 1.126   2.587   3.335   1.000 55.262  0 108 TYR A CA  1 ? 
ATOM   754  C C   . TYR A 1 108 ? -0.066  2.492   2.377   1.000 56.149  0 108 TYR A C   1 ? 
ATOM   755  O O   . TYR A 1 108 ? 0.127   2.611   1.158   1.000 56.311  0 108 TYR A O   1 ? 
ATOM   756  C CB  . TYR A 1 108 ? 1.203   3.964   4.000   1.000 55.822  0 108 TYR A CB  1 ? 
ATOM   757  C CG  . TYR A 1 108 ? 2.185   4.091   5.141   1.000 55.770  0 108 TYR A CG  1 ? 
ATOM   758  C CD1 . TYR A 1 108 ? 2.917   3.009   5.608   1.000 56.728  0 108 TYR A CD1 1 ? 
ATOM   759  C CD2 . TYR A 1 108 ? 2.352   5.305   5.786   1.000 55.568  0 108 TYR A CD2 1 ? 
ATOM   760  C CE1 . TYR A 1 108 ? 3.805   3.139   6.665   1.000 59.153  0 108 TYR A CE1 1 ? 
ATOM   761  C CE2 . TYR A 1 108 ? 3.231   5.450   6.846   1.000 57.584  0 108 TYR A CE2 1 ? 
ATOM   762  C CZ  . TYR A 1 108 ? 3.964   4.365   7.290   1.000 60.403  0 108 TYR A CZ  1 ? 
ATOM   763  O OH  . TYR A 1 108 ? 4.836   4.506   8.334   1.000 59.324  0 108 TYR A OH  1 ? 
ATOM   764  N N   . GLU A 1 109 ? -1.260  2.257   2.919   1.000 57.601  0 109 GLU A N   1 ? 
ATOM   765  C CA  . GLU A 1 109 ? -2.528  2.181   2.145   1.000 56.837  0 109 GLU A CA  1 ? 
ATOM   766  C C   . GLU A 1 109 ? -3.658  2.748   3.003   1.000 55.328  0 109 GLU A C   1 ? 
ATOM   767  O O   . GLU A 1 109 ? -3.738  2.397   4.192   1.000 53.350  0 109 GLU A O   1 ? 
ATOM   768  C CB  . GLU A 1 109 ? -2.844  0.747   1.712   1.000 56.842  0 109 GLU A CB  1 ? 
ATOM   769  C CG  . GLU A 1 109 ? -1.945  0.220   0.606   1.000 59.059  0 109 GLU A CG  1 ? 
ATOM   770  C CD  . GLU A 1 109 ? -2.136  0.830   -0.778  1.000 61.251  0 109 GLU A CD  1 ? 
ATOM   771  O OE1 . GLU A 1 109 ? -3.004  1.724   -0.930  1.000 64.511  0 109 GLU A OE1 1 ? 
ATOM   772  O OE2 . GLU A 1 109 ? -1.430  0.393   -1.712  1.000 55.427  0 109 GLU A OE2 1 ? 
ATOM   773  N N   . VAL A 1 110 ? -4.469  3.621   2.409   1.000 56.338  0 110 VAL A N   1 ? 
ATOM   774  C CA  . VAL A 1 110 ? -5.695  4.207   3.017   1.000 53.193  0 110 VAL A CA  1 ? 
ATOM   775  C C   . VAL A 1 110 ? -6.825  4.054   1.998   1.000 54.579  0 110 VAL A C   1 ? 
ATOM   776  O O   . VAL A 1 110 ? -6.588  4.305   0.803   1.000 55.527  0 110 VAL A O   1 ? 
ATOM   777  C CB  . VAL A 1 110 ? -5.477  5.677   3.415   1.000 52.148  0 110 VAL A CB  1 ? 
ATOM   778  C CG1 . VAL A 1 110 ? -6.724  6.281   4.047   1.000 53.185  0 110 VAL A CG1 1 ? 
ATOM   779  C CG2 . VAL A 1 110 ? -4.272  5.821   4.334   1.000 50.207  0 110 VAL A CG2 1 ? 
ATOM   780  N N   . ALA A 1 111 ? -7.987  3.605   2.470   1.000 57.758  0 111 ALA A N   1 ? 
ATOM   781  C CA  . ALA A 1 111 ? -9.239  3.461   1.698   1.000 57.009  0 111 ALA A CA  1 ? 
ATOM   782  C C   . ALA A 1 111 ? -10.297 4.353   2.346   1.000 59.216  0 111 ALA A C   1 ? 
ATOM   783  O O   . ALA A 1 111 ? -10.655 4.101   3.512   1.000 55.947  0 111 ALA A O   1 ? 
ATOM   784  C CB  . ALA A 1 111 ? -9.660  2.015   1.679   1.000 57.053  0 111 ALA A CB  1 ? 
ATOM   785  N N   . LYS A 1 112 ? -10.725 5.392   1.631   1.000 63.478  0 112 LYS A N   1 ? 
ATOM   786  C CA  . LYS A 1 112 ? -11.816 6.306   2.054   1.000 68.109  0 112 LYS A CA  1 ? 
ATOM   787  C C   . LYS A 1 112 ? -12.990 6.115   1.091   1.000 67.377  0 112 LYS A C   1 ? 
ATOM   788  O O   . LYS A 1 112 ? -12.760 6.149   -0.136  1.000 66.675  0 112 LYS A O   1 ? 
ATOM   789  C CB  . LYS A 1 112 ? -11.328 7.756   2.071   1.000 71.190  0 112 LYS A CB  1 ? 
ATOM   790  C CG  . LYS A 1 112 ? -10.048 7.991   2.858   1.000 72.723  0 112 LYS A CG  1 ? 
ATOM   791  C CD  . LYS A 1 112 ? -9.724  9.451   3.061   1.000 76.138  0 112 LYS A CD  1 ? 
ATOM   792  C CE  . LYS A 1 112 ? -8.528  9.656   3.968   1.000 82.241  0 112 LYS A CE  1 ? 
ATOM   793  N NZ  . LYS A 1 112 ? -8.304  11.087  4.274   1.000 84.353  0 112 LYS A NZ  1 ? 
ATOM   794  N N   . SER A 1 113 ? -14.190 5.887   1.626   1.000 67.014  0 113 SER A N   1 ? 
ATOM   795  C CA  . SER A 1 113 ? -15.441 5.765   0.835   1.000 63.386  0 113 SER A CA  1 ? 
ATOM   796  C C   . SER A 1 113 ? -15.729 7.111   0.162   1.000 63.594  0 113 SER A C   1 ? 
ATOM   797  O O   . SER A 1 113 ? -15.499 8.149   0.819   1.000 62.663  0 113 SER A O   1 ? 
ATOM   798  C CB  . SER A 1 113 ? -16.584 5.318   1.702   1.000 59.846  0 113 SER A CB  1 ? 
ATOM   799  O OG  . SER A 1 113 ? -16.795 6.230   2.766   1.000 57.707  0 113 SER A OG  1 ? 
ATOM   800  N N   . LYS A 1 114 ? -16.164 7.094   -1.104  1.000 65.381  0 114 LYS A N   1 ? 
ATOM   801  C CA  . LYS A 1 114 ? -16.591 8.315   -1.843  1.000 66.285  0 114 LYS A CA  1 ? 
ATOM   802  C C   . LYS A 1 114 ? -17.721 8.975   -1.045  1.000 67.279  0 114 LYS A C   1 ? 
ATOM   803  O O   . LYS A 1 114 ? -17.667 10.199  -0.844  1.000 63.863  0 114 LYS A O   1 ? 
ATOM   804  C CB  . LYS A 1 114 ? -17.029 7.975   -3.272  1.000 64.246  0 114 LYS A CB  1 ? 
ATOM   805  N N   . GLU A 1 115 ? -18.676 8.169   -0.569  1.000 71.365  0 115 GLU A N   1 ? 
ATOM   806  C CA  . GLU A 1 115 ? -19.867 8.622   0.201   1.000 73.530  0 115 GLU A CA  1 ? 
ATOM   807  C C   . GLU A 1 115 ? -19.541 8.661   1.696   1.000 74.106  0 115 GLU A C   1 ? 
ATOM   808  O O   . GLU A 1 115 ? -18.585 7.981   2.109   1.000 75.242  0 115 GLU A O   1 ? 
ATOM   809  C CB  . GLU A 1 115 ? -21.047 7.683   -0.043  1.000 73.770  0 115 GLU A CB  1 ? 
ATOM   810  C CG  . GLU A 1 115 ? -21.586 7.752   -1.456  1.000 72.822  0 115 GLU A CG  1 ? 
ATOM   811  C CD  . GLU A 1 115 ? -22.519 6.612   -1.815  1.000 74.008  0 115 GLU A CD  1 ? 
ATOM   812  O OE1 . GLU A 1 115 ? -22.790 5.773   -0.941  1.000 76.964  0 115 GLU A OE1 1 ? 
ATOM   813  O OE2 . GLU A 1 115 ? -22.965 6.569   -2.969  1.000 82.337  0 115 GLU A OE2 1 ? 
ATOM   814  N N   . ASN A 1 116 ? -20.336 9.417   2.459   1.000 74.695  0 116 ASN A N   1 ? 
ATOM   815  C CA  . ASN A 1 116 ? -20.225 9.571   3.935   1.000 78.095  0 116 ASN A CA  1 ? 
ATOM   816  C C   . ASN A 1 116 ? -21.037 8.462   4.615   1.000 78.211  0 116 ASN A C   1 ? 
ATOM   817  O O   . ASN A 1 116 ? -22.266 8.624   4.741   1.000 80.702  0 116 ASN A O   1 ? 
ATOM   818  C CB  . ASN A 1 116 ? -20.680 10.961  4.386   1.000 79.187  0 116 ASN A CB  1 ? 
ATOM   819  C CG  . ASN A 1 116 ? -19.889 12.064  3.720   1.000 78.523  0 116 ASN A CG  1 ? 
ATOM   820  O OD1 . ASN A 1 116 ? -19.806 12.116  2.498   1.000 87.297  0 116 ASN A OD1 1 ? 
ATOM   821  N ND2 . ASN A 1 116 ? -19.288 12.936  4.509   1.000 82.804  0 116 ASN A ND2 1 ? 
ATOM   822  N N   . LEU A 1 117 ? -20.367 7.395   5.062   1.000 74.521  0 117 LEU A N   1 ? 
ATOM   823  C CA  . LEU A 1 117 ? -21.006 6.131   5.526   1.000 72.364  0 117 LEU A CA  1 ? 
ATOM   824  C C   . LEU A 1 117 ? -20.923 6.002   7.055   1.000 77.278  0 117 LEU A C   1 ? 
ATOM   825  O O   . LEU A 1 117 ? -20.997 4.854   7.544   1.000 79.583  0 117 LEU A O   1 ? 
ATOM   826  C CB  . LEU A 1 117 ? -20.295 4.957   4.843   1.000 68.422  0 117 LEU A CB  1 ? 
ATOM   827  C CG  . LEU A 1 117 ? -20.171 5.044   3.322   1.000 69.005  0 117 LEU A CG  1 ? 
ATOM   828  C CD1 . LEU A 1 117 ? -19.357 3.881   2.778   1.000 67.594  0 117 LEU A CD1 1 ? 
ATOM   829  C CD2 . LEU A 1 117 ? -21.541 5.084   2.662   1.000 69.249  0 117 LEU A CD2 1 ? 
ATOM   830  N N   . VAL A 1 118 ? -20.785 7.115   7.789   1.000 80.086  0 118 VAL A N   1 ? 
ATOM   831  C CA  . VAL A 1 118 ? -20.603 7.117   9.273   1.000 78.473  0 118 VAL A CA  1 ? 
ATOM   832  C C   . VAL A 1 118 ? -21.653 8.041   9.907   1.000 74.841  0 118 VAL A C   1 ? 
ATOM   833  O O   . VAL A 1 118 ? -21.419 9.082   10.513  1.000 72.874  0 118 VAL A O   1 ? 
ATOM   834  C CB  . VAL A 1 118 ? -19.156 7.502   9.639   1.000 80.397  0 118 VAL A CB  1 ? 
ATOM   835  C CG1 . VAL A 1 118 ? -18.958 7.647   11.142  1.000 82.967  0 118 VAL A CG1 1 ? 
ATOM   836  C CG2 . VAL A 1 118 ? -18.159 6.501   9.071   1.000 78.450  0 118 VAL A CG2 1 ? 
ATOM   837  N N   . GLY B 2 1   ? -25.279 9.874   8.015   1.000 107.479 0 129 GLY B N   1 ? 
ATOM   838  C CA  . GLY B 2 1   ? -23.841 10.026  8.381   1.000 106.532 0 129 GLY B CA  1 ? 
ATOM   839  C C   . GLY B 2 1   ? -23.295 11.397  8.012   1.000 103.195 0 129 GLY B C   1 ? 
ATOM   840  O O   . GLY B 2 1   ? -23.867 12.044  7.118   1.000 95.129  0 129 GLY B O   1 ? 
ATOM   841  N N   . ASP B 2 2   ? -22.207 11.811  8.669   1.000 105.037 0 130 ASP B N   1 ? 
ATOM   842  C CA  . ASP B 2 2   ? -21.587 13.157  8.521   1.000 99.993  0 130 ASP B CA  1 ? 
ATOM   843  C C   . ASP B 2 2   ? -20.160 13.040  7.959   1.000 91.914  0 130 ASP B C   1 ? 
ATOM   844  O O   . ASP B 2 2   ? -19.555 14.105  7.711   1.000 89.086  0 130 ASP B O   1 ? 
ATOM   845  C CB  . ASP B 2 2   ? -21.627 13.935  9.847   1.000 100.596 0 130 ASP B CB  1 ? 
ATOM   846  C CG  . ASP B 2 2   ? -21.280 13.130  11.095  1.000 104.860 0 130 ASP B CG  1 ? 
ATOM   847  O OD1 . ASP B 2 2   ? -20.324 12.331  11.042  1.000 109.185 0 130 ASP B OD1 1 ? 
ATOM   848  O OD2 . ASP B 2 2   ? -21.972 13.309  12.119  1.000 102.945 0 130 ASP B OD2 1 ? 
ATOM   849  N N   . THR B 2 3   ? -19.633 11.824  7.749   1.000 82.703  0 131 THR B N   1 ? 
ATOM   850  C CA  . THR B 2 3   ? -18.202 11.603  7.389   1.000 78.686  0 131 THR B CA  1 ? 
ATOM   851  C C   . THR B 2 3   ? -17.991 10.258  6.670   1.000 75.965  0 131 THR B C   1 ? 
ATOM   852  O O   . THR B 2 3   ? -18.899 9.403   6.698   1.000 78.100  0 131 THR B O   1 ? 
ATOM   853  C CB  . THR B 2 3   ? -17.311 11.760  8.630   1.000 75.134  0 131 THR B CB  1 ? 
ATOM   854  O OG1 . THR B 2 3   ? -15.990 12.030  8.166   1.000 76.427  0 131 THR B OG1 1 ? 
ATOM   855  C CG2 . THR B 2 3   ? -17.307 10.557  9.548   1.000 72.517  0 131 THR B CG2 1 ? 
ATOM   856  N N   . LYS B 2 4   ? -16.801 10.085  6.080   1.000 76.518  0 132 LYS B N   1 ? 
ATOM   857  C CA  . LYS B 2 4   ? -16.409 8.939   5.210   1.000 76.447  0 132 LYS B CA  1 ? 
ATOM   858  C C   . LYS B 2 4   ? -15.867 7.771   6.040   1.000 72.569  0 132 LYS B C   1 ? 
ATOM   859  O O   . LYS B 2 4   ? -15.289 8.021   7.117   1.000 70.120  0 132 LYS B O   1 ? 
ATOM   860  C CB  . LYS B 2 4   ? -15.323 9.373   4.223   1.000 78.051  0 132 LYS B CB  1 ? 
ATOM   861  C CG  . LYS B 2 4   ? -15.761 10.428  3.222   1.000 84.658  0 132 LYS B CG  1 ? 
ATOM   862  C CD  . LYS B 2 4   ? -14.637 10.896  2.333   1.000 91.651  0 132 LYS B CD  1 ? 
ATOM   863  C CE  . LYS B 2 4   ? -15.130 11.529  1.049   1.000 96.234  0 132 LYS B CE  1 ? 
ATOM   864  N NZ  . LYS B 2 4   ? -14.132 11.399  -0.038  1.000 98.236  0 132 LYS B NZ  1 ? 
ATOM   865  N N   . HIS B 2 5   ? -16.028 6.546   5.525   1.000 69.498  0 133 HIS B N   1 ? 
ATOM   866  C CA  . HIS B 2 5   ? -15.450 5.293   6.081   1.000 67.193  0 133 HIS B CA  1 ? 
ATOM   867  C C   . HIS B 2 5   ? -13.974 5.206   5.673   1.000 66.315  0 133 HIS B C   1 ? 
ATOM   868  O O   . HIS B 2 5   ? -13.705 5.080   4.456   1.000 64.052  0 133 HIS B O   1 ? 
ATOM   869  C CB  . HIS B 2 5   ? -16.263 4.073   5.624   1.000 65.893  0 133 HIS B CB  1 ? 
ATOM   870  C CG  . HIS B 2 5   ? -15.801 2.788   6.225   1.000 65.423  0 133 HIS B CG  1 ? 
ATOM   871  N ND1 . HIS B 2 5   ? -15.734 1.613   5.503   1.000 64.775  0 133 HIS B ND1 1 ? 
ATOM   872  C CD2 . HIS B 2 5   ? -15.364 2.492   7.467   1.000 63.867  0 133 HIS B CD2 1 ? 
ATOM   873  C CE1 . HIS B 2 5   ? -15.282 0.649   6.277   1.000 61.878  0 133 HIS B CE1 1 ? 
ATOM   874  N NE2 . HIS B 2 5   ? -15.050 1.161   7.486   1.000 61.401  0 133 HIS B NE2 1 ? 
ATOM   875  N N   . GLU B 2 6   ? -13.066 5.274   6.656   1.000 65.900  0 134 GLU B N   1 ? 
ATOM   876  C CA  . GLU B 2 6   ? -11.596 5.377   6.457   1.000 66.511  0 134 GLU B CA  1 ? 
ATOM   877  C C   . GLU B 2 6   ? -10.897 4.194   7.133   1.000 65.592  0 134 GLU B C   1 ? 
ATOM   878  O O   . GLU B 2 6   ? -10.796 4.185   8.375   1.000 65.326  0 134 GLU B O   1 ? 
ATOM   879  C CB  . GLU B 2 6   ? -11.062 6.699   7.006   1.000 69.414  0 134 GLU B CB  1 ? 
ATOM   880  C CG  . GLU B 2 6   ? -11.958 7.878   6.684   1.000 76.672  0 134 GLU B CG  1 ? 
ATOM   881  C CD  . GLU B 2 6   ? -11.243 9.210   6.570   1.000 80.655  0 134 GLU B CD  1 ? 
ATOM   882  O OE1 . GLU B 2 6   ? -10.136 9.342   7.142   1.000 81.755  0 134 GLU B OE1 1 ? 
ATOM   883  O OE2 . GLU B 2 6   ? -11.791 10.106  5.893   1.000 85.095  0 134 GLU B OE2 1 ? 
ATOM   884  N N   . VAL B 2 7   ? -10.429 3.243   6.323   1.000 64.639  0 135 VAL B N   1 ? 
ATOM   885  C CA  . VAL B 2 7   ? -9.614  2.067   6.743   1.000 62.846  0 135 VAL B CA  1 ? 
ATOM   886  C C   . VAL B 2 7   ? -8.181  2.310   6.267   1.000 62.382  0 135 VAL B C   1 ? 
ATOM   887  O O   . VAL B 2 7   ? -7.975  2.427   5.047   1.000 62.774  0 135 VAL B O   1 ? 
ATOM   888  C CB  . VAL B 2 7   ? -10.186 0.761   6.159   1.000 64.096  0 135 VAL B CB  1 ? 
ATOM   889  C CG1 . VAL B 2 7   ? -9.501  -0.471  6.734   1.000 60.678  0 135 VAL B CG1 1 ? 
ATOM   890  C CG2 . VAL B 2 7   ? -11.697 0.686   6.337   1.000 63.393  0 135 VAL B CG2 1 ? 
ATOM   891  N N   . ARG B 2 8   ? -7.227  2.390   7.192   1.000 62.726  0 136 ARG B N   1 ? 
ATOM   892  C CA  . ARG B 2 8   ? -5.802  2.621   6.856   1.000 62.902  0 136 ARG B CA  1 ? 
ATOM   893  C C   . ARG B 2 8   ? -4.972  1.432   7.348   1.000 59.539  0 136 ARG B C   1 ? 
ATOM   894  O O   . ARG B 2 8   ? -5.314  0.849   8.382   1.000 57.497  0 136 ARG B O   1 ? 
ATOM   895  C CB  . ARG B 2 8   ? -5.324  3.977   7.389   1.000 67.323  0 136 ARG B CB  1 ? 
ATOM   896  C CG  . ARG B 2 8   ? -5.749  4.310   8.810   1.000 70.368  0 136 ARG B CG  1 ? 
ATOM   897  C CD  . ARG B 2 8   ? -5.499  5.769   9.140   1.000 72.764  0 136 ARG B CD  1 ? 
ATOM   898  N NE  . ARG B 2 8   ? -6.600  6.608   8.686   1.000 81.920  0 136 ARG B NE  1 ? 
ATOM   899  C CZ  . ARG B 2 8   ? -6.512  7.614   7.813   1.000 86.433  0 136 ARG B CZ  1 ? 
ATOM   900  N NH1 . ARG B 2 8   ? -5.350  7.957   7.277   1.000 82.505  0 136 ARG B NH1 1 ? 
ATOM   901  N NH2 . ARG B 2 8   ? -7.605  8.289   7.489   1.000 86.717  0 136 ARG B NH2 1 ? 
ATOM   902  N N   . HIS B 2 9   ? -3.974  1.039   6.558   1.000 58.230  0 137 HIS B N   1 ? 
ATOM   903  C CA  . HIS B 2 9   ? -2.856  0.157   6.961   1.000 55.900  0 137 HIS B CA  1 ? 
ATOM   904  C C   . HIS B 2 9   ? -1.560  0.931   6.735   1.000 57.222  0 137 HIS B C   1 ? 
ATOM   905  O O   . HIS B 2 9   ? -1.097  1.004   5.578   1.000 59.865  0 137 HIS B O   1 ? 
ATOM   906  C CB  . HIS B 2 9   ? -2.878  -1.175  6.208   1.000 57.642  0 137 HIS B CB  1 ? 
ATOM   907  C CG  . HIS B 2 9   ? -1.779  -2.085  6.635   1.000 55.980  0 137 HIS B CG  1 ? 
ATOM   908  N ND1 . HIS B 2 9   ? -1.907  -2.937  7.708   1.000 57.895  0 137 HIS B ND1 1 ? 
ATOM   909  C CD2 . HIS B 2 9   ? -0.523  -2.244  6.172   1.000 56.692  0 137 HIS B CD2 1 ? 
ATOM   910  C CE1 . HIS B 2 9   ? -0.780  -3.595  7.878   1.000 58.054  0 137 HIS B CE1 1 ? 
ATOM   911  N NE2 . HIS B 2 9   ? 0.082   -3.188  6.950   1.000 56.463  0 137 HIS B NE2 1 ? 
ATOM   912  N N   . GLU B 2 10  ? -1.033  1.518   7.806   1.000 56.683  0 138 GLU B N   1 ? 
ATOM   913  C CA  . GLU B 2 10  ? 0.168   2.381   7.780   1.000 57.492  0 138 GLU B CA  1 ? 
ATOM   914  C C   . GLU B 2 10  ? 1.138   1.870   8.836   1.000 54.745  0 138 GLU B C   1 ? 
ATOM   915  O O   . GLU B 2 10  ? 1.281   2.541   9.866   1.000 55.235  0 138 GLU B O   1 ? 
ATOM   916  C CB  . GLU B 2 10  ? -0.223  3.831   8.058   1.000 61.703  0 138 GLU B CB  1 ? 
ATOM   917  C CG  . GLU B 2 10  ? -1.246  4.382   7.085   1.000 61.722  0 138 GLU B CG  1 ? 
ATOM   918  C CD  . GLU B 2 10  ? -1.774  5.740   7.494   1.000 61.164  0 138 GLU B CD  1 ? 
ATOM   919  O OE1 . GLU B 2 10  ? -2.200  5.875   8.653   1.000 64.377  0 138 GLU B OE1 1 ? 
ATOM   920  O OE2 . GLU B 2 10  ? -1.736  6.657   6.662   1.000 62.935  0 138 GLU B OE2 1 ? 
ATOM   921  N N   . ASN B 2 11  ? 1.745   0.709   8.585   1.000 53.774  0 139 ASN B N   1 ? 
ATOM   922  C CA  . ASN B 2 11  ? 2.691   0.054   9.523   1.000 55.803  0 139 ASN B CA  1 ? 
ATOM   923  C C   . ASN B 2 11  ? 4.081   0.069   8.898   1.000 57.268  0 139 ASN B C   1 ? 
ATOM   924  O O   . ASN B 2 11  ? 4.369   -0.721  7.997   1.000 56.696  0 139 ASN B O   1 ? 
ATOM   925  C CB  . ASN B 2 11  ? 2.241   -1.359  9.891   1.000 56.409  0 139 ASN B CB  1 ? 
ATOM   926  C CG  . ASN B 2 11  ? 3.190   -2.039  10.852  1.000 57.582  0 139 ASN B CG  1 ? 
ATOM   927  O OD1 . ASN B 2 11  ? 4.269   -1.526  11.142  1.000 55.152  0 139 ASN B OD1 1 ? 
ATOM   928  N ND2 . ASN B 2 11  ? 2.788   -3.194  11.350  1.000 59.407  0 139 ASN B ND2 1 ? 
ATOM   929  N N   . PRO B 2 12  ? 4.985   0.963   9.367   1.000 60.025  0 140 PRO B N   1 ? 
ATOM   930  C CA  . PRO B 2 12  ? 6.325   1.077   8.789   1.000 59.114  0 140 PRO B CA  1 ? 
ATOM   931  C C   . PRO B 2 12  ? 7.231   -0.149  8.992   1.000 58.164  0 140 PRO B C   1 ? 
ATOM   932  O O   . PRO B 2 12  ? 8.265   -0.174  8.363   1.000 58.335  0 140 PRO B O   1 ? 
ATOM   933  C CB  . PRO B 2 12  ? 6.938   2.303   9.487   1.000 59.960  0 140 PRO B CB  1 ? 
ATOM   934  C CG  . PRO B 2 12  ? 6.134   2.473   10.763  1.000 59.780  0 140 PRO B CG  1 ? 
ATOM   935  C CD  . PRO B 2 12  ? 4.755   1.934   10.451  1.000 59.413  0 140 PRO B CD  1 ? 
ATOM   936  N N   . GLN B 2 13  ? 6.826   -1.117  9.829   1.000 58.698  0 141 GLN B N   1 ? 
ATOM   937  C CA  . GLN B 2 13  ? 7.597   -2.353  10.142  1.000 57.198  0 141 GLN B CA  1 ? 
ATOM   938  C C   . GLN B 2 13  ? 6.941   -3.584  9.510   1.000 56.594  0 141 GLN B C   1 ? 
ATOM   939  O O   . GLN B 2 13  ? 7.433   -4.701  9.754   1.000 59.094  0 141 GLN B O   1 ? 
ATOM   940  C CB  . GLN B 2 13  ? 7.713   -2.564  11.653  1.000 61.347  0 141 GLN B CB  1 ? 
ATOM   941  C CG  . GLN B 2 13  ? 8.986   -1.979  12.243  1.000 65.524  0 141 GLN B CG  1 ? 
ATOM   942  C CD  . GLN B 2 13  ? 8.851   -0.495  12.468  1.000 70.270  0 141 GLN B CD  1 ? 
ATOM   943  O OE1 . GLN B 2 13  ? 7.959   -0.035  13.182  1.000 76.346  0 141 GLN B OE1 1 ? 
ATOM   944  N NE2 . GLN B 2 13  ? 9.734   0.269   11.845  1.000 71.887  0 141 GLN B NE2 1 ? 
ATOM   945  N N   . ASP B 2 14  ? 5.882   -3.410  8.725   1.000 56.642  0 142 ASP B N   1 ? 
ATOM   946  C CA  . ASP B 2 14  ? 5.227   -4.552  8.041   1.000 56.320  0 142 ASP B CA  1 ? 
ATOM   947  C C   . ASP B 2 14  ? 6.191   -5.056  6.960   1.000 58.185  0 142 ASP B C   1 ? 
ATOM   948  O O   . ASP B 2 14  ? 6.440   -4.314  5.987   1.000 58.464  0 142 ASP B O   1 ? 
ATOM   949  C CB  . ASP B 2 14  ? 3.848   -4.160  7.513   1.000 56.405  0 142 ASP B CB  1 ? 
ATOM   950  C CG  . ASP B 2 14  ? 3.046   -5.334  6.989   1.000 56.465  0 142 ASP B CG  1 ? 
ATOM   951  O OD1 . ASP B 2 14  ? 3.649   -6.397  6.738   1.000 54.960  0 142 ASP B OD1 1 ? 
ATOM   952  O OD2 . ASP B 2 14  ? 1.827   -5.174  6.833   1.000 60.428  0 142 ASP B OD2 1 ? 
ATOM   953  N N   . GLU B 2 15  ? 6.746   -6.253  7.161   1.000 59.664  0 143 GLU B N   1 ? 
ATOM   954  C CA  . GLU B 2 15  ? 7.730   -6.895  6.250   1.000 60.460  0 143 GLU B CA  1 ? 
ATOM   955  C C   . GLU B 2 15  ? 7.085   -7.117  4.881   1.000 56.344  0 143 GLU B C   1 ? 
ATOM   956  O O   . GLU B 2 15  ? 7.787   -6.970  3.871   1.000 58.086  0 143 GLU B O   1 ? 
ATOM   957  C CB  . GLU B 2 15  ? 8.208   -8.233  6.814   1.000 65.337  0 143 GLU B CB  1 ? 
ATOM   958  C CG  . GLU B 2 15  ? 9.242   -8.095  7.906   1.000 70.964  0 143 GLU B CG  1 ? 
ATOM   959  C CD  . GLU B 2 15  ? 10.628  -7.777  7.383   1.000 76.826  0 143 GLU B CD  1 ? 
ATOM   960  O OE1 . GLU B 2 15  ? 10.858  -6.617  6.995   1.000 78.236  0 143 GLU B OE1 1 ? 
ATOM   961  O OE2 . GLU B 2 15  ? 11.466  -8.699  7.348   1.000 90.092  0 143 GLU B OE2 1 ? 
ATOM   962  N N   . ALA B 2 16  ? 5.803   -7.476  4.861   1.000 56.285  0 144 ALA B N   1 ? 
ATOM   963  C CA  . ALA B 2 16  ? 5.032   -7.770  3.631   1.000 57.769  0 144 ALA B CA  1 ? 
ATOM   964  C C   . ALA B 2 16  ? 4.997   -6.520  2.744   1.000 58.847  0 144 ALA B C   1 ? 
ATOM   965  O O   . ALA B 2 16  ? 4.955   -6.671  1.504   1.000 63.796  0 144 ALA B O   1 ? 
ATOM   966  C CB  . ALA B 2 16  ? 3.641   -8.244  3.987   1.000 56.006  0 144 ALA B CB  1 ? 
ATOM   967  N N   . GLN B 2 17  ? 5.032   -5.335  3.365   1.000 56.329  0 145 GLN B N   1 ? 
ATOM   968  C CA  . GLN B 2 17  ? 4.921   -4.018  2.689   1.000 57.367  0 145 GLN B CA  1 ? 
ATOM   969  C C   . GLN B 2 17  ? 6.307   -3.420  2.427   1.000 56.692  0 145 GLN B C   1 ? 
ATOM   970  O O   . GLN B 2 17  ? 6.347   -2.289  1.907   1.000 55.343  0 145 GLN B O   1 ? 
ATOM   971  C CB  . GLN B 2 17  ? 4.120   -3.046  3.559   1.000 60.095  0 145 GLN B CB  1 ? 
ATOM   972  C CG  . GLN B 2 17  ? 2.690   -3.490  3.819   1.000 59.868  0 145 GLN B CG  1 ? 
ATOM   973  C CD  . GLN B 2 17  ? 1.847   -3.545  2.589   1.000 58.915  0 145 GLN B CD  1 ? 
ATOM   974  O OE1 . GLN B 2 17  ? 2.302   -3.530  1.465   1.000 60.588  0 145 GLN B OE1 1 ? 
ATOM   975  N N   . THR B 2 18  ? 7.383   -4.142  2.762   1.000 56.399  0 146 THR B N   1 ? 
ATOM   976  C CA  . THR B 2 18  ? 8.773   -3.607  2.821   1.000 55.002  0 146 THR B CA  1 ? 
ATOM   977  C C   . THR B 2 18  ? 9.579   -4.047  1.591   1.000 54.427  0 146 THR B C   1 ? 
ATOM   978  O O   . THR B 2 18  ? 9.435   -5.210  1.164   1.000 54.905  0 146 THR B O   1 ? 
ATOM   979  C CB  . THR B 2 18  ? 9.464   -4.026  4.122   1.000 54.756  0 146 THR B CB  1 ? 
ATOM   980  O OG1 . THR B 2 18  ? 8.756   -3.387  5.184   1.000 57.253  0 146 THR B OG1 1 ? 
ATOM   981  C CG2 . THR B 2 18  ? 10.927  -3.646  4.175   1.000 56.309  0 146 THR B CG2 1 ? 
ATOM   982  N N   . ILE B 2 19  ? 10.389  -3.130  1.053   1.000 55.713  0 147 ILE B N   1 ? 
ATOM   983  C CA  . ILE B 2 19  ? 11.474  -3.410  0.065   1.000 56.255  0 147 ILE B CA  1 ? 
ATOM   984  C C   . ILE B 2 19  ? 12.811  -3.059  0.726   1.000 55.326  0 147 ILE B C   1 ? 
ATOM   985  O O   . ILE B 2 19  ? 12.937  -1.928  1.243   1.000 52.600  0 147 ILE B O   1 ? 
ATOM   986  C CB  . ILE B 2 19  ? 11.273  -2.624  -1.245  1.000 58.195  0 147 ILE B CB  1 ? 
ATOM   987  C CG1 . ILE B 2 19  ? 9.903   -2.887  -1.879  1.000 58.903  0 147 ILE B CG1 1 ? 
ATOM   988  C CG2 . ILE B 2 19  ? 12.404  -2.921  -2.219  1.000 58.562  0 147 ILE B CG2 1 ? 
ATOM   989  C CD1 . ILE B 2 19  ? 9.424   -1.772  -2.783  1.000 57.532  0 147 ILE B CD1 1 ? 
ATOM   990  N N   . VAL B 2 20  ? 13.754  -4.004  0.718   1.000 55.589  0 148 VAL B N   1 ? 
ATOM   991  C CA  . VAL B 2 20  ? 15.144  -3.830  1.229   1.000 56.267  0 148 VAL B CA  1 ? 
ATOM   992  C C   . VAL B 2 20  ? 16.088  -3.865  0.027   1.000 55.260  0 148 VAL B C   1 ? 
ATOM   993  O O   . VAL B 2 20  ? 16.012  -4.834  -0.747  1.000 57.324  0 148 VAL B O   1 ? 
ATOM   994  C CB  . VAL B 2 20  ? 15.512  -4.907  2.270   1.000 59.077  0 148 VAL B CB  1 ? 
ATOM   995  C CG1 . VAL B 2 20  ? 16.893  -4.673  2.859   1.000 61.785  0 148 VAL B CG1 1 ? 
ATOM   996  C CG2 . VAL B 2 20  ? 14.483  -4.996  3.385   1.000 60.947  0 148 VAL B CG2 1 ? 
ATOM   997  N N   . VAL B 2 21  ? 16.927  -2.840  -0.128  1.000 54.977  0 149 VAL B N   1 ? 
ATOM   998  C CA  . VAL B 2 21  ? 17.950  -2.749  -1.212  1.000 57.072  0 149 VAL B CA  1 ? 
ATOM   999  C C   . VAL B 2 21  ? 19.333  -3.021  -0.604  1.000 56.080  0 149 VAL B C   1 ? 
ATOM   1000 O O   . VAL B 2 21  ? 19.665  -2.403  0.413   1.000 55.701  0 149 VAL B O   1 ? 
ATOM   1001 C CB  . VAL B 2 21  ? 17.899  -1.386  -1.928  1.000 56.708  0 149 VAL B CB  1 ? 
ATOM   1002 C CG1 . VAL B 2 21  ? 18.741  -1.396  -3.190  1.000 58.677  0 149 VAL B CG1 1 ? 
ATOM   1003 C CG2 . VAL B 2 21  ? 16.473  -0.963  -2.248  1.000 56.437  0 149 VAL B CG2 1 ? 
ATOM   1004 N N   . ASN B 2 22  ? 20.104  -3.908  -1.233  1.000 58.733  0 150 ASN B N   1 ? 
ATOM   1005 C CA  . ASN B 2 22  ? 21.450  -4.355  -0.790  1.000 59.727  0 150 ASN B CA  1 ? 
ATOM   1006 C C   . ASN B 2 22  ? 22.499  -3.310  -1.193  1.000 63.715  0 150 ASN B C   1 ? 
ATOM   1007 O O   . ASN B 2 22  ? 22.101  -2.265  -1.751  1.000 62.588  0 150 ASN B O   1 ? 
ATOM   1008 C CB  . ASN B 2 22  ? 21.795  -5.724  -1.385  1.000 60.505  0 150 ASN B CB  1 ? 
ATOM   1009 C CG  . ASN B 2 22  ? 20.965  -6.856  -0.824  1.000 59.723  0 150 ASN B CG  1 ? 
ATOM   1010 O OD1 . ASN B 2 22  ? 20.503  -6.793  0.310   1.000 65.703  0 150 ASN B OD1 1 ? 
ATOM   1011 N ND2 . ASN B 2 22  ? 20.788  -7.906  -1.607  1.000 60.192  0 150 ASN B ND2 1 ? 
ATOM   1012 N N   . LYS B 2 23  ? 23.780  -3.624  -0.938  1.000 68.362  0 151 LYS B N   1 ? 
ATOM   1013 C CA  . LYS B 2 23  ? 24.991  -2.798  -1.213  1.000 70.897  0 151 LYS B CA  1 ? 
ATOM   1014 C C   . LYS B 2 23  ? 24.929  -1.545  -0.336  1.000 73.368  0 151 LYS B C   1 ? 
ATOM   1015 O O   . LYS B 2 23  ? 24.895  -1.725  0.881   1.000 70.316  0 151 LYS B O   1 ? 
ATOM   1016 C CB  . LYS B 2 23  ? 25.130  -2.449  -2.699  1.000 67.794  0 151 LYS B CB  1 ? 
HETATM 1017 O O   . HOH C 3 .   ? 5.295   -4.392  -10.105 1.000 53.106  0 201 HOH A O   1 ? 
HETATM 1018 O O   . HOH C 3 .   ? 17.389  -7.507  -7.580  1.000 53.777  0 202 HOH A O   1 ? 
HETATM 1019 O O   . HOH C 3 .   ? -1.365  5.959   1.505   1.000 50.068  0 203 HOH A O   1 ? 
HETATM 1020 O O   . HOH C 3 .   ? 5.252   7.067   8.908   1.000 53.850  0 204 HOH A O   1 ? 
HETATM 1021 O O   . HOH C 3 .   ? 9.188   3.413   12.256  1.000 66.766  0 205 HOH A O   1 ? 
HETATM 1022 O O   . HOH C 3 .   ? 7.246   1.991   -8.826  1.000 60.593  0 206 HOH A O   1 ? 
HETATM 1023 O O   . HOH C 3 .   ? 19.162  4.626   7.145   1.000 49.097  0 207 HOH A O   1 ? 
HETATM 1024 O O   . HOH D 3 .   ? 4.878   -1.245  13.661  1.000 54.440  0 201 HOH B O   1 ? 
HETATM 1025 O O   . HOH D 3 .   ? 2.656   -0.840  5.964   1.000 44.772  0 202 HOH B O   1 ? 
HETATM 1026 O O   . HOH D 3 .   ? 6.571   -8.299  0.101   1.000 56.501  0 203 HOH B O   1 ? 
# 
